data_9WJU
#
_entry.id   9WJU
#
_cell.length_a   1.00
_cell.length_b   1.00
_cell.length_c   1.00
_cell.angle_alpha   90.00
_cell.angle_beta   90.00
_cell.angle_gamma   90.00
#
_symmetry.space_group_name_H-M   'P 1'
#
loop_
_entity.id
_entity.type
_entity.pdbx_description
1 polymer 'Mannose/fructose/sorbose family PTS transporter subunit IIC'
2 polymer 'PTS mannose transporter subunit IID'
3 polymer 'Prepeptide GarQ'
4 non-polymer alpha-D-mannopyranose
#
loop_
_entity_poly.entity_id
_entity_poly.type
_entity_poly.pdbx_seq_one_letter_code
_entity_poly.pdbx_strand_id
1 'polypeptide(L)'
;MSIISIILVLIFAFLAGLEGILDQWQFHQPIIACSLIGIATGHMAAGIILGGSLQMIALGWANVGAAVAPDAALASVASA
ILMVQGGNFDLTHITGVIVPAAILLATAGLVLTTLVRFLSVGIVHLADAAAEKGSYSGVAGWHMFALLLQGLRIAIPAAI
ILAIPAETVTAALNAIPDWVSKGLAVGGGMVVVVGYAMVINLMATKELWPFFFLGFVLAPLSSITLIGMGILGVVIALIY
LNLSNTAGNGGTASSSGDPIGDILNDY
;
Y,F,S
2 'polypeptide(L)'
;MENTNKKFSLSKNTRLSVMFRSMFLQGSWNYERMQNLGFLYSIIPALKQFYKPGSEEAKEALKRHMEFFNTHPYVAAPIV
GVTLALEEEIANGVEIDEAAIQGVKVGMMGPLAGIGDPVFWFTVRPIVGAIAASLATGGSIIAPIFFFVVWNAIRIAFLW
YTQEFGYKQGTAITSDLGGGMLQQITKGASILGMFILGVLIQRWVNISFTGPNAMLPSKPLADGAYVGEWIDKAGKVVVQ
GAQTGTTGDGVAKFDWLDQAGNGVGNGVAGQGGFAHYVTVDQLNTVDGSTLHNILGQVSSGLGLSPEQTQSLQDVFNSLI
PGFIALLLTFLVLWILRKWKNKNAPLFIIIGMFVLGIVLHVAGLA
;
Z,G,T
3 'polypeptide(L)' HEYHLMNGANGYLTRVNGKYVYRVTKDPVSAVFGVISNGWGSAGAGFGPQH A
#
# COMPACT_ATOMS: atom_id res chain seq x y z
N MET A 1 -54.80 -24.18 13.38
CA MET A 1 -55.71 -23.21 12.76
C MET A 1 -56.56 -23.88 11.70
N SER A 2 -56.98 -23.09 10.70
CA SER A 2 -57.81 -23.62 9.63
C SER A 2 -57.05 -24.69 8.85
N ILE A 3 -57.79 -25.74 8.44
CA ILE A 3 -57.17 -26.82 7.69
C ILE A 3 -56.62 -26.31 6.37
N ILE A 4 -57.41 -25.49 5.67
CA ILE A 4 -56.96 -24.93 4.40
C ILE A 4 -55.73 -24.06 4.63
N SER A 5 -55.71 -23.29 5.72
CA SER A 5 -54.54 -22.48 6.04
C SER A 5 -53.31 -23.36 6.26
N ILE A 6 -53.48 -24.48 6.96
CA ILE A 6 -52.36 -25.37 7.22
C ILE A 6 -51.82 -25.95 5.92
N ILE A 7 -52.71 -26.41 5.04
CA ILE A 7 -52.28 -26.96 3.76
C ILE A 7 -51.56 -25.90 2.94
N LEU A 8 -52.10 -24.68 2.92
CA LEU A 8 -51.46 -23.59 2.20
C LEU A 8 -50.07 -23.32 2.73
N VAL A 9 -49.92 -23.28 4.06
CA VAL A 9 -48.62 -23.00 4.66
C VAL A 9 -47.63 -24.09 4.30
N LEU A 10 -48.06 -25.35 4.38
CA LEU A 10 -47.14 -26.44 4.07
C LEU A 10 -46.71 -26.42 2.60
N ILE A 11 -47.65 -26.15 1.69
CA ILE A 11 -47.30 -26.10 0.26
C ILE A 11 -46.37 -24.92 -0.01
N PHE A 12 -46.64 -23.78 0.63
CA PHE A 12 -45.80 -22.60 0.45
C PHE A 12 -44.39 -22.86 0.96
N ALA A 13 -44.28 -23.54 2.11
CA ALA A 13 -42.96 -23.92 2.61
C ALA A 13 -42.28 -24.91 1.68
N PHE A 14 -43.05 -25.81 1.05
CA PHE A 14 -42.45 -26.71 0.08
C PHE A 14 -41.85 -25.95 -1.10
N LEU A 15 -42.59 -24.95 -1.60
CA LEU A 15 -42.06 -24.13 -2.68
C LEU A 15 -40.82 -23.36 -2.23
N ALA A 16 -40.85 -22.83 -1.00
CA ALA A 16 -39.69 -22.11 -0.48
C ALA A 16 -38.49 -23.03 -0.36
N GLY A 17 -38.71 -24.28 0.06
CA GLY A 17 -37.63 -25.24 0.09
C GLY A 17 -37.09 -25.55 -1.28
N LEU A 18 -37.97 -25.65 -2.27
CA LEU A 18 -37.51 -25.86 -3.64
C LEU A 18 -36.63 -24.72 -4.12
N GLU A 19 -37.04 -23.49 -3.83
CA GLU A 19 -36.33 -22.35 -4.39
C GLU A 19 -35.25 -21.79 -3.47
N GLY A 20 -35.04 -22.41 -2.31
CA GLY A 20 -33.81 -22.13 -1.58
C GLY A 20 -32.59 -22.66 -2.29
N ILE A 21 -32.77 -23.60 -3.21
CA ILE A 21 -31.69 -24.12 -4.04
C ILE A 21 -31.89 -23.78 -5.51
N LEU A 22 -33.15 -23.81 -5.98
CA LEU A 22 -33.41 -23.40 -7.36
C LEU A 22 -33.01 -21.95 -7.57
N ASP A 23 -33.38 -21.06 -6.64
CA ASP A 23 -32.93 -19.68 -6.63
C ASP A 23 -33.22 -18.97 -7.95
N GLN A 24 -34.40 -19.19 -8.51
CA GLN A 24 -34.75 -18.57 -9.78
C GLN A 24 -35.92 -17.59 -9.65
N TRP A 25 -37.09 -18.03 -9.18
CA TRP A 25 -38.17 -17.08 -8.96
C TRP A 25 -38.04 -16.35 -7.62
N GLN A 26 -37.00 -16.67 -6.85
CA GLN A 26 -36.78 -16.10 -5.52
C GLN A 26 -37.97 -16.36 -4.60
N PHE A 27 -38.57 -17.55 -4.73
CA PHE A 27 -39.68 -17.91 -3.85
C PHE A 27 -39.23 -18.01 -2.39
N HIS A 28 -37.97 -18.38 -2.17
CA HIS A 28 -37.47 -18.61 -0.82
C HIS A 28 -37.02 -17.34 -0.12
N GLN A 29 -36.82 -16.24 -0.84
CA GLN A 29 -36.30 -15.04 -0.22
C GLN A 29 -37.29 -14.52 0.83
N PRO A 30 -36.79 -13.99 1.95
CA PRO A 30 -37.69 -13.63 3.05
C PRO A 30 -38.76 -12.61 2.67
N ILE A 31 -38.43 -11.65 1.80
CA ILE A 31 -39.36 -10.56 1.50
C ILE A 31 -40.66 -11.12 0.93
N ILE A 32 -40.56 -12.16 0.11
CA ILE A 32 -41.76 -12.77 -0.45
C ILE A 32 -42.24 -13.94 0.41
N ALA A 33 -41.33 -14.74 0.97
CA ALA A 33 -41.74 -15.94 1.69
C ALA A 33 -42.50 -15.59 2.96
N CYS A 34 -41.94 -14.70 3.79
CA CYS A 34 -42.63 -14.32 5.03
C CYS A 34 -43.95 -13.62 4.72
N SER A 35 -43.94 -12.72 3.74
CA SER A 35 -45.16 -12.01 3.36
C SER A 35 -46.23 -12.99 2.87
N LEU A 36 -45.83 -14.01 2.11
CA LEU A 36 -46.80 -14.91 1.53
C LEU A 36 -47.32 -15.89 2.58
N ILE A 37 -46.48 -16.31 3.52
CA ILE A 37 -46.97 -17.09 4.66
C ILE A 37 -47.96 -16.27 5.48
N GLY A 38 -47.67 -14.99 5.67
CA GLY A 38 -48.65 -14.11 6.28
C GLY A 38 -49.93 -13.99 5.46
N ILE A 39 -49.80 -14.04 4.13
CA ILE A 39 -50.97 -14.06 3.27
C ILE A 39 -51.85 -15.26 3.59
N ALA A 40 -51.23 -16.44 3.74
CA ALA A 40 -52.02 -17.63 4.02
C ALA A 40 -52.71 -17.51 5.38
N THR A 41 -51.97 -17.09 6.40
CA THR A 41 -52.47 -17.09 7.78
C THR A 41 -53.01 -15.72 8.17
N GLY A 42 -54.06 -15.29 7.47
CA GLY A 42 -54.76 -14.09 7.88
C GLY A 42 -53.93 -12.83 7.77
N HIS A 43 -53.46 -12.34 8.92
CA HIS A 43 -52.77 -11.06 9.03
C HIS A 43 -51.69 -10.89 7.98
N MET A 44 -51.80 -9.81 7.21
CA MET A 44 -50.88 -9.49 6.12
C MET A 44 -49.67 -8.72 6.63
N ALA A 45 -49.91 -7.77 7.53
CA ALA A 45 -48.86 -6.84 7.96
C ALA A 45 -47.72 -7.58 8.67
N ALA A 46 -48.04 -8.60 9.47
CA ALA A 46 -46.99 -9.34 10.16
C ALA A 46 -46.01 -9.95 9.17
N GLY A 47 -46.52 -10.66 8.17
CA GLY A 47 -45.66 -11.26 7.18
C GLY A 47 -44.91 -10.23 6.37
N ILE A 48 -45.59 -9.15 6.00
CA ILE A 48 -44.93 -8.09 5.21
C ILE A 48 -43.76 -7.50 5.97
N ILE A 49 -43.98 -7.14 7.24
CA ILE A 49 -42.93 -6.50 8.02
C ILE A 49 -41.80 -7.47 8.31
N LEU A 50 -42.12 -8.73 8.61
CA LEU A 50 -41.06 -9.70 8.85
C LEU A 50 -40.20 -9.89 7.60
N GLY A 51 -40.83 -10.03 6.43
CA GLY A 51 -40.08 -10.15 5.20
C GLY A 51 -39.23 -8.91 4.93
N GLY A 52 -39.79 -7.73 5.18
CA GLY A 52 -39.06 -6.51 4.94
C GLY A 52 -37.85 -6.35 5.85
N SER A 53 -38.01 -6.70 7.12
CA SER A 53 -36.90 -6.57 8.07
C SER A 53 -35.91 -7.72 7.96
N LEU A 54 -36.29 -8.82 7.31
CA LEU A 54 -35.35 -9.91 7.10
C LEU A 54 -34.62 -9.82 5.77
N GLN A 55 -35.21 -9.18 4.77
CA GLN A 55 -34.53 -9.02 3.49
C GLN A 55 -33.28 -8.16 3.65
N MET A 56 -33.28 -7.23 4.60
CA MET A 56 -32.08 -6.43 4.86
C MET A 56 -30.92 -7.34 5.27
N ILE A 57 -31.18 -8.31 6.14
CA ILE A 57 -30.15 -9.24 6.56
C ILE A 57 -29.79 -10.17 5.41
N ALA A 58 -30.78 -10.58 4.62
CA ALA A 58 -30.58 -11.63 3.64
C ALA A 58 -29.77 -11.19 2.43
N LEU A 59 -29.40 -9.92 2.32
CA LEU A 59 -28.63 -9.47 1.18
C LEU A 59 -27.25 -10.11 1.19
N GLY A 60 -26.77 -10.49 0.01
CA GLY A 60 -25.47 -11.12 -0.08
C GLY A 60 -25.40 -12.49 0.54
N TRP A 61 -26.54 -13.15 0.72
CA TRP A 61 -26.61 -14.50 1.27
C TRP A 61 -26.72 -15.53 0.16
N ALA A 62 -26.06 -15.29 -0.96
CA ALA A 62 -26.10 -16.19 -2.10
C ALA A 62 -24.89 -17.11 -2.06
N ASN A 63 -25.14 -18.41 -2.15
CA ASN A 63 -24.06 -19.38 -2.17
C ASN A 63 -23.28 -19.25 -3.48
N VAL A 64 -21.96 -19.13 -3.37
CA VAL A 64 -21.09 -18.91 -4.53
C VAL A 64 -19.96 -19.93 -4.49
N GLY A 65 -19.81 -20.68 -5.58
CA GLY A 65 -18.70 -21.61 -5.72
C GLY A 65 -18.63 -22.67 -4.65
N ALA A 66 -19.78 -23.29 -4.36
CA ALA A 66 -19.97 -24.32 -3.34
C ALA A 66 -19.83 -23.79 -1.92
N ALA A 67 -19.62 -22.48 -1.73
CA ALA A 67 -19.63 -21.88 -0.41
C ALA A 67 -21.10 -21.71 -0.01
N VAL A 68 -21.61 -22.70 0.73
CA VAL A 68 -23.03 -22.79 1.00
C VAL A 68 -23.55 -21.54 1.71
N ALA A 69 -24.76 -21.15 1.35
CA ALA A 69 -25.39 -19.94 1.85
C ALA A 69 -26.09 -20.18 3.18
N PRO A 70 -26.31 -19.13 3.96
CA PRO A 70 -26.97 -19.29 5.26
C PRO A 70 -28.42 -19.77 5.18
N ASP A 71 -28.91 -20.09 3.98
CA ASP A 71 -30.20 -20.76 3.79
C ASP A 71 -31.33 -19.91 4.38
N ALA A 72 -31.57 -18.78 3.72
CA ALA A 72 -32.64 -17.88 4.16
C ALA A 72 -34.02 -18.51 4.06
N ALA A 73 -34.16 -19.62 3.32
CA ALA A 73 -35.48 -20.22 3.14
C ALA A 73 -36.07 -20.70 4.45
N LEU A 74 -35.31 -21.53 5.19
CA LEU A 74 -35.84 -22.03 6.45
C LEU A 74 -35.92 -20.92 7.48
N ALA A 75 -34.97 -19.99 7.46
CA ALA A 75 -35.06 -18.84 8.35
C ALA A 75 -36.40 -18.14 8.17
N SER A 76 -36.74 -17.79 6.93
CA SER A 76 -37.99 -17.10 6.66
C SER A 76 -39.20 -17.94 7.06
N VAL A 77 -39.23 -19.20 6.64
CA VAL A 77 -40.40 -20.04 6.89
C VAL A 77 -40.61 -20.23 8.38
N ALA A 78 -39.56 -20.60 9.11
CA ALA A 78 -39.69 -20.88 10.53
C ALA A 78 -39.98 -19.61 11.33
N SER A 79 -39.34 -18.49 10.96
CA SER A 79 -39.64 -17.24 11.66
C SER A 79 -41.08 -16.83 11.45
N ALA A 80 -41.60 -16.97 10.22
CA ALA A 80 -42.99 -16.64 9.97
C ALA A 80 -43.93 -17.55 10.73
N ILE A 81 -43.61 -18.84 10.80
CA ILE A 81 -44.45 -19.78 11.52
C ILE A 81 -44.47 -19.46 13.01
N LEU A 82 -43.30 -19.15 13.58
CA LEU A 82 -43.25 -18.76 14.98
C LEU A 82 -44.02 -17.47 15.22
N MET A 83 -43.89 -16.50 14.32
CA MET A 83 -44.57 -15.23 14.49
C MET A 83 -46.08 -15.40 14.45
N VAL A 84 -46.59 -16.22 13.53
CA VAL A 84 -48.03 -16.43 13.49
C VAL A 84 -48.48 -17.25 14.71
N GLN A 85 -47.65 -18.17 15.19
CA GLN A 85 -48.04 -18.96 16.36
C GLN A 85 -48.19 -18.09 17.59
N GLY A 86 -47.31 -17.13 17.79
CA GLY A 86 -47.41 -16.24 18.92
C GLY A 86 -48.15 -14.95 18.59
N GLY A 87 -49.28 -14.72 19.24
CA GLY A 87 -50.12 -13.59 18.89
C GLY A 87 -49.55 -12.24 19.28
N ASN A 88 -48.37 -11.91 18.75
CA ASN A 88 -47.71 -10.64 19.06
C ASN A 88 -46.99 -10.13 17.82
N PHE A 89 -47.39 -8.96 17.34
CA PHE A 89 -46.80 -8.35 16.15
C PHE A 89 -46.61 -6.85 16.35
N ASP A 90 -46.09 -6.47 17.51
CA ASP A 90 -45.93 -5.04 17.81
C ASP A 90 -44.68 -4.43 17.20
N LEU A 91 -44.04 -5.10 16.25
CA LEU A 91 -42.87 -4.63 15.52
C LEU A 91 -41.66 -4.57 16.45
N THR A 92 -41.87 -4.83 17.73
CA THR A 92 -40.80 -5.00 18.70
C THR A 92 -40.52 -6.45 19.01
N HIS A 93 -41.57 -7.26 19.18
CA HIS A 93 -41.39 -8.70 19.27
C HIS A 93 -40.88 -9.27 17.97
N ILE A 94 -41.21 -8.63 16.84
CA ILE A 94 -40.74 -9.10 15.54
C ILE A 94 -39.22 -8.96 15.45
N THR A 95 -38.70 -7.78 15.79
CA THR A 95 -37.27 -7.55 15.67
C THR A 95 -36.49 -8.13 16.84
N GLY A 96 -37.02 -7.99 18.06
CA GLY A 96 -36.27 -8.42 19.23
C GLY A 96 -36.08 -9.93 19.30
N VAL A 97 -37.12 -10.69 19.03
CA VAL A 97 -37.14 -12.13 19.28
C VAL A 97 -37.16 -12.93 17.98
N ILE A 98 -38.03 -12.54 17.05
CA ILE A 98 -38.23 -13.37 15.86
C ILE A 98 -37.00 -13.35 14.97
N VAL A 99 -36.37 -12.20 14.80
CA VAL A 99 -35.21 -12.08 13.91
C VAL A 99 -34.02 -12.91 14.38
N PRO A 100 -33.62 -12.84 15.66
CA PRO A 100 -32.51 -13.71 16.09
C PRO A 100 -32.83 -15.19 15.95
N ALA A 101 -34.09 -15.57 16.22
CA ALA A 101 -34.50 -16.94 15.99
C ALA A 101 -34.39 -17.30 14.52
N ALA A 102 -34.71 -16.34 13.64
CA ALA A 102 -34.57 -16.57 12.21
C ALA A 102 -33.10 -16.80 11.85
N ILE A 103 -32.20 -16.03 12.44
CA ILE A 103 -30.78 -16.21 12.13
C ILE A 103 -30.27 -17.57 12.60
N LEU A 104 -30.65 -17.95 13.83
CA LEU A 104 -30.22 -19.25 14.34
C LEU A 104 -30.80 -20.38 13.52
N LEU A 105 -32.09 -20.30 13.16
CA LEU A 105 -32.67 -21.30 12.30
C LEU A 105 -32.11 -21.23 10.90
N ALA A 106 -31.53 -20.10 10.49
CA ALA A 106 -30.82 -20.04 9.22
C ALA A 106 -29.54 -20.85 9.29
N THR A 107 -28.83 -20.79 10.40
CA THR A 107 -27.67 -21.66 10.59
C THR A 107 -28.09 -23.13 10.60
N ALA A 108 -29.21 -23.42 11.28
CA ALA A 108 -29.73 -24.78 11.28
C ALA A 108 -30.10 -25.25 9.88
N GLY A 109 -30.74 -24.38 9.09
CA GLY A 109 -31.02 -24.70 7.71
C GLY A 109 -29.76 -24.85 6.89
N LEU A 110 -28.72 -24.11 7.23
CA LEU A 110 -27.43 -24.29 6.57
C LEU A 110 -26.93 -25.72 6.76
N VAL A 111 -26.94 -26.21 8.00
CA VAL A 111 -26.45 -27.56 8.23
C VAL A 111 -27.41 -28.58 7.60
N LEU A 112 -28.71 -28.31 7.62
CA LEU A 112 -29.67 -29.24 7.01
C LEU A 112 -29.47 -29.33 5.50
N THR A 113 -29.30 -28.19 4.84
CA THR A 113 -29.14 -28.21 3.40
C THR A 113 -27.78 -28.79 3.00
N THR A 114 -26.74 -28.57 3.81
CA THR A 114 -25.49 -29.25 3.54
C THR A 114 -25.65 -30.75 3.63
N LEU A 115 -26.38 -31.22 4.64
CA LEU A 115 -26.62 -32.66 4.77
C LEU A 115 -27.39 -33.20 3.57
N VAL A 116 -28.44 -32.50 3.15
CA VAL A 116 -29.28 -33.02 2.08
C VAL A 116 -28.54 -32.98 0.74
N ARG A 117 -27.74 -31.95 0.49
CA ARG A 117 -27.00 -31.91 -0.77
C ARG A 117 -25.83 -32.88 -0.77
N PHE A 118 -25.29 -33.20 0.42
CA PHE A 118 -24.35 -34.31 0.49
C PHE A 118 -25.05 -35.63 0.17
N LEU A 119 -26.27 -35.80 0.66
CA LEU A 119 -27.03 -37.00 0.34
C LEU A 119 -27.38 -37.06 -1.14
N SER A 120 -27.49 -35.91 -1.80
CA SER A 120 -27.88 -35.86 -3.20
C SER A 120 -26.89 -36.60 -4.11
N VAL A 121 -25.67 -36.84 -3.64
CA VAL A 121 -24.69 -37.57 -4.43
C VAL A 121 -25.17 -38.97 -4.73
N GLY A 122 -25.85 -39.60 -3.76
CA GLY A 122 -26.37 -40.94 -4.00
C GLY A 122 -27.39 -40.98 -5.12
N ILE A 123 -28.35 -40.05 -5.10
CA ILE A 123 -29.36 -40.02 -6.15
C ILE A 123 -28.75 -39.63 -7.48
N VAL A 124 -27.75 -38.76 -7.50
CA VAL A 124 -27.13 -38.46 -8.78
C VAL A 124 -26.34 -39.67 -9.30
N HIS A 125 -25.79 -40.48 -8.41
CA HIS A 125 -25.14 -41.70 -8.85
C HIS A 125 -26.14 -42.70 -9.43
N LEU A 126 -27.30 -42.85 -8.77
CA LEU A 126 -28.36 -43.67 -9.34
C LEU A 126 -28.81 -43.12 -10.69
N ALA A 127 -28.83 -41.79 -10.82
CA ALA A 127 -29.20 -41.18 -12.09
C ALA A 127 -28.19 -41.52 -13.18
N ASP A 128 -26.90 -41.49 -12.85
CA ASP A 128 -25.88 -41.89 -13.80
C ASP A 128 -26.05 -43.35 -14.21
N ALA A 129 -26.33 -44.22 -13.22
CA ALA A 129 -26.53 -45.63 -13.53
C ALA A 129 -27.73 -45.83 -14.44
N ALA A 130 -28.80 -45.06 -14.22
CA ALA A 130 -29.98 -45.16 -15.09
C ALA A 130 -29.69 -44.62 -16.48
N ALA A 131 -29.01 -43.48 -16.56
CA ALA A 131 -28.68 -42.88 -17.86
C ALA A 131 -27.69 -43.73 -18.64
N GLU A 132 -26.97 -44.63 -17.97
CA GLU A 132 -26.17 -45.62 -18.69
C GLU A 132 -27.04 -46.40 -19.66
N LYS A 133 -28.24 -46.78 -19.23
CA LYS A 133 -29.20 -47.42 -20.12
C LYS A 133 -29.78 -46.45 -21.14
N GLY A 134 -29.50 -45.15 -21.03
CA GLY A 134 -29.93 -44.18 -22.01
C GLY A 134 -31.42 -43.94 -22.07
N SER A 135 -32.06 -43.78 -20.91
CA SER A 135 -33.47 -43.44 -20.82
C SER A 135 -33.59 -42.02 -20.28
N TYR A 136 -34.27 -41.16 -21.05
CA TYR A 136 -34.56 -39.82 -20.54
C TYR A 136 -35.45 -39.88 -19.31
N SER A 137 -36.37 -40.85 -19.29
CA SER A 137 -37.31 -40.95 -18.18
C SER A 137 -36.59 -41.19 -16.86
N GLY A 138 -35.59 -42.07 -16.85
CA GLY A 138 -34.91 -42.39 -15.61
C GLY A 138 -34.16 -41.21 -15.02
N VAL A 139 -33.39 -40.51 -15.86
CA VAL A 139 -32.62 -39.37 -15.38
C VAL A 139 -33.55 -38.24 -14.97
N ALA A 140 -34.59 -37.98 -15.74
CA ALA A 140 -35.55 -36.95 -15.35
C ALA A 140 -36.21 -37.28 -14.02
N GLY A 141 -36.60 -38.55 -13.85
CA GLY A 141 -37.22 -38.95 -12.60
C GLY A 141 -36.30 -38.83 -11.41
N TRP A 142 -35.04 -39.21 -11.56
CA TRP A 142 -34.11 -39.10 -10.44
C TRP A 142 -33.84 -37.64 -10.10
N HIS A 143 -33.72 -36.78 -11.12
CA HIS A 143 -33.57 -35.35 -10.84
C HIS A 143 -34.78 -34.81 -10.08
N MET A 144 -35.97 -35.22 -10.50
CA MET A 144 -37.18 -34.75 -9.81
C MET A 144 -37.25 -35.30 -8.39
N PHE A 145 -36.81 -36.54 -8.18
CA PHE A 145 -36.77 -37.09 -6.83
C PHE A 145 -35.81 -36.33 -5.93
N ALA A 146 -34.63 -35.98 -6.46
CA ALA A 146 -33.70 -35.17 -5.67
C ALA A 146 -34.31 -33.82 -5.34
N LEU A 147 -34.96 -33.18 -6.32
CA LEU A 147 -35.58 -31.89 -6.09
C LEU A 147 -36.67 -31.98 -5.02
N LEU A 148 -37.49 -33.04 -5.08
CA LEU A 148 -38.56 -33.16 -4.11
C LEU A 148 -38.04 -33.50 -2.72
N LEU A 149 -36.94 -34.25 -2.64
CA LEU A 149 -36.30 -34.45 -1.34
C LEU A 149 -35.80 -33.14 -0.77
N GLN A 150 -35.18 -32.31 -1.61
CA GLN A 150 -34.68 -31.02 -1.15
C GLN A 150 -35.85 -30.15 -0.68
N GLY A 151 -36.96 -30.17 -1.42
CA GLY A 151 -38.14 -29.44 -0.97
C GLY A 151 -38.70 -29.97 0.34
N LEU A 152 -38.72 -31.29 0.50
CA LEU A 152 -39.18 -31.87 1.76
C LEU A 152 -38.26 -31.47 2.91
N ARG A 153 -37.00 -31.15 2.61
CA ARG A 153 -36.06 -30.72 3.67
C ARG A 153 -36.58 -29.51 4.43
N ILE A 154 -37.44 -28.70 3.83
CA ILE A 154 -38.13 -27.64 4.56
C ILE A 154 -39.60 -27.95 4.76
N ALA A 155 -40.21 -28.76 3.89
CA ALA A 155 -41.62 -29.12 4.08
C ALA A 155 -41.84 -29.84 5.40
N ILE A 156 -40.99 -30.79 5.74
CA ILE A 156 -41.17 -31.61 6.93
C ILE A 156 -40.81 -30.80 8.18
N PRO A 157 -39.60 -30.16 8.28
CA PRO A 157 -39.29 -29.34 9.46
C PRO A 157 -39.95 -27.97 9.44
N ALA A 158 -41.23 -27.94 9.10
CA ALA A 158 -42.08 -26.78 9.29
C ALA A 158 -43.34 -27.11 10.07
N ALA A 159 -43.97 -28.26 9.79
CA ALA A 159 -45.11 -28.69 10.58
C ALA A 159 -44.71 -28.98 12.02
N ILE A 160 -43.45 -29.36 12.25
CA ILE A 160 -42.98 -29.61 13.61
C ILE A 160 -43.04 -28.32 14.42
N ILE A 161 -42.54 -27.22 13.86
CA ILE A 161 -42.63 -25.94 14.54
C ILE A 161 -44.07 -25.48 14.64
N LEU A 162 -44.86 -25.75 13.59
CA LEU A 162 -46.25 -25.32 13.59
C LEU A 162 -47.12 -26.12 14.57
N ALA A 163 -46.63 -27.25 15.06
CA ALA A 163 -47.45 -28.17 15.85
C ALA A 163 -47.14 -28.18 17.34
N ILE A 164 -45.87 -28.10 17.72
CA ILE A 164 -45.49 -28.39 19.10
C ILE A 164 -46.03 -27.35 20.10
N PRO A 165 -45.52 -26.10 20.21
CA PRO A 165 -46.41 -24.97 20.41
C PRO A 165 -45.83 -23.69 19.84
N ALA A 166 -45.55 -22.74 20.72
CA ALA A 166 -44.94 -21.48 20.33
C ALA A 166 -43.82 -21.01 21.24
N GLU A 167 -43.66 -21.59 22.43
CA GLU A 167 -42.67 -21.12 23.40
C GLU A 167 -41.49 -22.05 23.62
N THR A 168 -41.59 -23.32 23.20
CA THR A 168 -40.45 -24.21 23.40
C THR A 168 -39.32 -23.90 22.45
N VAL A 169 -39.61 -23.41 21.25
CA VAL A 169 -38.57 -23.16 20.27
C VAL A 169 -37.74 -21.94 20.65
N THR A 170 -38.41 -20.85 21.03
CA THR A 170 -37.68 -19.65 21.41
C THR A 170 -36.84 -19.89 22.65
N ALA A 171 -37.41 -20.53 23.67
CA ALA A 171 -36.64 -20.82 24.88
C ALA A 171 -35.49 -21.78 24.59
N ALA A 172 -35.74 -22.80 23.77
CA ALA A 172 -34.69 -23.76 23.44
C ALA A 172 -33.54 -23.08 22.72
N LEU A 173 -33.84 -22.18 21.77
CA LEU A 173 -32.78 -21.46 21.09
C LEU A 173 -32.07 -20.48 22.02
N ASN A 174 -32.80 -19.88 22.96
CA ASN A 174 -32.21 -18.94 23.89
C ASN A 174 -31.38 -19.62 24.98
N ALA A 175 -31.58 -20.92 25.20
CA ALA A 175 -30.87 -21.65 26.23
C ALA A 175 -29.50 -22.15 25.78
N ILE A 176 -29.11 -21.89 24.55
CA ILE A 176 -27.79 -22.30 24.08
C ILE A 176 -26.71 -21.54 24.85
N PRO A 177 -25.74 -22.21 25.44
CA PRO A 177 -24.72 -21.52 26.24
C PRO A 177 -23.68 -20.83 25.36
N ASP A 178 -22.90 -19.96 26.00
CA ASP A 178 -21.83 -19.26 25.30
C ASP A 178 -20.77 -20.20 24.75
N TRP A 179 -20.66 -21.41 25.32
CA TRP A 179 -19.67 -22.39 24.93
C TRP A 179 -19.74 -22.65 23.43
N VAL A 180 -20.84 -23.25 22.99
CA VAL A 180 -20.96 -23.63 21.58
C VAL A 180 -21.15 -22.40 20.71
N SER A 181 -21.79 -21.35 21.22
CA SER A 181 -21.99 -20.15 20.41
C SER A 181 -20.66 -19.53 20.00
N LYS A 182 -19.79 -19.26 20.98
CA LYS A 182 -18.51 -18.66 20.64
C LYS A 182 -17.61 -19.65 19.91
N GLY A 183 -17.71 -20.94 20.22
CA GLY A 183 -16.93 -21.92 19.46
C GLY A 183 -17.28 -21.91 17.99
N LEU A 184 -18.57 -21.92 17.67
CA LEU A 184 -18.98 -21.86 16.28
C LEU A 184 -18.64 -20.52 15.66
N ALA A 185 -18.66 -19.43 16.45
CA ALA A 185 -18.27 -18.14 15.91
C ALA A 185 -16.82 -18.14 15.46
N VAL A 186 -15.91 -18.60 16.32
CA VAL A 186 -14.51 -18.61 15.93
C VAL A 186 -14.25 -19.63 14.83
N GLY A 187 -15.03 -20.72 14.79
CA GLY A 187 -14.90 -21.67 13.69
C GLY A 187 -15.30 -21.06 12.36
N GLY A 188 -16.42 -20.33 12.33
CA GLY A 188 -16.85 -19.66 11.13
C GLY A 188 -15.97 -18.50 10.73
N GLY A 189 -15.24 -17.92 11.69
CA GLY A 189 -14.28 -16.90 11.35
C GLY A 189 -13.05 -17.40 10.62
N MET A 190 -12.87 -18.72 10.55
CA MET A 190 -11.76 -19.32 9.83
C MET A 190 -12.20 -20.34 8.79
N VAL A 191 -13.48 -20.67 8.72
CA VAL A 191 -13.95 -21.69 7.79
C VAL A 191 -13.68 -21.30 6.34
N VAL A 192 -13.58 -20.00 6.05
CA VAL A 192 -13.44 -19.55 4.66
C VAL A 192 -12.10 -19.97 4.09
N VAL A 193 -11.13 -20.30 4.95
CA VAL A 193 -9.83 -20.75 4.47
C VAL A 193 -9.99 -22.03 3.67
N VAL A 194 -10.80 -22.96 4.16
CA VAL A 194 -11.03 -24.19 3.43
C VAL A 194 -11.68 -23.89 2.08
N GLY A 195 -12.69 -23.01 2.07
CA GLY A 195 -13.34 -22.67 0.82
C GLY A 195 -12.39 -22.12 -0.22
N TYR A 196 -11.45 -21.27 0.20
CA TYR A 196 -10.44 -20.79 -0.73
C TYR A 196 -9.36 -21.81 -1.02
N ALA A 197 -9.25 -22.86 -0.22
CA ALA A 197 -8.17 -23.83 -0.38
C ALA A 197 -8.28 -24.58 -1.71
N MET A 198 -9.48 -25.08 -2.04
CA MET A 198 -9.58 -25.81 -3.31
C MET A 198 -9.40 -24.87 -4.49
N VAL A 199 -9.85 -23.62 -4.37
CA VAL A 199 -9.66 -22.66 -5.45
C VAL A 199 -8.17 -22.45 -5.70
N ILE A 200 -7.39 -22.28 -4.62
CA ILE A 200 -5.96 -22.12 -4.79
C ILE A 200 -5.32 -23.39 -5.32
N ASN A 201 -5.82 -24.55 -4.89
CA ASN A 201 -5.23 -25.82 -5.30
C ASN A 201 -5.45 -26.09 -6.79
N LEU A 202 -6.63 -25.75 -7.30
CA LEU A 202 -6.96 -26.07 -8.69
C LEU A 202 -6.05 -25.33 -9.66
N MET A 203 -5.91 -24.02 -9.48
CA MET A 203 -5.03 -23.20 -10.29
C MET A 203 -3.81 -22.84 -9.46
N ALA A 204 -2.65 -23.36 -9.86
CA ALA A 204 -1.41 -23.13 -9.12
C ALA A 204 -0.21 -23.58 -9.94
N THR A 205 0.80 -22.72 -10.05
CA THR A 205 2.04 -23.06 -10.72
C THR A 205 3.13 -22.20 -10.13
N LYS A 206 4.39 -22.61 -10.36
CA LYS A 206 5.51 -21.79 -9.95
C LYS A 206 5.48 -20.41 -10.60
N GLU A 207 4.79 -20.29 -11.74
CA GLU A 207 4.63 -19.01 -12.39
C GLU A 207 3.59 -18.13 -11.70
N LEU A 208 2.62 -18.74 -11.02
CA LEU A 208 1.50 -17.97 -10.47
C LEU A 208 1.58 -17.78 -8.95
N TRP A 209 2.29 -18.65 -8.22
CA TRP A 209 2.46 -18.45 -6.79
C TRP A 209 3.00 -17.08 -6.42
N PRO A 210 3.97 -16.50 -7.13
CA PRO A 210 4.41 -15.14 -6.79
C PRO A 210 3.28 -14.15 -6.70
N PHE A 211 2.28 -14.25 -7.57
CA PHE A 211 1.16 -13.31 -7.49
C PHE A 211 0.35 -13.51 -6.22
N PHE A 212 0.18 -14.75 -5.79
CA PHE A 212 -0.49 -15.00 -4.51
C PHE A 212 0.27 -14.34 -3.37
N PHE A 213 1.58 -14.55 -3.32
CA PHE A 213 2.35 -13.96 -2.22
C PHE A 213 2.38 -12.45 -2.31
N LEU A 214 2.41 -11.91 -3.53
CA LEU A 214 2.39 -10.47 -3.73
C LEU A 214 1.09 -9.87 -3.21
N GLY A 215 -0.03 -10.50 -3.53
CA GLY A 215 -1.30 -10.02 -3.01
C GLY A 215 -1.37 -10.11 -1.50
N PHE A 216 -0.89 -11.21 -0.93
CA PHE A 216 -0.90 -11.35 0.52
C PHE A 216 -0.05 -10.29 1.19
N VAL A 217 1.10 -9.96 0.59
CA VAL A 217 1.98 -8.96 1.17
C VAL A 217 1.38 -7.55 1.04
N LEU A 218 0.78 -7.25 -0.11
CA LEU A 218 0.23 -5.92 -0.33
C LEU A 218 -1.11 -5.69 0.35
N ALA A 219 -1.79 -6.75 0.78
CA ALA A 219 -3.12 -6.59 1.37
C ALA A 219 -3.17 -5.71 2.61
N PRO A 220 -2.25 -5.79 3.58
CA PRO A 220 -2.42 -5.02 4.82
C PRO A 220 -2.56 -3.52 4.64
N LEU A 221 -2.41 -2.98 3.45
CA LEU A 221 -2.60 -1.55 3.21
C LEU A 221 -4.09 -1.25 3.29
N SER A 222 -4.54 -0.78 4.45
CA SER A 222 -5.97 -0.54 4.68
C SER A 222 -6.53 0.58 3.81
N SER A 223 -5.67 1.41 3.21
CA SER A 223 -6.17 2.53 2.42
C SER A 223 -6.76 2.08 1.10
N ILE A 224 -6.45 0.88 0.63
CA ILE A 224 -7.01 0.35 -0.61
C ILE A 224 -8.18 -0.54 -0.28
N THR A 225 -9.33 -0.27 -0.90
CA THR A 225 -10.51 -1.08 -0.69
C THR A 225 -10.44 -2.33 -1.57
N LEU A 226 -11.44 -3.21 -1.40
CA LEU A 226 -11.43 -4.47 -2.14
C LEU A 226 -11.49 -4.25 -3.65
N ILE A 227 -12.33 -3.32 -4.09
CA ILE A 227 -12.42 -3.03 -5.52
C ILE A 227 -11.12 -2.45 -6.03
N GLY A 228 -10.44 -1.65 -5.20
CA GLY A 228 -9.13 -1.16 -5.58
C GLY A 228 -8.14 -2.29 -5.79
N MET A 229 -8.15 -3.28 -4.89
CA MET A 229 -7.27 -4.42 -5.07
C MET A 229 -7.67 -5.25 -6.29
N GLY A 230 -8.95 -5.32 -6.60
CA GLY A 230 -9.37 -6.01 -7.81
C GLY A 230 -8.87 -5.34 -9.07
N ILE A 231 -8.99 -4.01 -9.13
CA ILE A 231 -8.47 -3.27 -10.28
C ILE A 231 -6.95 -3.42 -10.35
N LEU A 232 -6.27 -3.42 -9.20
CA LEU A 232 -4.83 -3.61 -9.19
C LEU A 232 -4.47 -4.99 -9.73
N GLY A 233 -5.20 -6.02 -9.34
CA GLY A 233 -4.96 -7.34 -9.89
C GLY A 233 -5.19 -7.39 -11.39
N VAL A 234 -6.26 -6.73 -11.85
CA VAL A 234 -6.55 -6.73 -13.28
C VAL A 234 -5.43 -6.05 -14.06
N VAL A 235 -4.96 -4.90 -13.58
CA VAL A 235 -3.92 -4.19 -14.31
C VAL A 235 -2.60 -4.95 -14.24
N ILE A 236 -2.31 -5.62 -13.12
CA ILE A 236 -1.10 -6.43 -13.05
C ILE A 236 -1.17 -7.57 -14.06
N ALA A 237 -2.32 -8.22 -14.16
CA ALA A 237 -2.49 -9.27 -15.15
C ALA A 237 -2.33 -8.73 -16.57
N LEU A 238 -2.89 -7.55 -16.84
CA LEU A 238 -2.78 -6.96 -18.17
C LEU A 238 -1.32 -6.64 -18.50
N ILE A 239 -0.58 -6.07 -17.54
CA ILE A 239 0.82 -5.73 -17.79
C ILE A 239 1.64 -6.99 -18.04
N TYR A 240 1.44 -8.03 -17.22
CA TYR A 240 2.19 -9.26 -17.42
C TYR A 240 1.85 -9.88 -18.77
N LEU A 241 0.57 -9.84 -19.16
CA LEU A 241 0.16 -10.40 -20.43
C LEU A 241 0.79 -9.62 -21.59
N ASN A 242 0.82 -8.29 -21.49
CA ASN A 242 1.46 -7.48 -22.53
C ASN A 242 2.94 -7.82 -22.65
N LEU A 243 3.62 -7.93 -21.51
CA LEU A 243 5.06 -8.19 -21.56
C LEU A 243 5.36 -9.58 -22.10
N SER A 244 4.51 -10.56 -21.78
CA SER A 244 4.72 -11.90 -22.33
C SER A 244 4.40 -11.95 -23.82
N ASN A 245 3.32 -11.28 -24.23
CA ASN A 245 2.92 -11.32 -25.64
C ASN A 245 3.87 -10.52 -26.52
N THR A 246 4.60 -9.55 -25.95
CA THR A 246 5.62 -8.86 -26.74
C THR A 246 6.69 -9.83 -27.21
N ALA A 247 7.12 -10.73 -26.34
CA ALA A 247 8.06 -11.78 -26.76
C ALA A 247 7.35 -12.84 -27.59
N GLY A 248 6.08 -13.10 -27.31
CA GLY A 248 5.33 -14.06 -28.12
C GLY A 248 5.26 -13.64 -29.58
N ASN A 249 5.14 -12.34 -29.83
CA ASN A 249 5.14 -11.84 -31.21
C ASN A 249 6.47 -12.12 -31.90
N GLY A 250 7.57 -11.93 -31.19
CA GLY A 250 8.89 -12.18 -31.74
C GLY A 250 9.26 -13.64 -31.75
N LYS B 6 -30.86 -30.58 -45.11
CA LYS B 6 -30.71 -30.76 -43.67
C LYS B 6 -32.06 -30.95 -42.99
N LYS B 7 -32.02 -31.39 -41.74
CA LYS B 7 -33.24 -31.57 -40.94
C LYS B 7 -32.87 -31.35 -39.47
N PHE B 8 -33.76 -31.80 -38.59
CA PHE B 8 -33.57 -31.68 -37.14
C PHE B 8 -33.38 -30.22 -36.72
N SER B 9 -34.10 -29.32 -37.38
CA SER B 9 -34.06 -27.90 -37.03
C SER B 9 -35.10 -27.65 -35.95
N LEU B 10 -34.66 -27.63 -34.70
CA LEU B 10 -35.57 -27.38 -33.58
C LEU B 10 -36.21 -26.01 -33.72
N SER B 11 -37.51 -25.95 -33.50
CA SER B 11 -38.28 -24.74 -33.71
C SER B 11 -38.15 -23.79 -32.53
N LYS B 12 -38.92 -22.70 -32.57
CA LYS B 12 -38.92 -21.76 -31.46
C LYS B 12 -39.60 -22.35 -30.23
N ASN B 13 -40.66 -23.14 -30.44
CA ASN B 13 -41.35 -23.76 -29.32
C ASN B 13 -40.44 -24.72 -28.57
N THR B 14 -39.65 -25.51 -29.30
CA THR B 14 -38.71 -26.42 -28.65
C THR B 14 -37.68 -25.66 -27.83
N ARG B 15 -37.18 -24.55 -28.35
CA ARG B 15 -36.23 -23.74 -27.58
C ARG B 15 -36.88 -23.15 -26.35
N LEU B 16 -38.14 -22.72 -26.45
CA LEU B 16 -38.84 -22.20 -25.29
C LEU B 16 -39.03 -23.29 -24.23
N SER B 17 -39.32 -24.51 -24.67
CA SER B 17 -39.42 -25.63 -23.74
C SER B 17 -38.07 -25.92 -23.09
N VAL B 18 -36.99 -25.83 -23.87
CA VAL B 18 -35.65 -26.02 -23.33
C VAL B 18 -35.36 -24.98 -22.26
N MET B 19 -35.76 -23.73 -22.50
CA MET B 19 -35.57 -22.68 -21.50
C MET B 19 -36.42 -22.91 -20.26
N PHE B 20 -37.68 -23.29 -20.46
CA PHE B 20 -38.56 -23.57 -19.32
C PHE B 20 -38.09 -24.77 -18.51
N ARG B 21 -37.30 -25.66 -19.10
CA ARG B 21 -36.71 -26.74 -18.34
C ARG B 21 -35.36 -26.34 -17.72
N SER B 22 -34.59 -25.49 -18.39
CA SER B 22 -33.39 -24.91 -17.79
C SER B 22 -33.73 -24.02 -16.63
N MET B 23 -34.99 -23.65 -16.47
CA MET B 23 -35.52 -23.11 -15.23
C MET B 23 -35.00 -23.88 -14.02
N PHE B 24 -34.77 -25.19 -14.19
CA PHE B 24 -34.40 -26.09 -13.12
C PHE B 24 -32.94 -26.54 -13.20
N LEU B 25 -32.04 -25.62 -13.54
CA LEU B 25 -30.64 -25.99 -13.67
C LEU B 25 -30.06 -26.51 -12.36
N GLN B 26 -30.46 -25.93 -11.23
CA GLN B 26 -30.06 -26.44 -9.94
C GLN B 26 -31.05 -27.52 -9.50
N GLY B 27 -30.99 -27.92 -8.24
CA GLY B 27 -31.90 -28.91 -7.72
C GLY B 27 -31.24 -30.26 -7.53
N SER B 28 -30.46 -30.70 -8.51
CA SER B 28 -29.59 -31.87 -8.35
C SER B 28 -28.20 -31.44 -7.94
N TRP B 29 -28.12 -30.60 -6.90
CA TRP B 29 -26.87 -30.01 -6.49
C TRP B 29 -26.06 -31.03 -5.69
N ASN B 30 -24.94 -31.47 -6.26
CA ASN B 30 -24.05 -32.41 -5.62
C ASN B 30 -22.75 -31.70 -5.22
N TYR B 31 -21.99 -32.34 -4.34
CA TYR B 31 -20.71 -31.77 -3.96
C TYR B 31 -19.57 -32.23 -4.86
N GLU B 32 -19.67 -33.43 -5.43
CA GLU B 32 -18.61 -33.95 -6.27
C GLU B 32 -18.81 -33.63 -7.75
N ARG B 33 -20.05 -33.71 -8.23
CA ARG B 33 -20.40 -33.33 -9.59
C ARG B 33 -21.45 -32.23 -9.50
N MET B 34 -20.98 -30.99 -9.36
CA MET B 34 -21.87 -29.87 -9.11
C MET B 34 -22.75 -29.59 -10.30
N GLN B 35 -24.05 -29.43 -10.06
CA GLN B 35 -25.00 -28.89 -11.03
C GLN B 35 -25.01 -29.68 -12.34
N ASN B 36 -24.57 -30.95 -12.29
CA ASN B 36 -24.35 -31.69 -13.52
C ASN B 36 -25.65 -32.12 -14.18
N LEU B 37 -26.64 -32.55 -13.40
CA LEU B 37 -27.88 -33.06 -13.99
C LEU B 37 -28.79 -31.97 -14.52
N GLY B 38 -28.62 -30.73 -14.05
CA GLY B 38 -29.44 -29.65 -14.58
C GLY B 38 -29.22 -29.44 -16.06
N PHE B 39 -27.99 -29.58 -16.53
CA PHE B 39 -27.71 -29.45 -17.94
C PHE B 39 -28.46 -30.50 -18.75
N LEU B 40 -28.41 -31.76 -18.30
CA LEU B 40 -29.12 -32.81 -19.02
C LEU B 40 -30.63 -32.57 -18.99
N TYR B 41 -31.15 -32.15 -17.84
CA TYR B 41 -32.58 -31.87 -17.75
C TYR B 41 -32.97 -30.74 -18.70
N SER B 42 -32.13 -29.72 -18.82
CA SER B 42 -32.41 -28.60 -19.70
C SER B 42 -32.42 -29.05 -21.16
N ILE B 43 -31.44 -29.88 -21.56
CA ILE B 43 -31.32 -30.26 -22.96
C ILE B 43 -32.11 -31.51 -23.30
N ILE B 44 -32.86 -32.08 -22.36
CA ILE B 44 -33.67 -33.27 -22.65
C ILE B 44 -34.60 -33.08 -23.85
N PRO B 45 -35.36 -31.97 -23.98
CA PRO B 45 -36.29 -31.88 -25.12
C PRO B 45 -35.59 -31.97 -26.47
N ALA B 46 -34.50 -31.24 -26.65
CA ALA B 46 -33.79 -31.28 -27.92
C ALA B 46 -33.23 -32.66 -28.20
N LEU B 47 -32.65 -33.30 -27.18
CA LEU B 47 -32.11 -34.65 -27.36
C LEU B 47 -33.21 -35.64 -27.71
N LYS B 48 -34.36 -35.52 -27.06
CA LYS B 48 -35.49 -36.39 -27.38
C LYS B 48 -35.95 -36.19 -28.82
N GLN B 49 -36.02 -34.93 -29.26
CA GLN B 49 -36.37 -34.65 -30.65
C GLN B 49 -35.29 -35.13 -31.62
N PHE B 50 -34.06 -35.29 -31.14
CA PHE B 50 -32.94 -35.66 -32.01
C PHE B 50 -32.80 -37.17 -32.15
N TYR B 51 -32.91 -37.92 -31.05
CA TYR B 51 -32.79 -39.36 -31.08
C TYR B 51 -33.86 -39.99 -30.21
N LYS B 52 -34.25 -41.22 -30.57
CA LYS B 52 -35.22 -41.97 -29.80
C LYS B 52 -34.53 -42.69 -28.63
N PRO B 53 -35.24 -42.96 -27.54
CA PRO B 53 -34.64 -43.65 -26.41
C PRO B 53 -34.14 -45.04 -26.81
N GLY B 54 -33.05 -45.46 -26.18
CA GLY B 54 -32.46 -46.75 -26.42
C GLY B 54 -31.46 -46.81 -27.56
N SER B 55 -31.29 -45.72 -28.31
CA SER B 55 -30.34 -45.70 -29.41
C SER B 55 -28.92 -45.56 -28.88
N GLU B 56 -27.98 -46.24 -29.55
CA GLU B 56 -26.59 -46.16 -29.14
C GLU B 56 -26.04 -44.75 -29.29
N GLU B 57 -26.36 -44.08 -30.39
CA GLU B 57 -25.98 -42.68 -30.55
C GLU B 57 -26.62 -41.84 -29.46
N ALA B 58 -27.90 -42.08 -29.18
CA ALA B 58 -28.52 -41.45 -28.01
C ALA B 58 -27.72 -41.76 -26.75
N LYS B 59 -27.58 -43.05 -26.43
CA LYS B 59 -26.79 -43.49 -25.28
C LYS B 59 -25.53 -42.65 -25.08
N GLU B 60 -24.73 -42.53 -26.14
CA GLU B 60 -23.51 -41.74 -26.07
C GLU B 60 -23.81 -40.27 -25.80
N ALA B 61 -24.83 -39.71 -26.46
CA ALA B 61 -25.14 -38.30 -26.29
C ALA B 61 -25.54 -37.99 -24.85
N LEU B 62 -26.43 -38.81 -24.27
CA LEU B 62 -26.81 -38.63 -22.88
C LEU B 62 -25.62 -38.83 -21.94
N LYS B 63 -24.81 -39.87 -22.19
CA LYS B 63 -23.67 -40.08 -21.31
C LYS B 63 -22.64 -38.97 -21.42
N ARG B 64 -22.64 -38.23 -22.52
CA ARG B 64 -21.67 -37.15 -22.70
C ARG B 64 -21.84 -36.06 -21.64
N HIS B 65 -23.08 -35.70 -21.32
CA HIS B 65 -23.36 -34.56 -20.47
C HIS B 65 -23.44 -34.93 -18.99
N MET B 66 -22.78 -35.99 -18.57
CA MET B 66 -22.71 -36.39 -17.17
C MET B 66 -21.38 -36.00 -16.53
N GLU B 67 -20.85 -34.84 -16.88
CA GLU B 67 -19.59 -34.35 -16.37
C GLU B 67 -19.81 -33.10 -15.53
N PHE B 68 -18.73 -32.62 -14.91
CA PHE B 68 -18.78 -31.44 -14.08
C PHE B 68 -19.25 -30.24 -14.89
N PHE B 69 -20.19 -29.47 -14.32
CA PHE B 69 -20.60 -28.21 -14.93
C PHE B 69 -21.19 -27.35 -13.81
N ASN B 70 -20.40 -26.40 -13.32
CA ASN B 70 -20.86 -25.46 -12.30
C ASN B 70 -20.67 -24.05 -12.80
N THR B 71 -21.72 -23.25 -12.73
CA THR B 71 -21.66 -21.84 -13.08
C THR B 71 -22.87 -21.15 -12.46
N HIS B 72 -22.92 -19.84 -12.64
CA HIS B 72 -24.12 -19.11 -12.26
C HIS B 72 -25.28 -19.61 -13.11
N PRO B 73 -26.40 -20.00 -12.52
CA PRO B 73 -27.51 -20.54 -13.32
C PRO B 73 -28.06 -19.55 -14.33
N TYR B 74 -28.05 -18.26 -14.01
CA TYR B 74 -28.60 -17.28 -14.94
C TYR B 74 -27.76 -17.18 -16.21
N VAL B 75 -26.45 -17.04 -16.08
CA VAL B 75 -25.57 -17.04 -17.25
C VAL B 75 -25.22 -18.51 -17.49
N ALA B 76 -26.19 -19.22 -18.03
CA ALA B 76 -25.98 -20.53 -18.65
C ALA B 76 -26.78 -20.70 -19.92
N ALA B 77 -27.78 -19.86 -20.15
CA ALA B 77 -28.52 -19.89 -21.41
C ALA B 77 -27.62 -19.67 -22.62
N PRO B 78 -26.64 -18.76 -22.62
CA PRO B 78 -25.71 -18.71 -23.76
C PRO B 78 -25.05 -20.05 -24.01
N ILE B 79 -24.57 -20.70 -22.93
CA ILE B 79 -23.93 -22.00 -23.08
C ILE B 79 -24.93 -23.02 -23.58
N VAL B 80 -26.16 -22.97 -23.06
CA VAL B 80 -27.19 -23.93 -23.47
C VAL B 80 -27.48 -23.78 -24.96
N GLY B 81 -27.60 -22.55 -25.44
CA GLY B 81 -27.84 -22.33 -26.85
C GLY B 81 -26.68 -22.77 -27.71
N VAL B 82 -25.45 -22.51 -27.25
CA VAL B 82 -24.28 -22.91 -28.01
C VAL B 82 -24.23 -24.43 -28.14
N THR B 83 -24.45 -25.15 -27.04
CA THR B 83 -24.39 -26.61 -27.14
C THR B 83 -25.60 -27.16 -27.88
N LEU B 84 -26.73 -26.46 -27.86
CA LEU B 84 -27.86 -26.88 -28.68
C LEU B 84 -27.53 -26.77 -30.16
N ALA B 85 -26.87 -25.68 -30.55
CA ALA B 85 -26.39 -25.55 -31.92
C ALA B 85 -25.41 -26.67 -32.25
N LEU B 86 -24.51 -26.98 -31.32
CA LEU B 86 -23.56 -28.05 -31.54
C LEU B 86 -24.26 -29.39 -31.72
N GLU B 87 -25.27 -29.67 -30.89
CA GLU B 87 -25.99 -30.93 -30.98
C GLU B 87 -26.72 -31.06 -32.30
N GLU B 88 -27.37 -29.98 -32.76
CA GLU B 88 -28.01 -30.05 -34.06
C GLU B 88 -27.01 -30.12 -35.20
N GLU B 89 -25.78 -29.62 -35.00
CA GLU B 89 -24.73 -29.84 -35.98
C GLU B 89 -24.37 -31.33 -36.04
N ILE B 90 -24.20 -31.97 -34.89
CA ILE B 90 -23.87 -33.39 -34.87
C ILE B 90 -25.00 -34.23 -35.45
N ALA B 91 -26.25 -33.83 -35.22
CA ALA B 91 -27.39 -34.63 -35.69
C ALA B 91 -27.38 -34.76 -37.20
N ASN B 92 -27.05 -33.68 -37.91
CA ASN B 92 -27.01 -33.71 -39.36
C ASN B 92 -25.73 -34.32 -39.92
N GLY B 93 -24.79 -34.70 -39.06
CA GLY B 93 -23.57 -35.33 -39.49
C GLY B 93 -22.38 -34.42 -39.64
N VAL B 94 -22.47 -33.17 -39.16
CA VAL B 94 -21.35 -32.25 -39.27
C VAL B 94 -20.20 -32.75 -38.39
N GLU B 95 -19.00 -32.77 -38.95
CA GLU B 95 -17.86 -33.38 -38.28
C GLU B 95 -17.34 -32.52 -37.13
N ILE B 96 -17.84 -32.80 -35.92
CA ILE B 96 -17.35 -32.15 -34.71
C ILE B 96 -17.34 -33.20 -33.60
N ASP B 97 -16.20 -33.38 -32.96
CA ASP B 97 -16.05 -34.43 -31.96
C ASP B 97 -16.57 -33.97 -30.61
N GLU B 98 -16.76 -34.95 -29.71
CA GLU B 98 -17.23 -34.65 -28.36
C GLU B 98 -16.26 -33.74 -27.61
N ALA B 99 -14.96 -33.90 -27.87
CA ALA B 99 -13.97 -33.05 -27.23
C ALA B 99 -14.21 -31.57 -27.54
N ALA B 100 -14.68 -31.27 -28.75
CA ALA B 100 -14.96 -29.88 -29.10
C ALA B 100 -16.07 -29.31 -28.21
N ILE B 101 -17.15 -30.06 -28.03
CA ILE B 101 -18.25 -29.59 -27.18
C ILE B 101 -17.80 -29.46 -25.74
N GLN B 102 -17.03 -30.43 -25.25
CA GLN B 102 -16.55 -30.36 -23.87
C GLN B 102 -15.64 -29.16 -23.66
N GLY B 103 -14.74 -28.90 -24.60
CA GLY B 103 -13.89 -27.72 -24.50
C GLY B 103 -14.70 -26.44 -24.58
N VAL B 104 -15.73 -26.41 -25.43
CA VAL B 104 -16.60 -25.25 -25.52
C VAL B 104 -17.25 -24.99 -24.16
N LYS B 105 -17.78 -26.04 -23.54
CA LYS B 105 -18.42 -25.88 -22.24
C LYS B 105 -17.43 -25.37 -21.20
N VAL B 106 -16.27 -26.03 -21.09
CA VAL B 106 -15.29 -25.66 -20.07
C VAL B 106 -14.73 -24.27 -20.31
N GLY B 107 -14.75 -23.79 -21.57
CA GLY B 107 -14.15 -22.50 -21.86
C GLY B 107 -14.79 -21.37 -21.08
N MET B 108 -16.12 -21.31 -21.06
CA MET B 108 -16.80 -20.25 -20.32
C MET B 108 -17.63 -20.81 -19.16
N MET B 109 -17.38 -22.05 -18.74
CA MET B 109 -17.93 -22.49 -17.46
C MET B 109 -17.40 -21.63 -16.32
N GLY B 110 -16.11 -21.32 -16.34
CA GLY B 110 -15.48 -20.57 -15.28
C GLY B 110 -15.65 -19.06 -15.38
N PRO B 111 -15.13 -18.45 -16.44
CA PRO B 111 -15.19 -16.98 -16.54
C PRO B 111 -16.59 -16.43 -16.51
N LEU B 112 -17.55 -17.09 -17.16
CA LEU B 112 -18.92 -16.60 -17.13
C LEU B 112 -19.50 -16.67 -15.72
N ALA B 113 -19.18 -17.73 -14.98
CA ALA B 113 -19.58 -17.78 -13.58
C ALA B 113 -18.95 -16.65 -12.79
N GLY B 114 -17.67 -16.38 -13.02
CA GLY B 114 -16.99 -15.33 -12.29
C GLY B 114 -17.55 -13.96 -12.57
N ILE B 115 -18.03 -13.72 -13.79
CA ILE B 115 -18.61 -12.43 -14.12
C ILE B 115 -20.08 -12.35 -13.72
N GLY B 116 -20.79 -13.48 -13.67
CA GLY B 116 -22.20 -13.48 -13.33
C GLY B 116 -22.48 -13.46 -11.86
N ASP B 117 -21.57 -14.01 -11.05
CA ASP B 117 -21.76 -14.01 -9.60
C ASP B 117 -21.90 -12.61 -9.03
N PRO B 118 -21.03 -11.63 -9.35
CA PRO B 118 -21.21 -10.30 -8.74
C PRO B 118 -22.33 -9.51 -9.38
N VAL B 119 -22.56 -9.72 -10.68
CA VAL B 119 -23.52 -8.91 -11.41
C VAL B 119 -24.96 -9.27 -11.06
N PHE B 120 -25.19 -10.48 -10.55
CA PHE B 120 -26.54 -10.93 -10.24
C PHE B 120 -26.75 -11.15 -8.76
N TRP B 121 -25.91 -11.96 -8.12
CA TRP B 121 -26.07 -12.19 -6.68
C TRP B 121 -25.72 -10.94 -5.88
N PHE B 122 -24.73 -10.18 -6.33
CA PHE B 122 -24.19 -9.07 -5.54
C PHE B 122 -24.49 -7.69 -6.11
N THR B 123 -25.07 -7.59 -7.30
CA THR B 123 -25.40 -6.29 -7.88
C THR B 123 -26.90 -6.07 -8.04
N VAL B 124 -27.59 -6.95 -8.78
CA VAL B 124 -29.01 -6.74 -9.03
C VAL B 124 -29.83 -7.09 -7.80
N ARG B 125 -29.56 -8.26 -7.21
CA ARG B 125 -30.33 -8.69 -6.05
C ARG B 125 -30.22 -7.72 -4.87
N PRO B 126 -29.05 -7.21 -4.48
CA PRO B 126 -29.04 -6.24 -3.38
C PRO B 126 -29.90 -5.01 -3.66
N ILE B 127 -29.88 -4.48 -4.88
CA ILE B 127 -30.66 -3.29 -5.18
C ILE B 127 -32.16 -3.60 -5.13
N VAL B 128 -32.56 -4.71 -5.78
CA VAL B 128 -33.97 -5.06 -5.80
C VAL B 128 -34.48 -5.35 -4.40
N GLY B 129 -33.68 -6.07 -3.60
CA GLY B 129 -34.08 -6.35 -2.24
C GLY B 129 -34.16 -5.11 -1.37
N ALA B 130 -33.24 -4.18 -1.56
CA ALA B 130 -33.29 -2.93 -0.79
C ALA B 130 -34.55 -2.15 -1.12
N ILE B 131 -34.88 -2.03 -2.41
CA ILE B 131 -36.09 -1.31 -2.78
C ILE B 131 -37.33 -2.02 -2.25
N ALA B 132 -37.35 -3.35 -2.36
CA ALA B 132 -38.48 -4.11 -1.86
C ALA B 132 -38.65 -3.94 -0.34
N ALA B 133 -37.54 -3.97 0.40
CA ALA B 133 -37.64 -3.81 1.85
C ALA B 133 -38.08 -2.40 2.22
N SER B 134 -37.56 -1.39 1.52
CA SER B 134 -37.98 -0.02 1.81
C SER B 134 -39.45 0.18 1.50
N LEU B 135 -39.97 -0.52 0.49
CA LEU B 135 -41.40 -0.46 0.22
C LEU B 135 -42.21 -1.25 1.24
N ALA B 136 -41.69 -2.38 1.72
CA ALA B 136 -42.41 -3.23 2.65
C ALA B 136 -42.42 -2.69 4.07
N THR B 137 -41.51 -1.78 4.40
CA THR B 137 -41.50 -1.22 5.75
C THR B 137 -42.81 -0.50 6.07
N GLY B 138 -43.59 -0.13 5.07
CA GLY B 138 -44.86 0.52 5.24
C GLY B 138 -46.05 -0.42 5.34
N GLY B 139 -45.83 -1.73 5.37
CA GLY B 139 -46.92 -2.68 5.48
C GLY B 139 -47.87 -2.68 4.30
N SER B 140 -47.33 -2.69 3.09
CA SER B 140 -48.14 -2.68 1.87
C SER B 140 -47.75 -3.85 0.99
N ILE B 141 -48.73 -4.41 0.29
CA ILE B 141 -48.54 -5.60 -0.53
C ILE B 141 -47.84 -5.23 -1.84
N ILE B 142 -47.55 -3.94 -2.01
CA ILE B 142 -46.85 -3.49 -3.22
C ILE B 142 -45.46 -4.10 -3.30
N ALA B 143 -44.76 -4.17 -2.16
CA ALA B 143 -43.35 -4.56 -2.17
C ALA B 143 -43.10 -5.99 -2.64
N PRO B 144 -43.78 -7.03 -2.14
CA PRO B 144 -43.46 -8.38 -2.63
C PRO B 144 -43.75 -8.55 -4.10
N ILE B 145 -44.86 -7.99 -4.58
CA ILE B 145 -45.17 -8.10 -6.00
C ILE B 145 -44.15 -7.31 -6.83
N PHE B 146 -43.67 -6.18 -6.30
CA PHE B 146 -42.65 -5.43 -7.02
C PHE B 146 -41.36 -6.23 -7.15
N PHE B 147 -40.89 -6.79 -6.04
CA PHE B 147 -39.70 -7.62 -6.08
C PHE B 147 -39.87 -8.77 -7.05
N PHE B 148 -40.98 -9.51 -6.92
CA PHE B 148 -41.22 -10.67 -7.77
C PHE B 148 -41.22 -10.27 -9.25
N VAL B 149 -42.01 -9.26 -9.60
CA VAL B 149 -42.17 -8.88 -11.00
C VAL B 149 -40.84 -8.40 -11.57
N VAL B 150 -40.16 -7.50 -10.85
CA VAL B 150 -38.92 -6.94 -11.39
C VAL B 150 -37.87 -8.02 -11.56
N TRP B 151 -37.65 -8.83 -10.52
CA TRP B 151 -36.60 -9.84 -10.60
C TRP B 151 -36.92 -10.88 -11.67
N ASN B 152 -38.16 -11.35 -11.72
CA ASN B 152 -38.49 -12.39 -12.69
C ASN B 152 -38.48 -11.84 -14.11
N ALA B 153 -38.88 -10.59 -14.31
CA ALA B 153 -38.81 -10.00 -15.64
C ALA B 153 -37.37 -9.88 -16.10
N ILE B 154 -36.48 -9.38 -15.24
CA ILE B 154 -35.09 -9.23 -15.61
C ILE B 154 -34.48 -10.61 -15.91
N ARG B 155 -34.73 -11.57 -15.03
CA ARG B 155 -34.16 -12.91 -15.20
C ARG B 155 -34.69 -13.58 -16.46
N ILE B 156 -35.98 -13.45 -16.73
CA ILE B 156 -36.57 -14.12 -17.88
C ILE B 156 -36.10 -13.48 -19.19
N ALA B 157 -35.97 -12.15 -19.21
CA ALA B 157 -35.47 -11.48 -20.39
C ALA B 157 -34.03 -11.90 -20.66
N PHE B 158 -33.19 -11.88 -19.62
CA PHE B 158 -31.81 -12.30 -19.79
C PHE B 158 -31.75 -13.74 -20.28
N LEU B 159 -32.47 -14.65 -19.62
CA LEU B 159 -32.43 -16.06 -20.00
C LEU B 159 -32.80 -16.23 -21.46
N TRP B 160 -33.94 -15.67 -21.87
CA TRP B 160 -34.42 -15.91 -23.23
C TRP B 160 -33.50 -15.27 -24.27
N TYR B 161 -33.18 -13.99 -24.11
CA TYR B 161 -32.42 -13.30 -25.13
C TYR B 161 -30.99 -13.83 -25.23
N THR B 162 -30.36 -14.12 -24.09
CA THR B 162 -29.02 -14.70 -24.14
C THR B 162 -29.04 -16.13 -24.65
N GLN B 163 -30.11 -16.89 -24.40
CA GLN B 163 -30.22 -18.21 -24.98
C GLN B 163 -30.29 -18.12 -26.50
N GLU B 164 -31.08 -17.18 -27.02
CA GLU B 164 -31.15 -17.02 -28.46
C GLU B 164 -29.83 -16.52 -29.04
N PHE B 165 -29.19 -15.58 -28.36
CA PHE B 165 -27.87 -15.10 -28.79
C PHE B 165 -26.83 -16.21 -28.72
N GLY B 166 -27.03 -17.21 -27.88
CA GLY B 166 -26.17 -18.37 -27.88
C GLY B 166 -26.54 -19.41 -28.91
N TYR B 167 -27.78 -19.36 -29.41
CA TYR B 167 -28.15 -20.23 -30.53
C TYR B 167 -27.59 -19.68 -31.84
N LYS B 168 -28.02 -18.49 -32.23
CA LYS B 168 -27.36 -17.80 -33.33
C LYS B 168 -25.95 -17.43 -32.92
N GLN B 169 -25.09 -17.22 -33.91
CA GLN B 169 -23.67 -17.00 -33.66
C GLN B 169 -23.09 -18.15 -32.81
N GLY B 170 -23.13 -19.33 -33.42
CA GLY B 170 -22.81 -20.56 -32.75
C GLY B 170 -21.38 -20.98 -32.99
N THR B 171 -21.18 -21.88 -33.96
CA THR B 171 -19.83 -22.32 -34.32
C THR B 171 -18.84 -21.18 -34.46
N ALA B 172 -19.32 -19.96 -34.73
CA ALA B 172 -18.44 -18.79 -34.70
C ALA B 172 -17.81 -18.63 -33.32
N ILE B 173 -18.58 -18.84 -32.25
CA ILE B 173 -18.00 -18.74 -30.92
C ILE B 173 -17.01 -19.88 -30.67
N THR B 174 -17.23 -21.04 -31.29
CA THR B 174 -16.24 -22.11 -31.22
C THR B 174 -14.95 -21.70 -31.91
N SER B 175 -15.06 -21.02 -33.06
CA SER B 175 -13.87 -20.51 -33.74
C SER B 175 -13.15 -19.49 -32.88
N ASP B 176 -13.90 -18.60 -32.22
CA ASP B 176 -13.29 -17.62 -31.33
C ASP B 176 -12.57 -18.31 -30.17
N LEU B 177 -13.18 -19.35 -29.62
CA LEU B 177 -12.53 -20.11 -28.55
C LEU B 177 -11.24 -20.77 -29.04
N GLY B 178 -11.28 -21.37 -30.22
CA GLY B 178 -10.13 -22.04 -30.78
C GLY B 178 -9.11 -21.14 -31.43
N GLY B 179 -9.36 -19.84 -31.49
CA GLY B 179 -8.46 -18.88 -32.08
C GLY B 179 -7.32 -18.45 -31.19
N GLY B 180 -7.13 -19.10 -30.05
CA GLY B 180 -6.05 -18.77 -29.15
C GLY B 180 -6.39 -17.73 -28.11
N MET B 181 -7.58 -17.13 -28.18
CA MET B 181 -7.96 -16.15 -27.17
C MET B 181 -8.09 -16.79 -25.79
N LEU B 182 -8.63 -18.01 -25.73
CA LEU B 182 -8.83 -18.67 -24.45
C LEU B 182 -7.52 -18.89 -23.71
N GLN B 183 -6.44 -19.21 -24.45
CA GLN B 183 -5.14 -19.39 -23.82
C GLN B 183 -4.66 -18.13 -23.11
N GLN B 184 -5.22 -16.98 -23.47
CA GLN B 184 -4.94 -15.72 -22.79
C GLN B 184 -5.96 -15.39 -21.71
N ILE B 185 -7.24 -15.67 -21.97
CA ILE B 185 -8.28 -15.40 -20.98
C ILE B 185 -8.05 -16.21 -19.73
N THR B 186 -7.73 -17.50 -19.90
CA THR B 186 -7.52 -18.37 -18.75
C THR B 186 -6.34 -17.90 -17.91
N LYS B 187 -5.23 -17.52 -18.57
CA LYS B 187 -4.06 -17.06 -17.83
C LYS B 187 -4.35 -15.77 -17.08
N GLY B 188 -5.00 -14.81 -17.74
CA GLY B 188 -5.33 -13.57 -17.06
C GLY B 188 -6.27 -13.79 -15.89
N ALA B 189 -7.29 -14.63 -16.08
CA ALA B 189 -8.21 -14.93 -14.99
C ALA B 189 -7.50 -15.62 -13.84
N SER B 190 -6.58 -16.54 -14.14
CA SER B 190 -5.85 -17.23 -13.08
C SER B 190 -4.99 -16.26 -12.29
N ILE B 191 -4.30 -15.35 -12.98
CA ILE B 191 -3.45 -14.38 -12.28
C ILE B 191 -4.30 -13.49 -11.38
N LEU B 192 -5.41 -12.96 -11.91
CA LEU B 192 -6.27 -12.12 -11.11
C LEU B 192 -6.86 -12.87 -9.93
N GLY B 193 -7.28 -14.11 -10.15
CA GLY B 193 -7.86 -14.90 -9.08
C GLY B 193 -6.86 -15.20 -7.99
N MET B 194 -5.63 -15.54 -8.36
CA MET B 194 -4.62 -15.82 -7.36
C MET B 194 -4.30 -14.57 -6.54
N PHE B 195 -4.18 -13.42 -7.20
CA PHE B 195 -3.93 -12.18 -6.47
C PHE B 195 -5.05 -11.88 -5.48
N ILE B 196 -6.30 -11.96 -5.95
CA ILE B 196 -7.41 -11.66 -5.07
C ILE B 196 -7.52 -12.70 -3.97
N LEU B 197 -7.20 -13.96 -4.26
CA LEU B 197 -7.22 -14.99 -3.22
C LEU B 197 -6.22 -14.68 -2.12
N GLY B 198 -5.02 -14.25 -2.50
CA GLY B 198 -4.07 -13.81 -1.49
C GLY B 198 -4.61 -12.66 -0.65
N VAL B 199 -5.21 -11.68 -1.32
CA VAL B 199 -5.74 -10.53 -0.58
C VAL B 199 -6.82 -10.98 0.40
N LEU B 200 -7.69 -11.89 -0.03
CA LEU B 200 -8.78 -12.35 0.83
C LEU B 200 -8.28 -13.20 1.98
N ILE B 201 -7.29 -14.06 1.72
CA ILE B 201 -6.67 -14.83 2.81
C ILE B 201 -6.11 -13.89 3.87
N GLN B 202 -5.46 -12.81 3.43
CA GLN B 202 -4.96 -11.85 4.42
C GLN B 202 -6.12 -11.18 5.14
N ARG B 203 -7.16 -10.77 4.42
CA ARG B 203 -8.17 -9.88 4.98
C ARG B 203 -9.32 -10.62 5.64
N TRP B 204 -9.90 -11.61 4.96
CA TRP B 204 -11.16 -12.21 5.39
C TRP B 204 -10.98 -13.41 6.31
N VAL B 205 -9.88 -13.47 7.05
CA VAL B 205 -9.61 -14.58 7.97
C VAL B 205 -9.15 -13.95 9.29
N ASN B 206 -10.05 -13.86 10.27
CA ASN B 206 -9.77 -13.25 11.55
C ASN B 206 -9.59 -14.35 12.59
N ILE B 207 -8.35 -14.54 13.04
CA ILE B 207 -8.01 -15.58 14.01
C ILE B 207 -7.54 -14.87 15.27
N SER B 208 -8.16 -13.73 15.57
CA SER B 208 -7.80 -12.90 16.72
C SER B 208 -7.51 -13.74 17.95
N PHE B 209 -6.31 -13.58 18.51
CA PHE B 209 -5.80 -14.43 19.57
C PHE B 209 -5.75 -13.72 20.92
N THR B 210 -6.58 -12.70 21.13
CA THR B 210 -6.52 -11.95 22.38
C THR B 210 -6.88 -12.83 23.57
N GLY B 211 -8.15 -13.21 23.68
CA GLY B 211 -8.61 -14.06 24.76
C GLY B 211 -8.36 -13.48 26.14
N PRO B 212 -8.75 -14.20 27.18
CA PRO B 212 -8.30 -13.86 28.54
C PRO B 212 -6.96 -14.49 28.90
N ASN B 213 -6.64 -15.61 28.27
CA ASN B 213 -5.30 -16.19 28.32
C ASN B 213 -4.50 -15.66 27.13
N ALA B 214 -3.35 -16.26 26.86
CA ALA B 214 -2.46 -15.84 25.78
C ALA B 214 -2.12 -14.36 25.89
N MET B 215 -1.88 -13.91 27.11
CA MET B 215 -1.45 -12.54 27.39
C MET B 215 -0.06 -12.61 28.00
N LEU B 216 0.93 -12.11 27.27
CA LEU B 216 2.29 -12.10 27.77
C LEU B 216 2.38 -11.16 28.97
N PRO B 217 3.32 -11.42 29.89
CA PRO B 217 3.39 -10.62 31.12
C PRO B 217 3.56 -9.13 30.81
N SER B 218 2.89 -8.31 31.61
CA SER B 218 2.94 -6.87 31.45
C SER B 218 4.12 -6.30 32.22
N LYS B 219 4.84 -5.39 31.59
CA LYS B 219 6.03 -4.79 32.15
C LYS B 219 5.72 -3.41 32.72
N PRO B 220 6.48 -2.97 33.76
CA PRO B 220 6.21 -1.66 34.38
C PRO B 220 6.37 -0.49 33.43
N LEU B 221 6.81 -0.75 32.20
CA LEU B 221 6.96 0.26 31.16
C LEU B 221 8.03 1.29 31.54
N ALA B 222 7.63 2.54 31.73
CA ALA B 222 8.59 3.62 31.94
C ALA B 222 7.98 4.65 32.87
N ASP B 223 8.58 5.83 32.91
CA ASP B 223 8.18 6.88 33.82
C ASP B 223 7.75 8.10 33.00
N GLY B 224 6.94 7.86 31.98
CA GLY B 224 6.52 8.94 31.09
C GLY B 224 6.21 8.47 29.69
N ALA B 225 6.51 7.20 29.39
CA ALA B 225 6.12 6.63 28.11
C ALA B 225 4.62 6.37 28.01
N TYR B 226 3.89 6.51 29.11
CA TYR B 226 2.45 6.29 29.15
C TYR B 226 1.75 7.53 29.67
N VAL B 227 0.46 7.65 29.36
CA VAL B 227 -0.28 8.86 29.71
C VAL B 227 -0.36 9.03 31.22
N GLY B 228 -0.31 10.28 31.65
CA GLY B 228 -0.33 10.61 33.06
C GLY B 228 0.53 11.82 33.35
N GLU B 229 0.40 12.29 34.60
CA GLU B 229 1.08 13.51 35.02
C GLU B 229 1.86 13.28 36.30
N TRP B 230 2.34 14.35 36.92
CA TRP B 230 3.09 14.29 38.16
C TRP B 230 2.22 14.86 39.29
N ILE B 231 2.10 14.10 40.37
CA ILE B 231 1.39 14.56 41.56
C ILE B 231 2.42 14.80 42.65
N ASP B 232 2.41 16.01 43.21
CA ASP B 232 3.36 16.40 44.24
C ASP B 232 2.62 16.48 45.58
N LYS B 233 2.92 15.53 46.46
CA LYS B 233 2.33 15.45 47.79
C LYS B 233 0.81 15.47 47.72
N ALA B 234 0.20 16.64 47.93
CA ALA B 234 -1.25 16.79 47.89
C ALA B 234 -1.60 17.80 46.80
N GLY B 235 -2.21 17.30 45.72
CA GLY B 235 -2.66 18.16 44.66
C GLY B 235 -1.56 18.64 43.74
N LYS B 236 -1.96 19.51 42.80
CA LYS B 236 -1.07 20.16 41.84
C LYS B 236 -0.46 19.19 40.84
N VAL B 237 -0.10 19.71 39.67
CA VAL B 237 0.48 18.92 38.59
C VAL B 237 1.81 19.55 38.20
N VAL B 238 2.83 18.72 38.03
CA VAL B 238 4.20 19.20 37.83
C VAL B 238 4.73 18.63 36.52
N VAL B 239 5.68 19.34 35.91
CA VAL B 239 6.34 18.93 34.70
C VAL B 239 7.84 18.84 34.97
N GLN B 240 8.48 17.83 34.40
CA GLN B 240 9.93 17.67 34.52
C GLN B 240 10.65 18.82 33.83
N GLY B 241 11.73 19.29 34.45
CA GLY B 241 12.55 20.33 33.90
C GLY B 241 13.91 19.84 33.43
N ALA B 242 14.83 20.79 33.29
CA ALA B 242 16.18 20.46 32.84
C ALA B 242 16.92 19.66 33.90
N GLN B 243 17.71 18.68 33.45
CA GLN B 243 18.50 17.86 34.35
C GLN B 243 19.75 18.62 34.77
N THR B 244 20.00 18.66 36.08
CA THR B 244 21.15 19.35 36.64
C THR B 244 22.26 18.39 37.10
N GLY B 245 22.05 17.08 36.96
CA GLY B 245 23.06 16.12 37.37
C GLY B 245 22.57 15.11 38.38
N THR B 246 23.19 13.94 38.39
CA THR B 246 22.84 12.87 39.32
C THR B 246 23.75 12.92 40.54
N THR B 247 23.15 12.87 41.72
CA THR B 247 23.93 12.87 42.95
C THR B 247 24.61 11.51 43.14
N GLY B 248 25.62 11.50 44.01
CA GLY B 248 26.43 10.31 44.19
C GLY B 248 25.74 9.18 44.91
N ASP B 249 24.69 9.47 45.68
CA ASP B 249 24.00 8.42 46.42
C ASP B 249 23.22 7.48 45.50
N GLY B 250 22.93 7.90 44.28
CA GLY B 250 22.23 7.04 43.34
C GLY B 250 20.87 7.58 42.91
N VAL B 251 20.68 8.88 43.04
CA VAL B 251 19.45 9.53 42.64
C VAL B 251 19.77 10.84 41.93
N ALA B 252 19.01 11.17 40.89
CA ALA B 252 19.22 12.36 40.10
C ALA B 252 18.12 13.38 40.39
N LYS B 253 18.53 14.60 40.70
CA LYS B 253 17.56 15.66 40.95
C LYS B 253 16.96 16.14 39.63
N PHE B 254 15.62 16.18 39.57
CA PHE B 254 14.90 16.61 38.39
C PHE B 254 14.24 17.96 38.66
N ASP B 255 14.49 18.92 37.78
CA ASP B 255 13.84 20.21 37.89
C ASP B 255 12.33 20.05 37.76
N TRP B 256 11.60 20.74 38.63
CA TRP B 256 10.15 20.67 38.66
C TRP B 256 9.57 22.02 38.29
N LEU B 257 8.58 22.02 37.40
CA LEU B 257 7.92 23.25 36.96
C LEU B 257 6.42 23.11 37.13
N ASP B 258 5.78 24.17 37.61
CA ASP B 258 4.31 24.18 37.67
C ASP B 258 3.75 24.34 36.27
N GLN B 259 2.44 24.09 36.14
CA GLN B 259 1.79 24.23 34.85
C GLN B 259 1.45 25.69 34.57
N ALA B 260 2.42 26.58 34.79
CA ALA B 260 2.29 27.99 34.46
C ALA B 260 3.55 28.59 33.86
N GLY B 261 4.68 27.89 33.87
CA GLY B 261 5.94 28.44 33.42
C GLY B 261 6.92 28.82 34.50
N ASN B 262 6.60 28.55 35.77
CA ASN B 262 7.49 28.86 36.88
C ASN B 262 8.18 27.59 37.39
N GLY B 263 9.12 27.79 38.31
CA GLY B 263 9.97 26.71 38.82
C GLY B 263 9.76 26.61 40.32
N VAL B 264 9.36 25.42 40.79
CA VAL B 264 9.19 25.13 42.21
C VAL B 264 9.79 23.75 42.48
N GLY B 265 10.15 23.52 43.74
CA GLY B 265 10.58 22.21 44.19
C GLY B 265 12.04 21.88 43.94
N ASN B 266 12.39 21.54 42.69
CA ASN B 266 13.77 21.26 42.30
C ASN B 266 14.36 20.09 43.11
N GLY B 267 13.80 18.91 42.91
CA GLY B 267 14.25 17.74 43.63
C GLY B 267 14.33 16.45 42.83
N VAL B 268 14.15 15.33 43.52
CA VAL B 268 14.29 14.01 42.90
C VAL B 268 12.91 13.48 42.54
N ALA B 269 12.89 12.42 41.73
CA ALA B 269 11.65 11.84 41.24
C ALA B 269 11.54 10.39 41.69
N GLY B 270 10.35 9.99 42.13
CA GLY B 270 10.09 8.61 42.47
C GLY B 270 9.88 8.38 43.96
N GLN B 271 8.63 8.28 44.38
CA GLN B 271 8.26 7.97 45.76
C GLN B 271 8.85 8.96 46.75
N GLY B 272 10.17 8.87 46.96
CA GLY B 272 10.83 9.76 47.92
C GLY B 272 10.88 11.22 47.51
N GLY B 273 10.71 11.51 46.22
CA GLY B 273 10.69 12.88 45.76
C GLY B 273 9.38 13.58 46.06
N PHE B 274 9.33 14.86 45.72
CA PHE B 274 8.11 15.63 45.95
C PHE B 274 6.96 15.10 45.10
N ALA B 275 7.23 14.76 43.85
CA ALA B 275 6.20 14.37 42.91
C ALA B 275 6.48 12.99 42.35
N HIS B 276 5.40 12.25 42.09
CA HIS B 276 5.48 10.93 41.49
C HIS B 276 4.52 10.84 40.31
N TYR B 277 4.84 9.95 39.38
CA TYR B 277 4.05 9.78 38.16
C TYR B 277 2.76 9.02 38.44
N VAL B 278 1.67 9.48 37.81
CA VAL B 278 0.37 8.84 37.94
C VAL B 278 -0.33 8.86 36.58
N THR B 279 -1.33 8.00 36.46
CA THR B 279 -2.18 7.96 35.27
C THR B 279 -3.37 8.90 35.46
N VAL B 280 -4.24 8.94 34.45
CA VAL B 280 -5.39 9.83 34.50
C VAL B 280 -6.49 9.33 35.43
N ASP B 281 -6.41 8.07 35.86
CA ASP B 281 -7.48 7.50 36.70
C ASP B 281 -7.59 8.23 38.03
N GLN B 282 -6.47 8.56 38.66
CA GLN B 282 -6.47 8.98 40.05
C GLN B 282 -6.73 10.46 40.24
N LEU B 283 -6.03 11.32 39.50
CA LEU B 283 -6.12 12.75 39.74
C LEU B 283 -7.50 13.29 39.36
N ASN B 284 -7.97 14.23 40.15
CA ASN B 284 -9.25 14.90 39.93
C ASN B 284 -9.01 16.37 39.62
N THR B 285 -10.11 17.08 39.35
CA THR B 285 -10.07 18.51 39.04
C THR B 285 -9.07 18.80 37.93
N VAL B 286 -9.14 17.98 36.88
CA VAL B 286 -8.18 18.08 35.79
C VAL B 286 -8.46 19.34 34.98
N ASP B 287 -7.47 20.22 34.89
CA ASP B 287 -7.66 21.53 34.31
C ASP B 287 -7.38 21.54 32.81
N GLY B 288 -7.67 22.68 32.19
CA GLY B 288 -7.60 22.77 30.73
C GLY B 288 -6.21 22.53 30.18
N SER B 289 -5.19 23.10 30.83
CA SER B 289 -3.82 22.87 30.36
C SER B 289 -3.43 21.41 30.50
N THR B 290 -3.86 20.77 31.59
CA THR B 290 -3.62 19.34 31.75
C THR B 290 -4.29 18.54 30.64
N LEU B 291 -5.51 18.91 30.26
CA LEU B 291 -6.13 18.28 29.10
C LEU B 291 -5.30 18.52 27.85
N HIS B 292 -4.81 19.74 27.67
CA HIS B 292 -4.06 20.05 26.47
C HIS B 292 -2.84 19.14 26.35
N ASN B 293 -2.13 18.96 27.45
CA ASN B 293 -0.98 18.07 27.42
C ASN B 293 -1.40 16.61 27.27
N ILE B 294 -2.56 16.23 27.82
CA ILE B 294 -3.01 14.85 27.70
C ILE B 294 -3.32 14.50 26.25
N LEU B 295 -4.10 15.34 25.57
CA LEU B 295 -4.34 15.11 24.15
C LEU B 295 -3.09 15.30 23.30
N GLY B 296 -2.16 16.17 23.72
CA GLY B 296 -0.89 16.23 23.03
C GLY B 296 -0.14 14.92 23.09
N GLN B 297 -0.17 14.27 24.26
CA GLN B 297 0.49 12.98 24.43
C GLN B 297 -0.21 11.90 23.62
N VAL B 298 -1.54 11.80 23.74
CA VAL B 298 -2.24 10.71 23.08
C VAL B 298 -2.22 10.86 21.57
N SER B 299 -2.27 12.10 21.07
CA SER B 299 -2.20 12.33 19.63
C SER B 299 -0.83 11.98 19.07
N SER B 300 0.20 11.91 19.92
CA SER B 300 1.54 11.56 19.48
C SER B 300 1.75 10.06 19.39
N GLY B 301 0.74 9.26 19.70
CA GLY B 301 0.90 7.82 19.71
C GLY B 301 1.49 7.26 20.99
N LEU B 302 1.70 8.10 21.99
CA LEU B 302 2.27 7.66 23.25
C LEU B 302 1.31 6.70 23.96
N GLY B 303 1.89 5.73 24.68
CA GLY B 303 1.11 4.63 25.21
C GLY B 303 0.04 5.08 26.19
N LEU B 304 -0.93 4.19 26.41
CA LEU B 304 -2.12 4.51 27.18
C LEU B 304 -2.14 3.83 28.53
N SER B 305 -2.07 2.50 28.58
CA SER B 305 -2.15 1.79 29.84
C SER B 305 -0.83 1.91 30.60
N PRO B 306 -0.87 2.06 31.93
CA PRO B 306 0.39 2.04 32.69
C PRO B 306 1.17 0.75 32.52
N GLU B 307 0.48 -0.38 32.42
CA GLU B 307 1.10 -1.68 32.21
C GLU B 307 0.67 -2.19 30.84
N GLN B 308 1.51 -1.99 29.83
CA GLN B 308 1.16 -2.45 28.49
C GLN B 308 1.12 -3.97 28.46
N THR B 309 0.18 -4.51 27.70
CA THR B 309 -0.05 -5.95 27.63
C THR B 309 0.11 -6.39 26.18
N GLN B 310 1.16 -7.16 25.91
CA GLN B 310 1.44 -7.65 24.57
C GLN B 310 0.76 -9.00 24.42
N SER B 311 -0.40 -9.02 23.76
CA SER B 311 -1.08 -10.28 23.49
C SER B 311 -0.30 -11.09 22.46
N LEU B 312 -0.60 -12.38 22.39
CA LEU B 312 -0.01 -13.21 21.36
C LEU B 312 -0.35 -12.70 19.97
N GLN B 313 -1.55 -12.13 19.80
CA GLN B 313 -1.92 -11.54 18.52
C GLN B 313 -1.01 -10.37 18.17
N ASP B 314 -0.65 -9.56 19.17
CA ASP B 314 0.24 -8.44 18.90
C ASP B 314 1.61 -8.92 18.45
N VAL B 315 2.14 -9.97 19.08
CA VAL B 315 3.42 -10.52 18.67
C VAL B 315 3.33 -11.06 17.25
N PHE B 316 2.25 -11.79 16.95
CA PHE B 316 2.09 -12.32 15.61
C PHE B 316 2.00 -11.21 14.57
N ASN B 317 1.28 -10.14 14.87
CA ASN B 317 1.19 -9.02 13.94
C ASN B 317 2.55 -8.33 13.76
N SER B 318 3.30 -8.14 14.85
CA SER B 318 4.63 -7.57 14.73
C SER B 318 5.54 -8.47 13.89
N LEU B 319 5.30 -9.78 13.92
CA LEU B 319 6.00 -10.66 13.00
C LEU B 319 5.56 -10.39 11.56
N ILE B 320 4.30 -10.62 11.27
CA ILE B 320 3.69 -10.25 9.99
C ILE B 320 2.17 -10.38 10.12
N PRO B 321 1.39 -9.38 9.69
CA PRO B 321 -0.07 -9.51 9.78
C PRO B 321 -0.57 -10.70 8.96
N GLY B 322 -1.57 -11.38 9.49
CA GLY B 322 -2.13 -12.53 8.80
C GLY B 322 -1.23 -13.75 8.78
N PHE B 323 -0.34 -13.87 9.77
CA PHE B 323 0.56 -15.02 9.83
C PHE B 323 -0.24 -16.32 10.01
N ILE B 324 -1.17 -16.32 10.95
CA ILE B 324 -1.94 -17.52 11.25
C ILE B 324 -2.80 -17.90 10.06
N ALA B 325 -3.31 -16.90 9.33
CA ALA B 325 -4.11 -17.20 8.14
C ALA B 325 -3.29 -17.94 7.10
N LEU B 326 -2.06 -17.48 6.85
CA LEU B 326 -1.19 -18.17 5.91
C LEU B 326 -0.86 -19.58 6.39
N LEU B 327 -0.59 -19.74 7.69
CA LEU B 327 -0.26 -21.06 8.20
C LEU B 327 -1.44 -22.02 8.04
N LEU B 328 -2.65 -21.56 8.35
CA LEU B 328 -3.82 -22.41 8.17
C LEU B 328 -4.05 -22.73 6.69
N THR B 329 -3.85 -21.76 5.81
CA THR B 329 -4.00 -22.01 4.39
C THR B 329 -3.04 -23.09 3.92
N PHE B 330 -1.79 -23.01 4.35
CA PHE B 330 -0.82 -24.01 3.91
C PHE B 330 -1.10 -25.37 4.54
N LEU B 331 -1.58 -25.38 5.78
CA LEU B 331 -1.92 -26.65 6.42
C LEU B 331 -3.06 -27.34 5.68
N VAL B 332 -4.12 -26.59 5.36
CA VAL B 332 -5.24 -27.21 4.66
C VAL B 332 -4.84 -27.58 3.24
N LEU B 333 -3.93 -26.82 2.63
CA LEU B 333 -3.42 -27.20 1.32
C LEU B 333 -2.68 -28.53 1.39
N TRP B 334 -1.86 -28.73 2.42
CA TRP B 334 -1.16 -30.00 2.56
C TRP B 334 -2.13 -31.13 2.85
N ILE B 335 -3.15 -30.87 3.67
CA ILE B 335 -4.15 -31.91 3.96
C ILE B 335 -4.88 -32.32 2.70
N LEU B 336 -5.22 -31.35 1.85
CA LEU B 336 -5.88 -31.68 0.59
C LEU B 336 -4.92 -32.36 -0.38
N ARG B 337 -3.63 -32.03 -0.31
CA ARG B 337 -2.66 -32.69 -1.17
C ARG B 337 -2.42 -34.13 -0.73
N LYS B 338 -2.28 -34.37 0.57
CA LYS B 338 -2.13 -35.72 1.11
C LYS B 338 -3.50 -36.36 1.14
N TRP B 339 -3.72 -37.36 0.29
CA TRP B 339 -5.05 -37.88 0.03
C TRP B 339 -5.55 -38.61 1.27
N LYS B 340 -6.36 -37.94 2.07
CA LYS B 340 -6.98 -38.55 3.25
C LYS B 340 -8.37 -39.06 2.90
N ASN B 341 -8.42 -39.92 1.89
CA ASN B 341 -9.66 -40.49 1.36
C ASN B 341 -10.61 -39.40 0.88
N LYS B 342 -11.85 -39.79 0.57
CA LYS B 342 -12.84 -38.85 0.06
C LYS B 342 -13.49 -38.09 1.22
N ASN B 343 -14.37 -37.14 0.86
CA ASN B 343 -15.08 -36.31 1.82
C ASN B 343 -14.13 -35.54 2.74
N ALA B 344 -12.90 -35.30 2.27
CA ALA B 344 -11.94 -34.57 3.10
C ALA B 344 -12.39 -33.16 3.48
N PRO B 345 -12.97 -32.34 2.59
CA PRO B 345 -13.36 -30.99 3.02
C PRO B 345 -14.34 -30.97 4.18
N LEU B 346 -15.31 -31.88 4.22
CA LEU B 346 -16.27 -31.88 5.32
C LEU B 346 -15.60 -32.24 6.64
N PHE B 347 -14.71 -33.23 6.61
CA PHE B 347 -13.94 -33.57 7.80
C PHE B 347 -13.10 -32.40 8.26
N ILE B 348 -12.50 -31.68 7.30
CA ILE B 348 -11.71 -30.50 7.66
C ILE B 348 -12.59 -29.44 8.30
N ILE B 349 -13.79 -29.25 7.77
CA ILE B 349 -14.70 -28.24 8.31
C ILE B 349 -15.07 -28.58 9.75
N ILE B 350 -15.45 -29.83 10.01
CA ILE B 350 -15.87 -30.19 11.35
C ILE B 350 -14.68 -30.16 12.30
N GLY B 351 -13.50 -30.59 11.84
CA GLY B 351 -12.32 -30.53 12.68
C GLY B 351 -11.93 -29.11 13.04
N MET B 352 -12.05 -28.18 12.08
CA MET B 352 -11.72 -26.79 12.37
C MET B 352 -12.75 -26.15 13.28
N PHE B 353 -14.02 -26.53 13.15
CA PHE B 353 -15.02 -26.03 14.09
C PHE B 353 -14.73 -26.52 15.51
N VAL B 354 -14.36 -27.80 15.63
CA VAL B 354 -13.99 -28.34 16.95
C VAL B 354 -12.75 -27.62 17.48
N LEU B 355 -11.79 -27.33 16.59
CA LEU B 355 -10.59 -26.62 16.99
C LEU B 355 -10.93 -25.21 17.50
N GLY B 356 -11.86 -24.53 16.83
CA GLY B 356 -12.30 -23.24 17.31
C GLY B 356 -12.96 -23.32 18.67
N ILE B 357 -13.79 -24.35 18.86
CA ILE B 357 -14.42 -24.53 20.17
C ILE B 357 -13.35 -24.74 21.24
N VAL B 358 -12.35 -25.56 20.95
CA VAL B 358 -11.28 -25.83 21.91
C VAL B 358 -10.50 -24.55 22.20
N LEU B 359 -10.20 -23.78 21.18
CA LEU B 359 -9.44 -22.54 21.37
C LEU B 359 -10.22 -21.56 22.23
N HIS B 360 -11.53 -21.45 22.01
CA HIS B 360 -12.31 -20.51 22.81
C HIS B 360 -12.42 -20.98 24.26
N VAL B 361 -12.70 -22.27 24.47
CA VAL B 361 -12.89 -22.74 25.84
C VAL B 361 -11.57 -22.71 26.60
N ALA B 362 -10.45 -22.91 25.93
CA ALA B 362 -9.15 -22.85 26.57
C ALA B 362 -8.71 -21.42 26.90
N GLY B 363 -9.44 -20.42 26.43
CA GLY B 363 -9.08 -19.04 26.69
C GLY B 363 -8.07 -18.43 25.74
N LEU B 364 -7.68 -19.16 24.69
CA LEU B 364 -6.73 -18.61 23.74
C LEU B 364 -7.39 -17.57 22.84
N ALA B 365 -8.40 -17.98 22.08
CA ALA B 365 -9.07 -17.06 21.16
C ALA B 365 -10.39 -16.58 21.76
N HIS C 1 -19.20 -3.06 20.43
CA HIS C 1 -17.88 -3.46 20.88
C HIS C 1 -17.86 -4.92 21.28
N GLU C 2 -19.02 -5.45 21.64
CA GLU C 2 -19.12 -6.83 22.08
C GLU C 2 -18.97 -7.78 20.89
N TYR C 3 -18.98 -9.07 21.20
CA TYR C 3 -18.67 -10.09 20.20
C TYR C 3 -19.75 -10.10 19.11
N HIS C 4 -19.31 -10.17 17.86
CA HIS C 4 -20.19 -10.29 16.70
C HIS C 4 -20.17 -11.75 16.27
N LEU C 5 -21.10 -12.55 16.81
CA LEU C 5 -21.15 -13.96 16.44
C LEU C 5 -21.44 -14.12 14.96
N MET C 6 -22.52 -13.49 14.48
CA MET C 6 -22.88 -13.50 13.07
C MET C 6 -23.19 -12.08 12.64
N ASN C 7 -22.66 -11.69 11.49
CA ASN C 7 -22.87 -10.36 10.92
C ASN C 7 -23.60 -10.49 9.60
N GLY C 8 -24.82 -9.98 9.54
CA GLY C 8 -25.57 -9.94 8.31
C GLY C 8 -25.14 -8.78 7.44
N ALA C 9 -25.87 -8.61 6.34
CA ALA C 9 -25.59 -7.49 5.44
C ALA C 9 -25.72 -6.15 6.16
N ASN C 10 -26.53 -6.11 7.21
CA ASN C 10 -26.58 -4.97 8.11
C ASN C 10 -26.70 -5.48 9.53
N GLY C 11 -25.98 -4.86 10.45
CA GLY C 11 -26.03 -5.25 11.83
C GLY C 11 -25.26 -6.53 12.12
N TYR C 12 -25.44 -7.02 13.34
CA TYR C 12 -24.74 -8.20 13.82
C TYR C 12 -25.67 -8.98 14.75
N LEU C 13 -25.13 -10.05 15.34
CA LEU C 13 -25.90 -10.91 16.24
C LEU C 13 -24.98 -11.30 17.39
N THR C 14 -25.24 -10.75 18.57
CA THR C 14 -24.47 -11.03 19.77
C THR C 14 -25.27 -11.95 20.68
N ARG C 15 -24.78 -12.16 21.90
CA ARG C 15 -25.50 -12.99 22.86
C ARG C 15 -26.41 -12.14 23.76
N VAL C 16 -25.83 -11.26 24.55
CA VAL C 16 -26.54 -10.35 25.47
C VAL C 16 -27.41 -11.14 26.45
N ASN C 17 -27.03 -11.12 27.72
CA ASN C 17 -27.76 -11.81 28.78
C ASN C 17 -27.94 -13.29 28.42
N GLY C 18 -29.19 -13.74 28.38
CA GLY C 18 -29.49 -15.08 27.93
C GLY C 18 -30.34 -15.08 26.69
N LYS C 19 -30.91 -13.92 26.37
CA LYS C 19 -31.80 -13.77 25.22
C LYS C 19 -31.01 -13.21 24.04
N TYR C 20 -30.98 -13.95 22.94
CA TYR C 20 -30.27 -13.50 21.75
C TYR C 20 -30.92 -12.24 21.18
N VAL C 21 -30.09 -11.35 20.65
CA VAL C 21 -30.56 -10.09 20.08
C VAL C 21 -29.83 -9.82 18.78
N TYR C 22 -30.46 -9.03 17.93
CA TYR C 22 -29.87 -8.55 16.68
C TYR C 22 -29.95 -7.04 16.66
N ARG C 23 -28.84 -6.39 16.31
CA ARG C 23 -28.77 -4.94 16.20
C ARG C 23 -28.38 -4.55 14.79
N VAL C 24 -29.17 -3.68 14.19
CA VAL C 24 -28.88 -3.15 12.85
C VAL C 24 -28.09 -1.86 13.00
N THR C 25 -26.98 -1.77 12.27
CA THR C 25 -26.11 -0.60 12.35
C THR C 25 -25.85 0.07 11.02
N LYS C 26 -26.49 -0.38 9.95
CA LYS C 26 -26.24 0.15 8.61
C LYS C 26 -27.56 0.61 7.98
N ASP C 27 -27.50 1.77 7.32
CA ASP C 27 -28.59 2.21 6.49
C ASP C 27 -28.69 1.30 5.26
N PRO C 28 -29.90 1.00 4.79
CA PRO C 28 -30.05 0.09 3.64
C PRO C 28 -29.18 0.44 2.44
N VAL C 29 -29.04 1.71 2.10
CA VAL C 29 -28.18 2.08 0.97
C VAL C 29 -26.73 1.78 1.29
N SER C 30 -26.29 2.07 2.52
CA SER C 30 -24.92 1.76 2.90
C SER C 30 -24.67 0.25 2.91
N ALA C 31 -25.64 -0.52 3.39
CA ALA C 31 -25.50 -1.98 3.36
C ALA C 31 -25.43 -2.50 1.94
N VAL C 32 -26.25 -1.92 1.05
CA VAL C 32 -26.22 -2.34 -0.36
C VAL C 32 -24.87 -2.03 -0.97
N PHE C 33 -24.33 -0.85 -0.70
CA PHE C 33 -23.02 -0.52 -1.24
C PHE C 33 -21.93 -1.41 -0.64
N GLY C 34 -22.06 -1.76 0.64
CA GLY C 34 -21.09 -2.64 1.25
C GLY C 34 -21.08 -4.02 0.63
N VAL C 35 -22.27 -4.58 0.42
CA VAL C 35 -22.33 -5.90 -0.22
C VAL C 35 -21.90 -5.80 -1.68
N ILE C 36 -22.17 -4.67 -2.34
CA ILE C 36 -21.67 -4.44 -3.69
C ILE C 36 -20.15 -4.50 -3.71
N SER C 37 -19.51 -3.80 -2.76
CA SER C 37 -18.06 -3.75 -2.72
C SER C 37 -17.48 -5.13 -2.40
N ASN C 38 -18.06 -5.84 -1.44
CA ASN C 38 -17.57 -7.17 -1.11
C ASN C 38 -17.71 -8.12 -2.29
N GLY C 39 -18.86 -8.07 -2.97
CA GLY C 39 -19.05 -8.95 -4.11
C GLY C 39 -18.10 -8.64 -5.24
N TRP C 40 -17.89 -7.36 -5.54
CA TRP C 40 -16.99 -7.00 -6.63
C TRP C 40 -15.53 -7.30 -6.29
N GLY C 41 -15.14 -7.11 -5.02
CA GLY C 41 -13.80 -7.49 -4.61
C GLY C 41 -13.56 -8.98 -4.70
N SER C 42 -14.52 -9.78 -4.21
CA SER C 42 -14.40 -11.23 -4.31
C SER C 42 -14.58 -11.73 -5.74
N ALA C 43 -15.14 -10.92 -6.63
CA ALA C 43 -15.28 -11.33 -8.03
C ALA C 43 -13.94 -11.61 -8.67
N GLY C 44 -12.88 -10.93 -8.20
CA GLY C 44 -11.55 -11.28 -8.65
C GLY C 44 -11.22 -12.73 -8.35
N ALA C 45 -11.60 -13.21 -7.17
CA ALA C 45 -11.47 -14.63 -6.86
C ALA C 45 -12.35 -15.45 -7.79
N GLY C 46 -12.17 -16.75 -7.72
CA GLY C 46 -12.82 -17.62 -8.68
C GLY C 46 -12.22 -17.39 -10.04
N PHE C 47 -13.07 -17.26 -11.05
CA PHE C 47 -12.66 -17.04 -12.44
C PHE C 47 -11.79 -18.17 -12.99
N GLY C 48 -11.61 -19.24 -12.22
CA GLY C 48 -10.69 -20.30 -12.57
C GLY C 48 -11.38 -21.49 -13.20
N PRO C 49 -10.63 -22.58 -13.38
CA PRO C 49 -11.22 -23.77 -14.01
C PRO C 49 -12.39 -24.35 -13.23
N GLN C 50 -12.36 -24.28 -11.90
CA GLN C 50 -13.39 -24.87 -11.05
C GLN C 50 -13.60 -26.34 -11.38
N HIS C 51 -12.49 -27.06 -11.57
CA HIS C 51 -12.51 -28.45 -12.02
C HIS C 51 -13.27 -28.58 -13.34
N MET D 1 -1.79 51.37 -1.13
CA MET D 1 -0.81 50.70 -1.99
C MET D 1 0.31 51.65 -2.39
N SER D 2 1.52 51.32 -1.99
CA SER D 2 2.68 52.12 -2.36
C SER D 2 3.03 51.92 -3.82
N ILE D 3 3.73 52.90 -4.39
CA ILE D 3 4.10 52.83 -5.80
C ILE D 3 5.10 51.71 -6.07
N ILE D 4 5.82 51.26 -5.04
CA ILE D 4 6.76 50.15 -5.24
C ILE D 4 6.01 48.89 -5.65
N SER D 5 4.89 48.60 -4.99
CA SER D 5 4.06 47.49 -5.43
C SER D 5 3.58 47.70 -6.86
N ILE D 6 3.25 48.94 -7.22
CA ILE D 6 2.69 49.21 -8.55
C ILE D 6 3.73 48.91 -9.62
N ILE D 7 4.94 49.44 -9.50
CA ILE D 7 5.90 49.19 -10.56
C ILE D 7 6.45 47.76 -10.49
N LEU D 8 6.43 47.12 -9.32
CA LEU D 8 6.80 45.71 -9.24
C LEU D 8 5.81 44.83 -10.01
N VAL D 9 4.50 45.04 -9.78
CA VAL D 9 3.53 44.25 -10.53
C VAL D 9 3.60 44.59 -12.00
N LEU D 10 3.91 45.84 -12.35
CA LEU D 10 4.05 46.20 -13.76
C LEU D 10 5.18 45.40 -14.42
N ILE D 11 6.36 45.38 -13.80
CA ILE D 11 7.47 44.67 -14.42
C ILE D 11 7.20 43.17 -14.46
N PHE D 12 6.58 42.64 -13.39
CA PHE D 12 6.26 41.22 -13.37
C PHE D 12 5.31 40.85 -14.49
N ALA D 13 4.29 41.68 -14.73
CA ALA D 13 3.43 41.48 -15.89
C ALA D 13 4.22 41.58 -17.18
N PHE D 14 5.23 42.45 -17.23
CA PHE D 14 6.04 42.58 -18.44
C PHE D 14 6.77 41.27 -18.76
N LEU D 15 7.43 40.68 -17.75
CA LEU D 15 8.09 39.40 -18.02
C LEU D 15 7.08 38.31 -18.32
N ALA D 16 5.91 38.36 -17.67
CA ALA D 16 4.87 37.39 -17.98
C ALA D 16 4.46 37.47 -19.45
N GLY D 17 4.33 38.69 -19.98
CA GLY D 17 4.08 38.85 -21.40
C GLY D 17 5.23 38.37 -22.26
N LEU D 18 6.46 38.51 -21.77
CA LEU D 18 7.60 37.97 -22.51
C LEU D 18 7.50 36.45 -22.65
N GLU D 19 7.27 35.75 -21.54
CA GLU D 19 7.23 34.29 -21.60
C GLU D 19 5.87 33.75 -22.01
N GLY D 20 4.90 34.63 -22.27
CA GLY D 20 3.70 34.19 -22.95
C GLY D 20 3.99 33.51 -24.26
N ILE D 21 5.09 33.87 -24.92
CA ILE D 21 5.56 33.10 -26.06
C ILE D 21 6.99 32.61 -25.87
N LEU D 22 7.81 33.28 -25.07
CA LEU D 22 9.16 32.78 -24.79
C LEU D 22 9.10 31.40 -24.14
N ASP D 23 8.33 31.27 -23.06
CA ASP D 23 8.09 29.99 -22.39
C ASP D 23 9.39 29.33 -21.96
N GLN D 24 10.34 30.13 -21.48
CA GLN D 24 11.65 29.63 -21.07
C GLN D 24 11.83 29.67 -19.56
N TRP D 25 11.68 30.84 -18.95
CA TRP D 25 11.81 30.96 -17.50
C TRP D 25 10.54 30.61 -16.76
N GLN D 26 9.41 30.52 -17.45
CA GLN D 26 8.11 30.19 -16.86
C GLN D 26 7.69 31.20 -15.79
N PHE D 27 8.08 32.47 -15.93
CA PHE D 27 7.52 33.47 -15.04
C PHE D 27 6.04 33.71 -15.31
N HIS D 28 5.52 33.22 -16.44
CA HIS D 28 4.13 33.41 -16.80
C HIS D 28 3.21 32.37 -16.19
N GLN D 29 3.75 31.22 -15.77
CA GLN D 29 2.92 30.18 -15.18
C GLN D 29 2.32 30.66 -13.85
N PRO D 30 1.10 30.21 -13.53
CA PRO D 30 0.43 30.72 -12.33
C PRO D 30 1.20 30.48 -11.05
N ILE D 31 1.88 29.33 -10.92
CA ILE D 31 2.61 29.05 -9.69
C ILE D 31 3.73 30.06 -9.50
N ILE D 32 4.29 30.58 -10.59
CA ILE D 32 5.32 31.61 -10.50
C ILE D 32 4.73 33.01 -10.48
N ALA D 33 3.85 33.30 -11.44
CA ALA D 33 3.35 34.67 -11.60
C ALA D 33 2.48 35.09 -10.42
N CYS D 34 1.54 34.24 -10.03
CA CYS D 34 0.67 34.58 -8.91
C CYS D 34 1.46 34.71 -7.61
N SER D 35 2.42 33.81 -7.41
CA SER D 35 3.28 33.92 -6.23
C SER D 35 4.06 35.23 -6.24
N LEU D 36 4.63 35.59 -7.40
CA LEU D 36 5.42 36.81 -7.51
C LEU D 36 4.56 38.03 -7.19
N ILE D 37 3.35 38.08 -7.73
CA ILE D 37 2.43 39.16 -7.36
C ILE D 37 2.10 39.09 -5.88
N GLY D 38 2.15 37.89 -5.30
CA GLY D 38 1.97 37.78 -3.86
C GLY D 38 3.04 38.50 -3.07
N ILE D 39 4.31 38.26 -3.40
CA ILE D 39 5.36 39.00 -2.67
C ILE D 39 5.28 40.48 -3.00
N ALA D 40 5.08 40.83 -4.27
CA ALA D 40 5.14 42.23 -4.68
C ALA D 40 4.05 43.05 -3.99
N THR D 41 2.81 42.60 -4.09
CA THR D 41 1.67 43.36 -3.57
C THR D 41 1.26 42.87 -2.18
N GLY D 42 2.21 42.94 -1.25
CA GLY D 42 1.89 42.63 0.13
C GLY D 42 1.60 41.15 0.39
N HIS D 43 0.31 40.84 0.59
CA HIS D 43 -0.13 39.50 0.91
C HIS D 43 0.49 38.46 -0.01
N MET D 44 1.26 37.55 0.58
CA MET D 44 2.12 36.63 -0.16
C MET D 44 1.61 35.20 -0.14
N ALA D 45 1.07 34.73 0.98
CA ALA D 45 0.65 33.34 1.10
C ALA D 45 -0.49 33.03 0.13
N ALA D 46 -1.48 33.92 0.03
CA ALA D 46 -2.61 33.68 -0.85
C ALA D 46 -2.16 33.53 -2.30
N GLY D 47 -1.11 34.27 -2.69
CA GLY D 47 -0.56 34.09 -4.01
C GLY D 47 -0.11 32.66 -4.25
N ILE D 48 0.63 32.09 -3.31
CA ILE D 48 1.07 30.70 -3.44
C ILE D 48 -0.14 29.78 -3.46
N ILE D 49 -1.11 30.05 -2.61
CA ILE D 49 -2.27 29.15 -2.49
C ILE D 49 -3.00 29.06 -3.82
N LEU D 50 -3.33 30.20 -4.42
CA LEU D 50 -4.10 30.11 -5.65
C LEU D 50 -3.20 29.76 -6.83
N GLY D 51 -1.89 30.03 -6.72
CA GLY D 51 -0.99 29.50 -7.74
C GLY D 51 -1.03 28.00 -7.80
N GLY D 52 -0.98 27.35 -6.62
CA GLY D 52 -1.14 25.91 -6.58
C GLY D 52 -2.51 25.47 -7.05
N SER D 53 -3.55 26.21 -6.66
CA SER D 53 -4.90 25.85 -7.06
C SER D 53 -5.07 25.89 -8.58
N LEU D 54 -4.52 26.92 -9.23
CA LEU D 54 -4.67 27.13 -10.66
C LEU D 54 -3.67 26.34 -11.48
N GLN D 55 -2.58 25.86 -10.87
CA GLN D 55 -1.59 25.11 -11.63
C GLN D 55 -2.19 23.82 -12.18
N MET D 56 -3.02 23.13 -11.39
CA MET D 56 -3.73 21.96 -11.90
C MET D 56 -4.47 22.27 -13.20
N ILE D 57 -5.17 23.41 -13.25
CA ILE D 57 -5.81 23.81 -14.49
C ILE D 57 -4.77 24.11 -15.55
N ALA D 58 -3.63 24.67 -15.15
CA ALA D 58 -2.62 25.10 -16.12
C ALA D 58 -1.89 23.93 -16.77
N LEU D 59 -1.95 22.73 -16.20
CA LEU D 59 -1.34 21.58 -16.86
C LEU D 59 -2.15 21.20 -18.09
N GLY D 60 -1.45 20.83 -19.16
CA GLY D 60 -2.10 20.59 -20.43
C GLY D 60 -2.43 21.85 -21.21
N TRP D 61 -1.85 22.99 -20.83
CA TRP D 61 -2.11 24.27 -21.46
C TRP D 61 -0.90 24.74 -22.27
N ALA D 62 -0.26 23.82 -22.97
CA ALA D 62 0.87 24.13 -23.82
C ALA D 62 0.44 24.20 -25.28
N ASN D 63 1.04 25.13 -26.02
CA ASN D 63 0.71 25.33 -27.43
C ASN D 63 1.65 24.51 -28.30
N VAL D 64 1.08 23.73 -29.21
CA VAL D 64 1.84 22.86 -30.10
C VAL D 64 1.34 23.06 -31.53
N GLY D 65 2.26 23.32 -32.45
CA GLY D 65 1.96 23.40 -33.86
C GLY D 65 0.92 24.44 -34.23
N ALA D 66 1.20 25.70 -33.94
CA ALA D 66 0.35 26.84 -34.27
C ALA D 66 -1.01 26.80 -33.59
N ALA D 67 -1.23 25.84 -32.69
CA ALA D 67 -2.46 25.77 -31.91
C ALA D 67 -2.22 26.52 -30.61
N VAL D 68 -2.67 27.78 -30.56
CA VAL D 68 -2.31 28.65 -29.45
C VAL D 68 -2.98 28.18 -28.17
N ALA D 69 -2.19 28.07 -27.11
CA ALA D 69 -2.67 27.58 -25.83
C ALA D 69 -3.57 28.61 -25.16
N PRO D 70 -4.37 28.19 -24.17
CA PRO D 70 -5.29 29.13 -23.52
C PRO D 70 -4.62 30.30 -22.81
N ASP D 71 -3.30 30.43 -22.93
CA ASP D 71 -2.55 31.59 -22.46
C ASP D 71 -2.75 31.75 -20.95
N ALA D 72 -2.12 30.83 -20.23
CA ALA D 72 -2.11 30.90 -18.77
C ALA D 72 -1.48 32.18 -18.26
N ALA D 73 -0.70 32.87 -19.08
CA ALA D 73 0.02 34.07 -18.63
C ALA D 73 -0.94 35.17 -18.21
N LEU D 74 -1.79 35.63 -19.14
CA LEU D 74 -2.71 36.70 -18.82
C LEU D 74 -3.70 36.28 -17.74
N ALA D 75 -4.17 35.04 -17.79
CA ALA D 75 -5.06 34.55 -16.74
C ALA D 75 -4.42 34.67 -15.37
N SER D 76 -3.19 34.19 -15.24
CA SER D 76 -2.49 34.24 -13.96
C SER D 76 -2.31 35.68 -13.50
N VAL D 77 -1.83 36.55 -14.38
CA VAL D 77 -1.55 37.93 -14.00
C VAL D 77 -2.83 38.64 -13.56
N ALA D 78 -3.89 38.50 -14.36
CA ALA D 78 -5.13 39.20 -14.05
C ALA D 78 -5.77 38.66 -12.77
N SER D 79 -5.73 37.34 -12.58
CA SER D 79 -6.30 36.77 -11.35
C SER D 79 -5.51 37.23 -10.13
N ALA D 80 -4.19 37.31 -10.24
CA ALA D 80 -3.39 37.78 -9.11
C ALA D 80 -3.70 39.24 -8.80
N ILE D 81 -3.83 40.07 -9.83
CA ILE D 81 -4.18 41.48 -9.58
C ILE D 81 -5.56 41.58 -8.97
N LEU D 82 -6.48 40.71 -9.40
CA LEU D 82 -7.82 40.71 -8.82
C LEU D 82 -7.79 40.35 -7.34
N MET D 83 -7.04 39.30 -6.97
CA MET D 83 -7.00 38.93 -5.56
C MET D 83 -6.36 40.05 -4.74
N VAL D 84 -5.26 40.63 -5.22
CA VAL D 84 -4.61 41.66 -4.43
C VAL D 84 -5.47 42.92 -4.38
N GLN D 85 -6.42 43.06 -5.31
CA GLN D 85 -7.41 44.13 -5.20
C GLN D 85 -8.56 43.72 -4.28
N GLY D 86 -8.95 42.45 -4.30
CA GLY D 86 -10.05 41.98 -3.49
C GLY D 86 -9.62 41.33 -2.19
N GLY D 87 -9.83 42.02 -1.07
CA GLY D 87 -9.35 41.55 0.22
C GLY D 87 -10.12 40.36 0.78
N ASN D 88 -10.14 39.26 0.05
CA ASN D 88 -10.79 38.04 0.53
C ASN D 88 -10.04 36.85 -0.06
N PHE D 89 -9.41 36.06 0.79
CA PHE D 89 -8.60 34.92 0.38
C PHE D 89 -8.91 33.69 1.24
N ASP D 90 -10.20 33.41 1.43
CA ASP D 90 -10.63 32.37 2.36
C ASP D 90 -10.57 30.96 1.77
N LEU D 91 -9.98 30.81 0.58
CA LEU D 91 -9.80 29.52 -0.08
C LEU D 91 -11.13 29.00 -0.58
N THR D 92 -12.22 29.67 -0.21
CA THR D 92 -13.51 29.48 -0.85
C THR D 92 -13.80 30.57 -1.87
N HIS D 93 -13.57 31.83 -1.50
CA HIS D 93 -13.59 32.90 -2.48
C HIS D 93 -12.42 32.77 -3.45
N ILE D 94 -11.31 32.20 -3.01
CA ILE D 94 -10.18 31.97 -3.90
C ILE D 94 -10.57 31.03 -5.02
N THR D 95 -11.23 29.92 -4.67
CA THR D 95 -11.66 28.93 -5.66
C THR D 95 -13.06 29.19 -6.19
N GLY D 96 -13.76 30.18 -5.65
CA GLY D 96 -15.12 30.44 -6.08
C GLY D 96 -15.23 31.34 -7.28
N VAL D 97 -14.71 32.57 -7.16
CA VAL D 97 -14.86 33.58 -8.19
C VAL D 97 -13.59 33.78 -8.99
N ILE D 98 -12.43 33.69 -8.34
CA ILE D 98 -11.20 34.07 -9.01
C ILE D 98 -10.84 33.08 -10.11
N VAL D 99 -11.10 31.78 -9.87
CA VAL D 99 -10.76 30.77 -10.87
C VAL D 99 -11.58 30.89 -12.15
N PRO D 100 -12.93 30.97 -12.11
CA PRO D 100 -13.67 31.19 -13.36
C PRO D 100 -13.35 32.51 -14.03
N ALA D 101 -13.10 33.56 -13.25
CA ALA D 101 -12.62 34.81 -13.84
C ALA D 101 -11.32 34.59 -14.58
N ALA D 102 -10.43 33.78 -14.00
CA ALA D 102 -9.15 33.48 -14.65
C ALA D 102 -9.37 32.70 -15.94
N ILE D 103 -10.32 31.77 -15.96
CA ILE D 103 -10.58 31.00 -17.18
C ILE D 103 -11.11 31.90 -18.28
N LEU D 104 -12.06 32.78 -17.96
CA LEU D 104 -12.57 33.71 -18.95
C LEU D 104 -11.45 34.62 -19.46
N LEU D 105 -10.62 35.12 -18.54
CA LEU D 105 -9.48 35.92 -18.93
C LEU D 105 -8.51 35.12 -19.78
N ALA D 106 -8.43 33.80 -19.57
CA ALA D 106 -7.59 32.96 -20.40
C ALA D 106 -8.09 32.91 -21.84
N THR D 107 -9.41 32.78 -22.02
CA THR D 107 -9.95 32.85 -23.38
C THR D 107 -9.70 34.21 -24.02
N ALA D 108 -9.88 35.28 -23.25
CA ALA D 108 -9.63 36.62 -23.76
C ALA D 108 -8.16 36.77 -24.16
N GLY D 109 -7.25 36.26 -23.35
CA GLY D 109 -5.84 36.29 -23.69
C GLY D 109 -5.53 35.45 -24.92
N LEU D 110 -6.22 34.33 -25.08
CA LEU D 110 -6.07 33.52 -26.28
C LEU D 110 -6.37 34.34 -27.52
N VAL D 111 -7.53 35.00 -27.54
CA VAL D 111 -7.87 35.76 -28.75
C VAL D 111 -6.94 36.96 -28.92
N LEU D 112 -6.55 37.62 -27.83
CA LEU D 112 -5.68 38.78 -27.93
C LEU D 112 -4.30 38.40 -28.44
N THR D 113 -3.73 37.30 -27.94
CA THR D 113 -2.44 36.86 -28.41
C THR D 113 -2.50 36.31 -29.83
N THR D 114 -3.65 35.75 -30.25
CA THR D 114 -3.81 35.41 -31.66
C THR D 114 -3.74 36.66 -32.52
N LEU D 115 -4.39 37.74 -32.07
CA LEU D 115 -4.30 39.01 -32.79
C LEU D 115 -2.86 39.51 -32.84
N VAL D 116 -2.14 39.41 -31.73
CA VAL D 116 -0.76 39.90 -31.69
C VAL D 116 0.13 39.10 -32.63
N ARG D 117 -0.02 37.77 -32.62
CA ARG D 117 0.79 36.94 -33.50
C ARG D 117 0.41 37.15 -34.96
N PHE D 118 -0.86 37.45 -35.25
CA PHE D 118 -1.23 37.85 -36.60
C PHE D 118 -0.51 39.14 -36.98
N LEU D 119 -0.51 40.12 -36.08
CA LEU D 119 0.18 41.38 -36.34
C LEU D 119 1.67 41.19 -36.58
N SER D 120 2.27 40.18 -35.95
CA SER D 120 3.70 39.94 -36.10
C SER D 120 4.09 39.64 -37.55
N VAL D 121 3.14 39.24 -38.40
CA VAL D 121 3.45 38.94 -39.79
C VAL D 121 3.91 40.19 -40.53
N GLY D 122 3.59 41.37 -40.03
CA GLY D 122 4.08 42.59 -40.63
C GLY D 122 5.47 42.93 -40.15
N ILE D 123 5.67 42.89 -38.83
CA ILE D 123 6.96 43.24 -38.27
C ILE D 123 8.04 42.29 -38.76
N VAL D 124 7.70 41.02 -39.02
CA VAL D 124 8.68 40.13 -39.60
C VAL D 124 9.01 40.55 -41.02
N HIS D 125 8.03 41.11 -41.75
CA HIS D 125 8.30 41.59 -43.10
C HIS D 125 9.24 42.78 -43.08
N LEU D 126 9.04 43.73 -42.16
CA LEU D 126 10.03 44.79 -42.01
C LEU D 126 11.38 44.23 -41.57
N ALA D 127 11.38 43.18 -40.75
CA ALA D 127 12.64 42.58 -40.32
C ALA D 127 13.42 42.03 -41.50
N ASP D 128 12.74 41.31 -42.39
CA ASP D 128 13.45 40.77 -43.55
C ASP D 128 13.79 41.86 -44.57
N ALA D 129 12.98 42.91 -44.65
CA ALA D 129 13.33 44.04 -45.49
C ALA D 129 14.63 44.69 -45.02
N ALA D 130 14.78 44.84 -43.70
CA ALA D 130 16.04 45.33 -43.16
C ALA D 130 17.18 44.34 -43.35
N ALA D 131 16.88 43.04 -43.25
CA ALA D 131 17.89 42.03 -43.52
C ALA D 131 18.41 42.11 -44.94
N GLU D 132 17.55 42.50 -45.88
CA GLU D 132 18.00 42.72 -47.25
C GLU D 132 19.07 43.79 -47.36
N LYS D 133 19.18 44.68 -46.36
CA LYS D 133 20.26 45.65 -46.30
C LYS D 133 21.54 45.09 -45.71
N GLY D 134 21.51 43.87 -45.19
CA GLY D 134 22.68 43.26 -44.59
C GLY D 134 23.17 43.92 -43.33
N SER D 135 22.26 44.36 -42.46
CA SER D 135 22.61 44.98 -41.19
C SER D 135 22.14 44.08 -40.06
N TYR D 136 23.09 43.70 -39.18
CA TYR D 136 22.72 42.89 -38.02
C TYR D 136 21.91 43.69 -37.02
N SER D 137 22.22 44.99 -36.89
CA SER D 137 21.49 45.84 -35.97
C SER D 137 20.02 45.91 -36.34
N GLY D 138 19.72 45.99 -37.64
CA GLY D 138 18.33 46.11 -38.05
C GLY D 138 17.49 44.91 -37.65
N VAL D 139 18.01 43.70 -37.92
CA VAL D 139 17.25 42.50 -37.60
C VAL D 139 17.14 42.31 -36.10
N ALA D 140 18.24 42.56 -35.37
CA ALA D 140 18.16 42.46 -33.92
C ALA D 140 17.14 43.44 -33.35
N GLY D 141 17.14 44.68 -33.86
CA GLY D 141 16.19 45.67 -33.38
C GLY D 141 14.76 45.28 -33.67
N TRP D 142 14.51 44.76 -34.86
CA TRP D 142 13.16 44.29 -35.17
C TRP D 142 12.74 43.16 -34.25
N HIS D 143 13.66 42.23 -33.96
CA HIS D 143 13.31 41.11 -33.09
C HIS D 143 12.95 41.60 -31.69
N MET D 144 13.79 42.45 -31.08
CA MET D 144 13.42 42.91 -29.75
C MET D 144 12.24 43.87 -29.77
N PHE D 145 11.97 44.52 -30.90
CA PHE D 145 10.74 45.29 -31.02
C PHE D 145 9.51 44.40 -30.94
N ALA D 146 9.54 43.27 -31.65
CA ALA D 146 8.43 42.31 -31.55
C ALA D 146 8.29 41.80 -30.12
N LEU D 147 9.42 41.48 -29.48
CA LEU D 147 9.38 41.01 -28.10
C LEU D 147 8.77 42.05 -27.18
N LEU D 148 9.17 43.32 -27.34
CA LEU D 148 8.61 44.39 -26.52
C LEU D 148 7.13 44.56 -26.77
N LEU D 149 6.70 44.46 -28.03
CA LEU D 149 5.29 44.58 -28.34
C LEU D 149 4.46 43.52 -27.64
N GLN D 150 4.91 42.27 -27.68
CA GLN D 150 4.12 41.28 -26.98
C GLN D 150 4.27 41.39 -25.46
N GLY D 151 5.37 41.98 -24.99
CA GLY D 151 5.42 42.32 -23.58
C GLY D 151 4.34 43.30 -23.17
N LEU D 152 4.15 44.34 -23.99
CA LEU D 152 3.03 45.25 -23.76
C LEU D 152 1.69 44.56 -23.88
N ARG D 153 1.57 43.53 -24.72
CA ARG D 153 0.29 42.86 -24.90
C ARG D 153 -0.28 42.34 -23.58
N ILE D 154 0.57 42.09 -22.58
CA ILE D 154 0.10 41.76 -21.24
C ILE D 154 0.36 42.89 -20.24
N ALA D 155 1.35 43.75 -20.46
CA ALA D 155 1.59 44.86 -19.54
C ALA D 155 0.42 45.83 -19.51
N ILE D 156 -0.11 46.18 -20.69
CA ILE D 156 -1.18 47.19 -20.75
C ILE D 156 -2.44 46.74 -20.04
N PRO D 157 -2.97 45.52 -20.25
CA PRO D 157 -4.14 45.10 -19.47
C PRO D 157 -3.90 45.11 -17.97
N ALA D 158 -2.68 44.76 -17.54
CA ALA D 158 -2.37 44.83 -16.11
C ALA D 158 -2.48 46.25 -15.59
N ALA D 159 -1.93 47.21 -16.32
CA ALA D 159 -2.05 48.62 -15.92
C ALA D 159 -3.50 49.07 -15.92
N ILE D 160 -4.28 48.62 -16.91
CA ILE D 160 -5.68 49.03 -17.02
C ILE D 160 -6.47 48.51 -15.82
N ILE D 161 -6.30 47.23 -15.49
CA ILE D 161 -7.01 46.67 -14.35
C ILE D 161 -6.52 47.26 -13.03
N LEU D 162 -5.25 47.70 -12.98
CA LEU D 162 -4.77 48.41 -11.81
C LEU D 162 -5.32 49.83 -11.72
N ALA D 163 -5.74 50.40 -12.85
CA ALA D 163 -6.17 51.80 -12.87
C ALA D 163 -7.45 52.00 -12.07
N ILE D 164 -8.34 51.02 -12.08
CA ILE D 164 -9.65 51.14 -11.42
C ILE D 164 -9.45 51.26 -9.91
N PRO D 165 -10.32 51.97 -9.21
CA PRO D 165 -10.19 52.06 -7.75
C PRO D 165 -10.57 50.76 -7.08
N ALA D 166 -10.07 50.61 -5.85
CA ALA D 166 -10.30 49.37 -5.10
C ALA D 166 -11.75 49.23 -4.66
N GLU D 167 -12.42 50.34 -4.33
CA GLU D 167 -13.78 50.26 -3.83
C GLU D 167 -14.73 49.72 -4.91
N THR D 168 -14.56 50.14 -6.15
CA THR D 168 -15.43 49.67 -7.22
C THR D 168 -15.29 48.16 -7.43
N VAL D 169 -14.05 47.68 -7.52
CA VAL D 169 -13.84 46.26 -7.77
C VAL D 169 -14.28 45.43 -6.56
N THR D 170 -14.03 45.92 -5.35
CA THR D 170 -14.45 45.17 -4.17
C THR D 170 -15.96 45.14 -4.03
N ALA D 171 -16.65 46.20 -4.48
CA ALA D 171 -18.11 46.17 -4.47
C ALA D 171 -18.65 45.23 -5.55
N ALA D 172 -18.01 45.23 -6.72
CA ALA D 172 -18.42 44.32 -7.78
C ALA D 172 -18.24 42.87 -7.35
N LEU D 173 -17.13 42.57 -6.65
CA LEU D 173 -16.92 41.23 -6.14
C LEU D 173 -17.89 40.92 -5.00
N ASN D 174 -18.27 41.93 -4.21
CA ASN D 174 -19.24 41.73 -3.15
C ASN D 174 -20.67 41.62 -3.67
N ALA D 175 -20.91 41.92 -4.94
CA ALA D 175 -22.24 41.82 -5.53
C ALA D 175 -22.55 40.44 -6.07
N ILE D 176 -21.60 39.52 -6.03
CA ILE D 176 -21.87 38.15 -6.48
C ILE D 176 -22.74 37.45 -5.45
N PRO D 177 -23.82 36.79 -5.86
CA PRO D 177 -24.67 36.09 -4.89
C PRO D 177 -23.91 34.98 -4.18
N ASP D 178 -24.33 34.70 -2.94
CA ASP D 178 -23.63 33.75 -2.10
C ASP D 178 -23.72 32.34 -2.67
N TRP D 179 -24.93 31.93 -3.08
CA TRP D 179 -25.14 30.55 -3.50
C TRP D 179 -24.31 30.20 -4.71
N VAL D 180 -24.26 31.09 -5.70
CA VAL D 180 -23.47 30.81 -6.90
C VAL D 180 -21.99 30.76 -6.56
N SER D 181 -21.55 31.60 -5.62
CA SER D 181 -20.14 31.58 -5.22
C SER D 181 -19.78 30.23 -4.60
N LYS D 182 -20.61 29.72 -3.69
CA LYS D 182 -20.29 28.43 -3.10
C LYS D 182 -20.45 27.30 -4.11
N GLY D 183 -21.38 27.41 -5.04
CA GLY D 183 -21.48 26.42 -6.09
C GLY D 183 -20.25 26.37 -6.96
N LEU D 184 -19.70 27.53 -7.31
CA LEU D 184 -18.46 27.58 -8.05
C LEU D 184 -17.29 27.07 -7.22
N ALA D 185 -17.32 27.30 -5.91
CA ALA D 185 -16.31 26.71 -5.04
C ALA D 185 -16.37 25.19 -5.10
N VAL D 186 -17.58 24.63 -5.12
CA VAL D 186 -17.75 23.19 -5.25
C VAL D 186 -17.22 22.72 -6.60
N GLY D 187 -17.55 23.44 -7.67
CA GLY D 187 -17.11 23.08 -9.00
C GLY D 187 -15.65 23.35 -9.29
N GLY D 188 -14.96 24.06 -8.40
CA GLY D 188 -13.54 24.31 -8.61
C GLY D 188 -12.72 23.03 -8.69
N GLY D 189 -13.13 22.01 -7.95
CA GLY D 189 -12.48 20.72 -8.05
C GLY D 189 -12.84 19.93 -9.29
N MET D 190 -13.66 20.51 -10.16
CA MET D 190 -14.08 19.85 -11.38
C MET D 190 -13.30 20.31 -12.62
N VAL D 191 -12.96 21.60 -12.67
CA VAL D 191 -12.34 22.15 -13.88
C VAL D 191 -10.96 21.60 -14.16
N VAL D 192 -10.34 20.91 -13.20
CA VAL D 192 -9.05 20.28 -13.46
C VAL D 192 -9.22 19.01 -14.28
N VAL D 193 -10.42 18.42 -14.29
CA VAL D 193 -10.62 17.14 -14.95
C VAL D 193 -10.44 17.28 -16.45
N VAL D 194 -10.97 18.36 -17.04
CA VAL D 194 -10.83 18.54 -18.48
C VAL D 194 -9.38 18.76 -18.86
N GLY D 195 -8.66 19.56 -18.07
CA GLY D 195 -7.24 19.77 -18.35
C GLY D 195 -6.45 18.48 -18.30
N TYR D 196 -6.72 17.64 -17.30
CA TYR D 196 -6.06 16.34 -17.25
C TYR D 196 -6.46 15.47 -18.43
N ALA D 197 -7.74 15.49 -18.80
CA ALA D 197 -8.22 14.67 -19.89
C ALA D 197 -7.57 15.07 -21.21
N MET D 198 -7.16 16.33 -21.34
CA MET D 198 -6.44 16.73 -22.55
C MET D 198 -5.16 15.91 -22.71
N VAL D 199 -4.33 15.88 -21.68
CA VAL D 199 -3.08 15.13 -21.74
C VAL D 199 -3.37 13.64 -21.88
N ILE D 200 -4.43 13.16 -21.21
CA ILE D 200 -4.78 11.75 -21.31
C ILE D 200 -5.14 11.40 -22.75
N ASN D 201 -5.84 12.29 -23.44
CA ASN D 201 -6.25 12.02 -24.81
C ASN D 201 -5.09 12.18 -25.79
N LEU D 202 -4.13 13.05 -25.48
CA LEU D 202 -3.01 13.27 -26.40
C LEU D 202 -2.20 12.00 -26.59
N MET D 203 -1.90 11.28 -25.51
CA MET D 203 -1.20 10.01 -25.58
C MET D 203 -2.02 8.95 -24.86
N ALA D 204 -2.34 7.87 -25.58
CA ALA D 204 -3.12 6.78 -25.03
C ALA D 204 -3.11 5.63 -26.04
N THR D 205 -2.91 4.41 -25.54
CA THR D 205 -2.92 3.24 -26.38
C THR D 205 -3.42 2.06 -25.56
N LYS D 206 -3.99 1.07 -26.23
CA LYS D 206 -4.44 -0.13 -25.54
C LYS D 206 -3.27 -0.84 -24.87
N GLU D 207 -2.05 -0.59 -25.31
CA GLU D 207 -0.87 -1.12 -24.63
C GLU D 207 -0.56 -0.34 -23.35
N LEU D 208 -0.78 0.96 -23.35
CA LEU D 208 -0.38 1.81 -22.23
C LEU D 208 -1.51 2.11 -21.25
N TRP D 209 -2.77 1.86 -21.64
CA TRP D 209 -3.88 2.20 -20.76
C TRP D 209 -3.80 1.62 -19.34
N PRO D 210 -3.37 0.37 -19.12
CA PRO D 210 -3.37 -0.15 -17.74
C PRO D 210 -2.61 0.69 -16.74
N PHE D 211 -1.55 1.40 -17.18
CA PHE D 211 -0.76 2.18 -16.23
C PHE D 211 -1.56 3.29 -15.60
N PHE D 212 -2.50 3.89 -16.34
CA PHE D 212 -3.34 4.93 -15.77
C PHE D 212 -4.14 4.38 -14.59
N PHE D 213 -4.73 3.20 -14.76
CA PHE D 213 -5.51 2.61 -13.68
C PHE D 213 -4.61 2.15 -12.54
N LEU D 214 -3.40 1.69 -12.86
CA LEU D 214 -2.46 1.31 -11.81
C LEU D 214 -2.10 2.50 -10.94
N GLY D 215 -1.80 3.64 -11.57
CA GLY D 215 -1.54 4.85 -10.81
C GLY D 215 -2.75 5.30 -10.01
N PHE D 216 -3.94 5.20 -10.62
CA PHE D 216 -5.16 5.58 -9.91
C PHE D 216 -5.37 4.72 -8.67
N VAL D 217 -5.09 3.41 -8.79
CA VAL D 217 -5.29 2.49 -7.67
C VAL D 217 -4.25 2.73 -6.58
N LEU D 218 -2.99 2.96 -6.96
CA LEU D 218 -1.94 3.10 -5.97
C LEU D 218 -1.87 4.49 -5.36
N ALA D 219 -2.53 5.49 -5.94
CA ALA D 219 -2.48 6.83 -5.39
C ALA D 219 -3.04 6.96 -3.97
N PRO D 220 -4.17 6.32 -3.58
CA PRO D 220 -4.72 6.55 -2.24
C PRO D 220 -3.76 6.34 -1.07
N LEU D 221 -2.60 5.76 -1.30
CA LEU D 221 -1.62 5.58 -0.23
C LEU D 221 -1.04 6.94 0.11
N SER D 222 -1.57 7.57 1.15
CA SER D 222 -1.19 8.94 1.49
C SER D 222 0.25 9.07 1.97
N SER D 223 0.92 7.96 2.28
CA SER D 223 2.28 8.04 2.80
C SER D 223 3.32 8.23 1.71
N ILE D 224 2.95 8.09 0.43
CA ILE D 224 3.87 8.29 -0.68
C ILE D 224 3.56 9.65 -1.30
N THR D 225 4.51 10.57 -1.21
CA THR D 225 4.33 11.92 -1.71
C THR D 225 4.40 11.93 -3.24
N LEU D 226 4.18 13.12 -3.82
CA LEU D 226 4.12 13.23 -5.27
C LEU D 226 5.45 12.87 -5.91
N ILE D 227 6.55 13.33 -5.33
CA ILE D 227 7.86 13.02 -5.90
C ILE D 227 8.17 11.53 -5.77
N GLY D 228 7.80 10.93 -4.64
CA GLY D 228 7.93 9.49 -4.50
C GLY D 228 7.11 8.74 -5.53
N MET D 229 5.88 9.22 -5.78
CA MET D 229 5.03 8.60 -6.79
C MET D 229 5.65 8.73 -8.18
N GLY D 230 6.26 9.89 -8.46
CA GLY D 230 6.93 10.06 -9.74
C GLY D 230 8.12 9.15 -9.90
N ILE D 231 8.90 8.97 -8.83
CA ILE D 231 10.01 8.03 -8.87
C ILE D 231 9.51 6.62 -9.12
N LEU D 232 8.40 6.26 -8.47
CA LEU D 232 7.78 4.95 -8.71
C LEU D 232 7.38 4.79 -10.16
N GLY D 233 6.77 5.83 -10.75
CA GLY D 233 6.42 5.77 -12.15
C GLY D 233 7.62 5.62 -13.04
N VAL D 234 8.70 6.34 -12.73
CA VAL D 234 9.92 6.25 -13.54
C VAL D 234 10.48 4.84 -13.50
N VAL D 235 10.60 4.27 -12.30
CA VAL D 235 11.20 2.93 -12.20
C VAL D 235 10.30 1.90 -12.86
N ILE D 236 8.98 2.07 -12.77
CA ILE D 236 8.07 1.21 -13.53
C ILE D 236 8.36 1.34 -15.01
N ALA D 237 8.62 2.56 -15.48
CA ALA D 237 8.89 2.78 -16.90
C ALA D 237 10.15 2.05 -17.34
N LEU D 238 11.26 2.18 -16.59
CA LEU D 238 12.48 1.50 -17.02
C LEU D 238 12.34 0.00 -16.91
N ILE D 239 11.61 -0.50 -15.90
CA ILE D 239 11.40 -1.94 -15.80
C ILE D 239 10.65 -2.45 -17.02
N TYR D 240 9.57 -1.75 -17.39
CA TYR D 240 8.79 -2.15 -18.55
C TYR D 240 9.62 -2.11 -19.83
N LEU D 241 10.40 -1.05 -20.00
CA LEU D 241 11.20 -0.92 -21.22
C LEU D 241 12.29 -1.99 -21.27
N ASN D 242 12.94 -2.28 -20.15
CA ASN D 242 13.98 -3.31 -20.13
C ASN D 242 13.39 -4.68 -20.44
N LEU D 243 12.20 -4.97 -19.92
CA LEU D 243 11.59 -6.26 -20.19
C LEU D 243 11.09 -6.35 -21.62
N SER D 244 10.65 -5.22 -22.21
CA SER D 244 10.15 -5.26 -23.58
C SER D 244 11.27 -5.32 -24.61
N ASN D 245 12.40 -4.66 -24.35
CA ASN D 245 13.46 -4.57 -25.36
C ASN D 245 14.17 -5.90 -25.56
N THR D 246 14.37 -6.66 -24.48
CA THR D 246 15.19 -7.87 -24.55
C THR D 246 14.55 -8.98 -25.36
N ALA D 247 13.28 -8.86 -25.72
CA ALA D 247 12.61 -9.90 -26.51
C ALA D 247 13.18 -9.96 -27.93
N LYS E 7 41.49 29.40 -40.04
CA LYS E 7 41.05 30.54 -39.22
C LYS E 7 39.54 30.50 -39.01
N PHE E 8 39.02 31.53 -38.33
CA PHE E 8 37.61 31.66 -38.02
C PHE E 8 37.12 30.47 -37.18
N SER E 9 37.75 30.30 -36.02
CA SER E 9 37.38 29.28 -35.05
C SER E 9 36.71 29.96 -33.86
N LEU E 10 35.60 29.39 -33.41
CA LEU E 10 34.79 30.02 -32.38
C LEU E 10 35.16 29.49 -31.00
N SER E 11 35.17 30.39 -30.02
CA SER E 11 35.56 30.08 -28.66
C SER E 11 34.35 29.61 -27.86
N LYS E 12 34.51 29.52 -26.54
CA LYS E 12 33.38 29.14 -25.69
C LYS E 12 32.55 30.35 -25.27
N ASN E 13 33.16 31.54 -25.23
CA ASN E 13 32.40 32.74 -24.90
C ASN E 13 31.34 33.03 -25.96
N THR E 14 31.71 32.90 -27.24
CA THR E 14 30.71 33.07 -28.29
C THR E 14 29.68 31.94 -28.26
N ARG E 15 30.06 30.77 -27.76
CA ARG E 15 29.07 29.70 -27.61
C ARG E 15 28.07 30.04 -26.51
N LEU E 16 28.52 30.61 -25.39
CA LEU E 16 27.58 31.08 -24.39
C LEU E 16 26.73 32.24 -24.91
N SER E 17 27.29 33.09 -25.76
CA SER E 17 26.51 34.18 -26.35
C SER E 17 25.42 33.65 -27.27
N VAL E 18 25.75 32.69 -28.13
CA VAL E 18 24.74 32.11 -29.01
C VAL E 18 23.74 31.30 -28.19
N MET E 19 24.17 30.77 -27.05
CA MET E 19 23.25 30.18 -26.09
C MET E 19 22.21 31.20 -25.64
N PHE E 20 22.67 32.29 -25.02
CA PHE E 20 21.76 33.27 -24.45
C PHE E 20 20.93 33.98 -25.51
N ARG E 21 21.40 34.03 -26.75
CA ARG E 21 20.59 34.58 -27.83
C ARG E 21 19.72 33.52 -28.51
N SER E 22 19.91 32.24 -28.18
CA SER E 22 19.00 31.20 -28.63
C SER E 22 17.88 30.96 -27.64
N MET E 23 18.02 31.45 -26.42
CA MET E 23 16.94 31.39 -25.43
C MET E 23 15.79 32.32 -25.79
N PHE E 24 15.99 33.22 -26.74
CA PHE E 24 14.93 34.06 -27.30
C PHE E 24 14.48 33.53 -28.65
N LEU E 25 14.48 32.21 -28.84
CA LEU E 25 14.10 31.63 -30.12
C LEU E 25 12.68 32.03 -30.51
N GLN E 26 11.80 32.20 -29.53
CA GLN E 26 10.44 32.64 -29.79
C GLN E 26 10.29 34.12 -29.46
N GLY E 27 9.20 34.71 -29.92
CA GLY E 27 8.97 36.13 -29.81
C GLY E 27 8.71 36.76 -31.17
N SER E 28 9.52 36.41 -32.15
CA SER E 28 9.27 36.80 -33.53
C SER E 28 8.56 35.66 -34.27
N TRP E 29 7.35 35.36 -33.82
CA TRP E 29 6.59 34.22 -34.32
C TRP E 29 5.46 34.72 -35.20
N ASN E 30 5.32 34.11 -36.38
CA ASN E 30 4.30 34.47 -37.34
C ASN E 30 3.44 33.24 -37.65
N TYR E 31 2.55 33.37 -38.63
CA TYR E 31 1.64 32.29 -38.97
C TYR E 31 1.94 31.62 -40.30
N GLU E 32 2.80 32.21 -41.13
CA GLU E 32 3.24 31.57 -42.36
C GLU E 32 4.71 31.16 -42.33
N ARG E 33 5.54 31.89 -41.59
CA ARG E 33 6.96 31.56 -41.41
C ARG E 33 7.25 31.74 -39.92
N MET E 34 7.00 30.69 -39.15
CA MET E 34 7.07 30.76 -37.70
C MET E 34 8.49 30.50 -37.22
N GLN E 35 8.85 31.14 -36.11
CA GLN E 35 10.14 30.95 -35.45
C GLN E 35 11.30 31.16 -36.43
N ASN E 36 11.18 32.17 -37.28
CA ASN E 36 12.18 32.46 -38.30
C ASN E 36 13.26 33.38 -37.76
N LEU E 37 12.87 34.57 -37.29
CA LEU E 37 13.84 35.55 -36.84
C LEU E 37 14.51 35.15 -35.54
N GLY E 38 13.91 34.27 -34.75
CA GLY E 38 14.56 33.80 -33.53
C GLY E 38 15.84 33.04 -33.82
N PHE E 39 15.81 32.20 -34.86
CA PHE E 39 17.00 31.45 -35.24
C PHE E 39 18.12 32.40 -35.66
N LEU E 40 17.79 33.43 -36.42
CA LEU E 40 18.81 34.42 -36.81
C LEU E 40 19.32 35.17 -35.58
N TYR E 41 18.42 35.55 -34.68
CA TYR E 41 18.84 36.21 -33.45
C TYR E 41 19.81 35.35 -32.66
N SER E 42 19.60 34.04 -32.66
CA SER E 42 20.55 33.13 -32.04
C SER E 42 21.89 33.13 -32.79
N ILE E 43 21.84 32.96 -34.12
CA ILE E 43 23.05 32.70 -34.90
C ILE E 43 23.94 33.92 -35.09
N ILE E 44 23.37 35.12 -34.97
CA ILE E 44 24.06 36.33 -35.44
C ILE E 44 25.51 36.46 -34.96
N PRO E 45 25.83 36.27 -33.67
CA PRO E 45 27.22 36.57 -33.23
C PRO E 45 28.29 35.82 -34.01
N ALA E 46 28.02 34.57 -34.40
CA ALA E 46 28.97 33.85 -35.23
C ALA E 46 29.17 34.54 -36.57
N LEU E 47 28.08 35.00 -37.19
CA LEU E 47 28.19 35.69 -38.46
C LEU E 47 28.90 37.03 -38.30
N LYS E 48 28.69 37.72 -37.18
CA LYS E 48 29.42 38.95 -36.91
C LYS E 48 30.91 38.69 -36.80
N GLN E 49 31.28 37.59 -36.13
CA GLN E 49 32.69 37.22 -36.06
C GLN E 49 33.22 36.80 -37.41
N PHE E 50 32.37 36.26 -38.29
CA PHE E 50 32.82 35.78 -39.59
C PHE E 50 32.93 36.91 -40.61
N TYR E 51 31.81 37.58 -40.91
CA TYR E 51 31.78 38.65 -41.89
C TYR E 51 31.32 39.94 -41.25
N LYS E 52 31.85 41.05 -41.76
CA LYS E 52 31.44 42.36 -41.27
C LYS E 52 30.04 42.71 -41.76
N PRO E 53 29.33 43.56 -41.04
CA PRO E 53 27.98 43.96 -41.49
C PRO E 53 28.02 44.70 -42.82
N GLY E 54 26.96 44.52 -43.60
CA GLY E 54 26.81 45.19 -44.87
C GLY E 54 27.49 44.52 -46.03
N SER E 55 28.25 43.46 -45.81
CA SER E 55 28.93 42.77 -46.89
C SER E 55 27.95 41.87 -47.65
N GLU E 56 28.26 41.64 -48.92
CA GLU E 56 27.39 40.82 -49.75
C GLU E 56 27.29 39.41 -49.21
N GLU E 57 28.40 38.85 -48.71
CA GLU E 57 28.36 37.54 -48.08
C GLU E 57 27.47 37.53 -46.85
N ALA E 58 27.54 38.60 -46.05
CA ALA E 58 26.64 38.71 -44.91
C ALA E 58 25.19 38.77 -45.36
N LYS E 59 24.92 39.49 -46.45
CA LYS E 59 23.56 39.55 -46.98
C LYS E 59 23.07 38.18 -47.40
N GLU E 60 23.92 37.40 -48.10
CA GLU E 60 23.52 36.07 -48.54
C GLU E 60 23.29 35.14 -47.36
N ALA E 61 24.15 35.22 -46.34
CA ALA E 61 23.93 34.41 -45.15
C ALA E 61 22.66 34.80 -44.41
N LEU E 62 22.34 36.09 -44.39
CA LEU E 62 21.09 36.53 -43.78
C LEU E 62 19.88 36.02 -44.55
N LYS E 63 19.98 36.01 -45.88
CA LYS E 63 18.92 35.42 -46.69
C LYS E 63 18.88 33.89 -46.53
N ARG E 64 19.97 33.28 -46.07
CA ARG E 64 20.01 31.83 -45.91
C ARG E 64 19.07 31.36 -44.80
N HIS E 65 19.15 32.00 -43.64
CA HIS E 65 18.36 31.61 -42.48
C HIS E 65 17.00 32.30 -42.44
N MET E 66 16.61 32.97 -43.53
CA MET E 66 15.35 33.71 -43.58
C MET E 66 14.16 32.83 -43.93
N GLU E 67 14.38 31.56 -44.25
CA GLU E 67 13.31 30.70 -44.73
C GLU E 67 12.53 30.11 -43.55
N PHE E 68 11.63 29.18 -43.85
CA PHE E 68 10.72 28.62 -42.86
C PHE E 68 11.44 27.64 -41.94
N PHE E 69 11.24 27.80 -40.63
CA PHE E 69 11.90 26.93 -39.65
C PHE E 69 11.04 26.89 -38.39
N ASN E 70 10.28 25.82 -38.24
CA ASN E 70 9.41 25.61 -37.08
C ASN E 70 9.91 24.40 -36.30
N THR E 71 10.08 24.57 -34.99
CA THR E 71 10.65 23.52 -34.16
C THR E 71 10.36 23.84 -32.70
N HIS E 72 10.18 22.78 -31.90
CA HIS E 72 10.00 22.94 -30.47
C HIS E 72 11.19 23.71 -29.90
N PRO E 73 10.95 24.76 -29.11
CA PRO E 73 12.06 25.65 -28.72
C PRO E 73 13.13 24.96 -27.89
N TYR E 74 12.75 24.15 -26.90
CA TYR E 74 13.73 23.58 -25.99
C TYR E 74 14.69 22.67 -26.74
N VAL E 75 14.16 21.81 -27.60
CA VAL E 75 15.00 20.95 -28.43
C VAL E 75 15.25 21.74 -29.71
N ALA E 76 16.19 22.69 -29.62
CA ALA E 76 16.72 23.39 -30.77
C ALA E 76 18.22 23.57 -30.69
N ALA E 77 18.83 23.36 -29.51
CA ALA E 77 20.27 23.46 -29.39
C ALA E 77 21.03 22.52 -30.32
N PRO E 78 20.61 21.27 -30.56
CA PRO E 78 21.31 20.48 -31.57
C PRO E 78 21.31 21.13 -32.95
N ILE E 79 20.19 21.73 -33.34
CA ILE E 79 20.14 22.42 -34.63
C ILE E 79 21.03 23.64 -34.61
N VAL E 80 21.04 24.38 -33.51
CA VAL E 80 21.90 25.57 -33.43
C VAL E 80 23.37 25.16 -33.55
N GLY E 81 23.76 24.08 -32.88
CA GLY E 81 25.13 23.62 -32.96
C GLY E 81 25.50 23.12 -34.35
N VAL E 82 24.60 22.38 -34.98
CA VAL E 82 24.86 21.89 -36.34
C VAL E 82 24.99 23.05 -37.30
N THR E 83 24.11 24.04 -37.19
CA THR E 83 24.20 25.22 -38.03
C THR E 83 25.49 25.98 -37.78
N LEU E 84 25.91 26.07 -36.51
CA LEU E 84 27.15 26.74 -36.19
C LEU E 84 28.34 26.04 -36.84
N ALA E 85 28.39 24.71 -36.73
CA ALA E 85 29.47 23.95 -37.34
C ALA E 85 29.45 24.09 -38.86
N LEU E 86 28.27 24.03 -39.48
CA LEU E 86 28.19 24.15 -40.92
C LEU E 86 28.61 25.55 -41.39
N GLU E 87 28.22 26.59 -40.64
CA GLU E 87 28.65 27.93 -40.99
C GLU E 87 30.16 28.09 -40.85
N GLU E 88 30.73 27.50 -39.80
CA GLU E 88 32.18 27.56 -39.64
C GLU E 88 32.87 26.85 -40.80
N GLU E 89 32.34 25.71 -41.22
CA GLU E 89 32.92 24.99 -42.36
C GLU E 89 32.78 25.79 -43.65
N ILE E 90 31.63 26.43 -43.87
CA ILE E 90 31.43 27.19 -45.10
C ILE E 90 32.21 28.50 -45.10
N ALA E 91 32.62 28.99 -43.94
CA ALA E 91 33.33 30.26 -43.88
C ALA E 91 34.82 30.12 -44.17
N ASN E 92 35.34 28.91 -44.36
CA ASN E 92 36.75 28.69 -44.65
C ASN E 92 36.94 28.04 -46.01
N GLY E 93 36.09 28.40 -46.97
CA GLY E 93 36.28 27.99 -48.35
C GLY E 93 36.15 26.52 -48.65
N VAL E 94 35.12 25.87 -48.11
CA VAL E 94 34.81 24.49 -48.46
C VAL E 94 33.63 24.49 -49.42
N GLU E 95 33.58 23.47 -50.29
CA GLU E 95 32.69 23.46 -51.44
C GLU E 95 31.32 22.85 -51.16
N ILE E 96 30.84 22.92 -49.92
CA ILE E 96 29.51 22.42 -49.62
C ILE E 96 28.47 23.25 -50.36
N ASP E 97 27.35 22.62 -50.71
CA ASP E 97 26.27 23.32 -51.38
C ASP E 97 25.60 24.31 -50.43
N GLU E 98 25.17 25.45 -50.97
CA GLU E 98 24.52 26.47 -50.15
C GLU E 98 23.18 25.99 -49.59
N ALA E 99 22.53 25.03 -50.26
CA ALA E 99 21.26 24.49 -49.80
C ALA E 99 21.44 23.32 -48.84
N ALA E 100 22.68 22.92 -48.55
CA ALA E 100 22.89 21.82 -47.62
C ALA E 100 22.39 22.15 -46.22
N ILE E 101 22.55 23.41 -45.80
CA ILE E 101 21.99 23.83 -44.51
C ILE E 101 20.48 23.70 -44.52
N GLN E 102 19.84 24.21 -45.57
CA GLN E 102 18.39 24.04 -45.67
C GLN E 102 18.02 22.58 -45.85
N GLY E 103 18.88 21.80 -46.52
CA GLY E 103 18.59 20.38 -46.68
C GLY E 103 18.57 19.63 -45.36
N VAL E 104 19.55 19.89 -44.49
CA VAL E 104 19.60 19.21 -43.20
C VAL E 104 18.49 19.74 -42.29
N LYS E 105 18.22 21.04 -42.32
CA LYS E 105 17.20 21.60 -41.44
C LYS E 105 15.82 21.09 -41.82
N VAL E 106 15.46 21.20 -43.10
CA VAL E 106 14.08 20.91 -43.52
C VAL E 106 13.72 19.46 -43.21
N GLY E 107 14.64 18.55 -43.44
CA GLY E 107 14.35 17.13 -43.27
C GLY E 107 14.44 16.59 -41.87
N MET E 108 14.60 17.43 -40.84
CA MET E 108 14.81 16.94 -39.50
C MET E 108 13.96 17.62 -38.43
N MET E 109 13.37 18.78 -38.70
CA MET E 109 12.55 19.43 -37.69
C MET E 109 11.34 18.58 -37.32
N GLY E 110 10.85 17.76 -38.24
CA GLY E 110 9.73 16.90 -38.00
C GLY E 110 9.92 15.97 -36.83
N PRO E 111 10.89 15.05 -36.95
CA PRO E 111 11.14 14.11 -35.84
C PRO E 111 11.50 14.79 -34.54
N LEU E 112 12.30 15.86 -34.58
CA LEU E 112 12.70 16.52 -33.34
C LEU E 112 11.51 17.18 -32.67
N ALA E 113 10.64 17.83 -33.44
CA ALA E 113 9.44 18.40 -32.85
C ALA E 113 8.54 17.31 -32.29
N GLY E 114 8.39 16.22 -33.03
CA GLY E 114 7.53 15.14 -32.57
C GLY E 114 8.02 14.52 -31.28
N ILE E 115 9.33 14.46 -31.10
CA ILE E 115 9.89 14.02 -29.82
C ILE E 115 9.68 15.10 -28.76
N GLY E 116 9.97 16.35 -29.09
CA GLY E 116 10.03 17.39 -28.08
C GLY E 116 8.70 17.72 -27.46
N ASP E 117 7.62 17.70 -28.25
CA ASP E 117 6.33 18.12 -27.71
C ASP E 117 5.86 17.27 -26.54
N PRO E 118 5.76 15.94 -26.63
CA PRO E 118 5.19 15.17 -25.51
C PRO E 118 6.04 15.17 -24.24
N VAL E 119 7.33 14.87 -24.37
CA VAL E 119 8.15 14.74 -23.17
C VAL E 119 8.27 16.07 -22.45
N PHE E 120 8.40 17.17 -23.20
CA PHE E 120 8.61 18.46 -22.56
C PHE E 120 7.30 19.08 -22.11
N TRP E 121 6.36 19.28 -23.04
CA TRP E 121 5.13 19.98 -22.69
C TRP E 121 4.16 19.10 -21.91
N PHE E 122 4.10 17.81 -22.23
CA PHE E 122 3.06 16.94 -21.71
C PHE E 122 3.54 15.96 -20.65
N THR E 123 4.84 15.82 -20.45
CA THR E 123 5.35 14.89 -19.44
C THR E 123 6.10 15.61 -18.32
N VAL E 124 7.13 16.41 -18.65
CA VAL E 124 7.95 17.03 -17.61
C VAL E 124 7.20 18.18 -16.96
N ARG E 125 6.67 19.08 -17.77
CA ARG E 125 5.97 20.25 -17.22
C ARG E 125 4.76 19.87 -16.37
N PRO E 126 3.86 18.98 -16.80
CA PRO E 126 2.75 18.62 -15.90
C PRO E 126 3.21 18.03 -14.58
N ILE E 127 4.22 17.16 -14.60
CA ILE E 127 4.69 16.53 -13.38
C ILE E 127 5.26 17.59 -12.44
N VAL E 128 6.16 18.44 -12.95
CA VAL E 128 6.79 19.43 -12.10
C VAL E 128 5.78 20.44 -11.58
N GLY E 129 4.85 20.87 -12.44
CA GLY E 129 3.82 21.80 -12.00
C GLY E 129 2.92 21.20 -10.94
N ALA E 130 2.54 19.94 -11.11
CA ALA E 130 1.69 19.27 -10.12
C ALA E 130 2.42 19.13 -8.79
N ILE E 131 3.69 18.76 -8.83
CA ILE E 131 4.47 18.66 -7.58
C ILE E 131 4.55 20.02 -6.91
N ALA E 132 4.80 21.07 -7.69
CA ALA E 132 4.88 22.41 -7.12
C ALA E 132 3.55 22.82 -6.48
N ALA E 133 2.44 22.53 -7.16
CA ALA E 133 1.15 22.91 -6.61
C ALA E 133 0.81 22.10 -5.35
N SER E 134 1.19 20.83 -5.33
CA SER E 134 0.97 20.01 -4.15
C SER E 134 1.75 20.57 -2.96
N LEU E 135 2.99 20.99 -3.20
CA LEU E 135 3.75 21.65 -2.14
C LEU E 135 3.16 23.01 -1.78
N ALA E 136 2.55 23.71 -2.73
CA ALA E 136 2.02 25.05 -2.51
C ALA E 136 0.64 25.05 -1.88
N THR E 137 0.00 23.89 -1.77
CA THR E 137 -1.35 23.85 -1.18
C THR E 137 -1.39 24.41 0.24
N GLY E 138 -0.26 24.46 0.93
CA GLY E 138 -0.17 25.05 2.24
C GLY E 138 0.30 26.49 2.27
N GLY E 139 0.43 27.13 1.11
CA GLY E 139 0.90 28.51 1.06
C GLY E 139 2.33 28.69 1.52
N SER E 140 3.22 27.79 1.10
CA SER E 140 4.62 27.82 1.52
C SER E 140 5.50 28.23 0.35
N ILE E 141 6.48 29.11 0.63
CA ILE E 141 7.34 29.64 -0.42
C ILE E 141 8.24 28.57 -1.04
N ILE E 142 8.29 27.37 -0.47
CA ILE E 142 9.16 26.33 -0.99
C ILE E 142 8.74 25.93 -2.40
N ALA E 143 7.44 25.91 -2.67
CA ALA E 143 6.95 25.37 -3.94
C ALA E 143 7.34 26.20 -5.16
N PRO E 144 7.12 27.52 -5.21
CA PRO E 144 7.57 28.27 -6.40
C PRO E 144 9.06 28.20 -6.60
N ILE E 145 9.83 28.23 -5.51
CA ILE E 145 11.28 28.12 -5.63
C ILE E 145 11.67 26.77 -6.21
N PHE E 146 11.02 25.69 -5.75
CA PHE E 146 11.31 24.37 -6.27
C PHE E 146 11.01 24.29 -7.76
N PHE E 147 9.82 24.75 -8.16
CA PHE E 147 9.47 24.71 -9.58
C PHE E 147 10.45 25.50 -10.42
N PHE E 148 10.70 26.75 -10.02
CA PHE E 148 11.62 27.61 -10.75
C PHE E 148 12.99 26.96 -10.89
N VAL E 149 13.56 26.52 -9.77
CA VAL E 149 14.92 26.00 -9.78
C VAL E 149 15.01 24.75 -10.63
N VAL E 150 14.11 23.80 -10.43
CA VAL E 150 14.24 22.53 -11.13
C VAL E 150 14.00 22.70 -12.62
N TRP E 151 12.98 23.49 -13.01
CA TRP E 151 12.70 23.65 -14.43
C TRP E 151 13.81 24.41 -15.12
N ASN E 152 14.29 25.49 -14.51
CA ASN E 152 15.39 26.25 -15.12
C ASN E 152 16.66 25.42 -15.21
N ALA E 153 16.95 24.64 -14.17
CA ALA E 153 18.14 23.79 -14.22
C ALA E 153 18.03 22.75 -15.32
N ILE E 154 16.86 22.13 -15.46
CA ILE E 154 16.67 21.14 -16.52
C ILE E 154 16.86 21.79 -17.88
N ARG E 155 16.22 22.96 -18.09
CA ARG E 155 16.32 23.63 -19.38
C ARG E 155 17.75 24.02 -19.70
N ILE E 156 18.46 24.62 -18.73
CA ILE E 156 19.82 25.09 -18.96
C ILE E 156 20.74 23.92 -19.25
N ALA E 157 20.67 22.86 -18.44
CA ALA E 157 21.53 21.71 -18.66
C ALA E 157 21.25 21.06 -20.01
N PHE E 158 19.97 20.90 -20.35
CA PHE E 158 19.64 20.30 -21.63
C PHE E 158 20.20 21.12 -22.78
N LEU E 159 19.98 22.44 -22.75
CA LEU E 159 20.45 23.28 -23.84
C LEU E 159 21.97 23.26 -23.96
N TRP E 160 22.67 23.38 -22.83
CA TRP E 160 24.13 23.41 -22.86
C TRP E 160 24.69 22.10 -23.37
N TYR E 161 24.14 20.97 -22.90
CA TYR E 161 24.64 19.68 -23.34
C TYR E 161 24.35 19.46 -24.82
N THR E 162 23.14 19.80 -25.28
CA THR E 162 22.74 19.50 -26.63
C THR E 162 23.41 20.42 -27.66
N GLN E 163 23.70 21.67 -27.30
CA GLN E 163 24.34 22.57 -28.25
C GLN E 163 25.71 22.05 -28.64
N GLU E 164 26.47 21.53 -27.67
CA GLU E 164 27.75 20.89 -27.98
C GLU E 164 27.56 19.50 -28.56
N PHE E 165 26.48 18.80 -28.20
CA PHE E 165 26.18 17.51 -28.84
C PHE E 165 26.03 17.68 -30.34
N GLY E 166 25.45 18.79 -30.78
CA GLY E 166 25.32 19.08 -32.20
C GLY E 166 26.54 19.73 -32.79
N TYR E 167 27.18 20.61 -32.03
CA TYR E 167 28.34 21.34 -32.52
C TYR E 167 29.52 20.41 -32.74
N LYS E 168 29.82 19.58 -31.76
CA LYS E 168 30.98 18.69 -31.85
C LYS E 168 30.78 17.61 -32.91
N GLN E 169 29.55 17.14 -33.09
CA GLN E 169 29.29 16.04 -34.01
C GLN E 169 29.15 16.49 -35.45
N GLY E 170 28.44 17.58 -35.70
CA GLY E 170 28.27 18.08 -37.07
C GLY E 170 27.02 17.50 -37.71
N THR E 171 27.18 16.99 -38.93
CA THR E 171 26.06 16.47 -39.69
C THR E 171 25.71 15.02 -39.32
N ALA E 172 26.48 14.40 -38.43
CA ALA E 172 26.22 13.02 -38.03
C ALA E 172 25.08 12.90 -37.02
N ILE E 173 24.51 14.02 -36.57
CA ILE E 173 23.42 13.97 -35.60
C ILE E 173 22.25 13.17 -36.15
N THR E 174 21.95 13.34 -37.45
CA THR E 174 20.89 12.54 -38.06
C THR E 174 21.17 11.06 -37.93
N SER E 175 22.44 10.66 -38.07
CA SER E 175 22.81 9.27 -37.84
C SER E 175 22.71 8.92 -36.36
N ASP E 176 23.09 9.86 -35.48
CA ASP E 176 23.06 9.61 -34.05
C ASP E 176 21.62 9.39 -33.56
N LEU E 177 20.69 10.22 -34.03
CA LEU E 177 19.29 10.06 -33.63
C LEU E 177 18.66 8.86 -34.34
N GLY E 178 18.61 8.91 -35.67
CA GLY E 178 18.08 7.80 -36.44
C GLY E 178 16.63 7.50 -36.09
N GLY E 179 16.34 6.21 -35.92
CA GLY E 179 14.99 5.78 -35.61
C GLY E 179 15.02 4.70 -34.55
N GLY E 180 13.86 4.49 -33.94
CA GLY E 180 13.72 3.47 -32.90
C GLY E 180 14.22 3.87 -31.54
N MET E 181 15.42 4.45 -31.47
CA MET E 181 15.98 4.86 -30.18
C MET E 181 15.13 5.96 -29.55
N LEU E 182 14.65 6.90 -30.37
CA LEU E 182 13.79 7.96 -29.86
C LEU E 182 12.41 7.44 -29.47
N GLN E 183 11.95 6.38 -30.13
CA GLN E 183 10.65 5.80 -29.78
C GLN E 183 10.64 5.27 -28.35
N GLN E 184 11.79 4.78 -27.88
CA GLN E 184 11.87 4.33 -26.48
C GLN E 184 11.60 5.49 -25.53
N ILE E 185 12.22 6.64 -25.78
CA ILE E 185 12.00 7.79 -24.92
C ILE E 185 10.56 8.25 -25.02
N THR E 186 9.98 8.21 -26.22
CA THR E 186 8.58 8.60 -26.38
C THR E 186 7.67 7.70 -25.54
N LYS E 187 7.87 6.38 -25.63
CA LYS E 187 7.05 5.45 -24.89
C LYS E 187 7.23 5.62 -23.39
N GLY E 188 8.47 5.78 -22.93
CA GLY E 188 8.70 5.98 -21.51
C GLY E 188 8.06 7.25 -20.99
N ALA E 189 8.19 8.34 -21.76
CA ALA E 189 7.58 9.59 -21.35
C ALA E 189 6.06 9.47 -21.29
N SER E 190 5.46 8.78 -22.26
CA SER E 190 4.02 8.59 -22.23
C SER E 190 3.59 7.79 -21.01
N ILE E 191 4.32 6.70 -20.73
CA ILE E 191 3.98 5.86 -19.58
C ILE E 191 4.03 6.68 -18.30
N LEU E 192 5.15 7.38 -18.09
CA LEU E 192 5.31 8.18 -16.88
C LEU E 192 4.23 9.25 -16.78
N GLY E 193 4.00 9.97 -17.88
CA GLY E 193 3.07 11.08 -17.83
C GLY E 193 1.66 10.63 -17.53
N MET E 194 1.21 9.56 -18.17
CA MET E 194 -0.17 9.13 -17.95
C MET E 194 -0.34 8.41 -16.62
N PHE E 195 0.71 7.73 -16.12
CA PHE E 195 0.66 7.20 -14.77
C PHE E 195 0.49 8.32 -13.74
N ILE E 196 1.30 9.37 -13.87
CA ILE E 196 1.17 10.52 -12.97
C ILE E 196 -0.19 11.17 -13.16
N LEU E 197 -0.69 11.17 -14.39
CA LEU E 197 -2.01 11.74 -14.65
C LEU E 197 -3.10 10.98 -13.89
N GLY E 198 -3.02 9.66 -13.87
CA GLY E 198 -3.96 8.89 -13.08
C GLY E 198 -3.85 9.18 -11.60
N VAL E 199 -2.62 9.30 -11.11
CA VAL E 199 -2.43 9.62 -9.70
C VAL E 199 -3.06 10.98 -9.38
N LEU E 200 -2.86 11.96 -10.25
CA LEU E 200 -3.46 13.27 -10.04
C LEU E 200 -4.98 13.23 -10.12
N ILE E 201 -5.53 12.44 -11.05
CA ILE E 201 -6.97 12.27 -11.13
C ILE E 201 -7.52 11.80 -9.80
N GLN E 202 -6.88 10.79 -9.21
CA GLN E 202 -7.34 10.32 -7.91
C GLN E 202 -7.16 11.39 -6.84
N ARG E 203 -6.04 12.12 -6.88
CA ARG E 203 -5.66 12.94 -5.74
C ARG E 203 -6.27 14.34 -5.77
N TRP E 204 -6.48 14.93 -6.94
CA TRP E 204 -6.82 16.34 -7.04
C TRP E 204 -8.14 16.57 -7.77
N VAL E 205 -9.16 15.78 -7.44
CA VAL E 205 -10.53 16.01 -7.91
C VAL E 205 -11.43 15.77 -6.70
N ASN E 206 -11.83 16.85 -6.03
CA ASN E 206 -12.52 16.78 -4.74
C ASN E 206 -13.86 17.48 -4.83
N ILE E 207 -14.94 16.70 -4.89
CA ILE E 207 -16.30 17.22 -4.88
C ILE E 207 -17.10 16.60 -3.75
N SER E 208 -16.45 16.38 -2.61
CA SER E 208 -17.03 15.68 -1.46
C SER E 208 -18.51 15.97 -1.28
N PHE E 209 -19.29 14.90 -1.13
CA PHE E 209 -20.75 14.94 -1.15
C PHE E 209 -21.36 15.05 0.24
N THR E 210 -20.70 15.70 1.19
CA THR E 210 -21.24 15.77 2.53
C THR E 210 -22.57 16.51 2.54
N GLY E 211 -22.55 17.81 2.25
CA GLY E 211 -23.74 18.59 2.05
C GLY E 211 -24.68 18.65 3.25
N PRO E 212 -25.72 19.49 3.13
CA PRO E 212 -26.82 19.39 4.11
C PRO E 212 -27.71 18.19 3.83
N ASN E 213 -27.96 17.89 2.56
CA ASN E 213 -28.63 16.67 2.16
C ASN E 213 -27.59 15.57 2.00
N ALA E 214 -27.98 14.47 1.36
CA ALA E 214 -27.12 13.32 1.11
C ALA E 214 -26.63 12.66 2.39
N MET E 215 -27.18 13.04 3.53
CA MET E 215 -26.93 12.35 4.79
C MET E 215 -28.01 11.30 4.98
N LEU E 216 -27.63 10.03 4.92
CA LEU E 216 -28.59 8.95 5.07
C LEU E 216 -29.14 8.95 6.50
N PRO E 217 -30.38 8.48 6.68
CA PRO E 217 -30.98 8.50 8.02
C PRO E 217 -30.14 7.74 9.03
N SER E 218 -30.10 8.27 10.25
CA SER E 218 -29.23 7.76 11.30
C SER E 218 -30.02 6.84 12.22
N LYS E 219 -29.49 5.65 12.46
CA LYS E 219 -30.10 4.71 13.39
C LYS E 219 -29.70 5.04 14.82
N PRO E 220 -30.67 5.02 15.76
CA PRO E 220 -30.32 5.14 17.18
C PRO E 220 -29.20 4.24 17.66
N LEU E 221 -28.85 3.26 16.83
CA LEU E 221 -27.69 2.37 17.04
C LEU E 221 -27.96 1.42 18.20
N ALA E 222 -27.30 1.62 19.33
CA ALA E 222 -27.36 0.63 20.41
C ALA E 222 -27.25 1.34 21.75
N ASP E 223 -26.97 0.57 22.80
CA ASP E 223 -26.95 1.05 24.18
C ASP E 223 -25.61 0.75 24.84
N GLY E 224 -24.52 1.19 24.23
CA GLY E 224 -23.21 0.86 24.74
C GLY E 224 -22.18 0.64 23.65
N ALA E 225 -22.62 0.63 22.40
CA ALA E 225 -21.73 0.48 21.26
C ALA E 225 -21.09 1.80 20.84
N TYR E 226 -21.46 2.90 21.48
CA TYR E 226 -20.84 4.20 21.24
C TYR E 226 -20.23 4.71 22.53
N VAL E 227 -19.40 5.76 22.41
CA VAL E 227 -18.71 6.29 23.57
C VAL E 227 -19.72 6.92 24.52
N GLY E 228 -19.61 6.57 25.80
CA GLY E 228 -20.52 7.09 26.80
C GLY E 228 -20.32 6.35 28.10
N GLU E 229 -21.13 6.75 29.08
CA GLU E 229 -21.06 6.15 30.41
C GLU E 229 -22.48 5.97 30.93
N TRP E 230 -22.60 5.21 32.01
CA TRP E 230 -23.90 4.88 32.60
C TRP E 230 -24.23 5.90 33.68
N ILE E 231 -25.17 6.80 33.38
CA ILE E 231 -25.65 7.77 34.34
C ILE E 231 -26.63 7.07 35.28
N ASP E 232 -26.60 7.45 36.56
CA ASP E 232 -27.43 6.82 37.59
C ASP E 232 -28.23 7.91 38.29
N LYS E 233 -29.38 8.26 37.70
CA LYS E 233 -30.35 9.17 38.31
C LYS E 233 -29.70 10.49 38.74
N ALA E 234 -29.36 10.59 40.03
CA ALA E 234 -28.81 11.83 40.59
C ALA E 234 -27.30 11.83 40.39
N GLY E 235 -26.89 12.09 39.14
CA GLY E 235 -25.49 12.24 38.84
C GLY E 235 -24.70 10.94 38.96
N LYS E 236 -23.39 11.11 39.15
CA LYS E 236 -22.42 10.03 39.34
C LYS E 236 -22.31 9.15 38.10
N VAL E 237 -21.30 8.28 38.07
CA VAL E 237 -21.06 7.38 36.94
C VAL E 237 -20.85 5.98 37.50
N VAL E 238 -21.47 4.99 36.86
CA VAL E 238 -21.42 3.61 37.31
C VAL E 238 -21.03 2.71 36.13
N VAL E 239 -20.78 1.45 36.44
CA VAL E 239 -20.38 0.44 35.46
C VAL E 239 -21.26 -0.79 35.65
N GLN E 240 -21.65 -1.41 34.55
CA GLN E 240 -22.41 -2.64 34.62
C GLN E 240 -21.58 -3.75 35.27
N GLY E 241 -22.25 -4.56 36.09
CA GLY E 241 -21.59 -5.66 36.75
C GLY E 241 -21.99 -7.01 36.21
N ALA E 242 -22.63 -7.83 37.03
CA ALA E 242 -23.10 -9.15 36.66
C ALA E 242 -24.62 -9.14 36.56
N GLN E 243 -25.20 -10.31 36.29
CA GLN E 243 -26.64 -10.48 36.17
C GLN E 243 -27.17 -11.18 37.41
N THR E 244 -28.22 -10.63 38.00
CA THR E 244 -28.84 -11.19 39.19
C THR E 244 -30.11 -11.98 38.88
N GLY E 245 -30.41 -12.21 37.61
CA GLY E 245 -31.59 -13.00 37.28
C GLY E 245 -32.58 -12.18 36.47
N THR E 246 -32.96 -12.74 35.31
CA THR E 246 -33.90 -12.08 34.42
C THR E 246 -35.32 -12.26 34.94
N THR E 247 -36.06 -11.15 35.04
CA THR E 247 -37.42 -11.20 35.52
C THR E 247 -38.34 -11.86 34.49
N GLY E 248 -39.52 -12.27 34.97
CA GLY E 248 -40.50 -12.90 34.08
C GLY E 248 -41.06 -11.96 33.04
N ASP E 249 -40.98 -10.65 33.28
CA ASP E 249 -41.42 -9.68 32.27
C ASP E 249 -40.56 -9.76 31.01
N GLY E 250 -39.26 -9.92 31.18
CA GLY E 250 -38.35 -10.02 30.05
C GLY E 250 -37.08 -9.23 30.23
N VAL E 251 -36.96 -8.53 31.35
CA VAL E 251 -35.78 -7.73 31.64
C VAL E 251 -35.02 -8.37 32.79
N ALA E 252 -33.73 -8.06 32.86
CA ALA E 252 -32.84 -8.61 33.88
C ALA E 252 -32.27 -7.50 34.75
N LYS E 253 -32.06 -7.83 36.02
CA LYS E 253 -31.49 -6.89 36.98
C LYS E 253 -29.99 -7.13 37.09
N PHE E 254 -29.21 -6.07 36.95
CA PHE E 254 -27.76 -6.13 37.00
C PHE E 254 -27.23 -5.46 38.25
N ASP E 255 -25.92 -5.37 38.35
CA ASP E 255 -25.23 -4.70 39.44
C ASP E 255 -24.58 -3.43 38.93
N TRP E 256 -24.85 -2.32 39.61
CA TRP E 256 -24.30 -1.01 39.24
C TRP E 256 -23.10 -0.74 40.15
N LEU E 257 -21.92 -1.14 39.68
CA LEU E 257 -20.71 -0.97 40.47
C LEU E 257 -20.20 0.45 40.32
N ASP E 258 -19.94 1.11 41.43
CA ASP E 258 -19.30 2.42 41.38
C ASP E 258 -17.85 2.26 40.95
N GLN E 259 -17.25 3.37 40.51
CA GLN E 259 -15.86 3.32 40.08
C GLN E 259 -14.95 3.36 41.30
N ALA E 260 -15.22 2.50 42.28
CA ALA E 260 -14.38 2.33 43.44
C ALA E 260 -14.24 0.88 43.88
N GLY E 261 -14.90 -0.05 43.19
CA GLY E 261 -14.87 -1.45 43.56
C GLY E 261 -16.08 -1.93 44.33
N ASN E 262 -17.01 -1.05 44.66
CA ASN E 262 -18.19 -1.41 45.45
C ASN E 262 -19.39 -1.64 44.54
N GLY E 263 -20.48 -2.12 45.15
CA GLY E 263 -21.72 -2.43 44.45
C GLY E 263 -22.84 -1.63 45.10
N VAL E 264 -23.66 -0.98 44.27
CA VAL E 264 -24.78 -0.18 44.76
C VAL E 264 -25.89 -0.22 43.71
N GLY E 265 -27.10 0.12 44.15
CA GLY E 265 -28.24 0.23 43.25
C GLY E 265 -28.94 -1.08 42.95
N ASN E 266 -28.33 -1.92 42.10
CA ASN E 266 -28.92 -3.20 41.68
C ASN E 266 -30.29 -2.98 41.04
N GLY E 267 -30.29 -2.26 39.92
CA GLY E 267 -31.51 -1.98 39.19
C GLY E 267 -31.34 -2.29 37.70
N VAL E 268 -32.47 -2.32 37.01
CA VAL E 268 -32.50 -2.59 35.58
C VAL E 268 -31.92 -1.38 34.84
N ALA E 269 -31.63 -1.54 33.56
CA ALA E 269 -31.07 -0.48 32.74
C ALA E 269 -32.10 -0.01 31.72
N GLY E 270 -32.17 1.31 31.53
CA GLY E 270 -33.06 1.87 30.53
C GLY E 270 -34.18 2.70 31.13
N GLN E 271 -34.07 4.03 31.01
CA GLN E 271 -35.09 4.96 31.46
C GLN E 271 -35.44 4.77 32.93
N GLY E 272 -36.50 4.01 33.20
CA GLY E 272 -36.96 3.82 34.57
C GLY E 272 -35.99 3.11 35.48
N GLY E 273 -34.97 2.46 34.94
CA GLY E 273 -33.99 1.79 35.76
C GLY E 273 -33.10 2.77 36.50
N PHE E 274 -32.28 2.22 37.39
CA PHE E 274 -31.39 3.05 38.20
C PHE E 274 -30.35 3.76 37.32
N ALA E 275 -29.78 3.06 36.36
CA ALA E 275 -28.74 3.60 35.50
C ALA E 275 -29.02 3.27 34.05
N HIS E 276 -28.57 4.15 33.16
CA HIS E 276 -28.74 3.93 31.72
C HIS E 276 -27.59 4.61 30.99
N TYR E 277 -27.34 4.14 29.78
CA TYR E 277 -26.25 4.68 28.98
C TYR E 277 -26.57 6.11 28.54
N VAL E 278 -25.52 6.93 28.43
CA VAL E 278 -25.66 8.32 28.02
C VAL E 278 -24.34 8.76 27.41
N THR E 279 -24.42 9.71 26.48
CA THR E 279 -23.25 10.20 25.78
C THR E 279 -22.44 11.15 26.67
N VAL E 280 -21.29 11.56 26.15
CA VAL E 280 -20.43 12.50 26.86
C VAL E 280 -20.97 13.92 26.84
N ASP E 281 -21.99 14.19 26.03
CA ASP E 281 -22.52 15.55 25.93
C ASP E 281 -23.16 16.00 27.24
N GLN E 282 -23.90 15.12 27.90
CA GLN E 282 -24.69 15.47 29.07
C GLN E 282 -23.98 15.17 30.39
N LEU E 283 -22.73 14.72 30.35
CA LEU E 283 -22.04 14.37 31.58
C LEU E 283 -21.73 15.61 32.41
N ASN E 284 -21.73 15.43 33.73
CA ASN E 284 -21.38 16.48 34.67
C ASN E 284 -20.19 16.00 35.51
N THR E 285 -19.40 16.97 35.98
CA THR E 285 -18.13 16.76 36.69
C THR E 285 -17.37 15.57 36.12
N VAL E 286 -17.06 15.67 34.83
CA VAL E 286 -16.43 14.58 34.09
C VAL E 286 -15.02 14.28 34.56
N ASP E 287 -14.45 15.11 35.42
CA ASP E 287 -13.07 14.92 35.86
C ASP E 287 -12.93 13.61 36.63
N GLY E 288 -11.78 12.95 36.44
CA GLY E 288 -11.51 11.71 37.14
C GLY E 288 -11.17 10.57 36.19
N SER E 289 -11.32 9.34 36.66
CA SER E 289 -11.09 8.17 35.80
C SER E 289 -12.09 8.09 34.67
N THR E 290 -13.20 8.83 34.75
CA THR E 290 -14.16 8.86 33.67
C THR E 290 -13.54 9.39 32.39
N LEU E 291 -12.69 10.42 32.51
CA LEU E 291 -12.02 10.96 31.33
C LEU E 291 -11.07 9.94 30.73
N HIS E 292 -10.37 9.18 31.57
CA HIS E 292 -9.51 8.11 31.07
C HIS E 292 -10.33 7.07 30.34
N ASN E 293 -11.48 6.67 30.90
CA ASN E 293 -12.34 5.71 30.23
C ASN E 293 -12.82 6.23 28.90
N ILE E 294 -13.18 7.51 28.84
CA ILE E 294 -13.69 8.11 27.61
C ILE E 294 -12.61 8.11 26.54
N LEU E 295 -11.39 8.53 26.91
CA LEU E 295 -10.33 8.56 25.91
C LEU E 295 -9.94 7.15 25.46
N GLY E 296 -9.95 6.18 26.37
CA GLY E 296 -9.73 4.81 25.96
C GLY E 296 -10.79 4.32 24.99
N GLN E 297 -12.05 4.66 25.26
CA GLN E 297 -13.13 4.25 24.38
C GLN E 297 -12.99 4.85 22.99
N VAL E 298 -12.67 6.14 22.90
CA VAL E 298 -12.54 6.74 21.58
C VAL E 298 -11.31 6.20 20.87
N SER E 299 -10.21 5.99 21.60
CA SER E 299 -9.03 5.37 20.99
C SER E 299 -9.30 3.94 20.55
N SER E 300 -10.32 3.29 21.11
CA SER E 300 -10.71 1.96 20.65
C SER E 300 -11.36 1.99 19.27
N GLY E 301 -11.68 3.16 18.73
CA GLY E 301 -12.32 3.27 17.44
C GLY E 301 -13.83 3.25 17.56
N LEU E 302 -14.37 4.14 18.38
CA LEU E 302 -15.79 4.16 18.71
C LEU E 302 -16.40 5.48 18.27
N GLY E 303 -17.58 5.42 17.66
CA GLY E 303 -18.21 6.63 17.16
C GLY E 303 -18.56 7.58 18.29
N LEU E 304 -18.33 8.87 18.05
CA LEU E 304 -18.62 9.88 19.08
C LEU E 304 -20.12 10.13 19.19
N SER E 305 -20.82 10.22 18.07
CA SER E 305 -22.24 10.54 18.09
C SER E 305 -23.06 9.33 18.50
N PRO E 306 -24.16 9.52 19.24
CA PRO E 306 -25.03 8.39 19.58
C PRO E 306 -25.64 7.72 18.36
N GLU E 307 -25.92 8.48 17.30
CA GLU E 307 -26.49 7.95 16.07
C GLU E 307 -25.47 8.14 14.96
N GLN E 308 -25.08 7.03 14.32
CA GLN E 308 -24.10 7.11 13.25
C GLN E 308 -24.73 7.71 12.00
N THR E 309 -24.01 8.63 11.38
CA THR E 309 -24.47 9.31 10.18
C THR E 309 -23.46 9.08 9.07
N GLN E 310 -23.96 8.65 7.91
CA GLN E 310 -23.12 8.40 6.75
C GLN E 310 -23.56 9.31 5.61
N SER E 311 -22.60 9.99 5.00
CA SER E 311 -22.85 10.82 3.84
C SER E 311 -22.41 10.09 2.59
N LEU E 312 -22.91 10.55 1.44
CA LEU E 312 -22.64 9.85 0.19
C LEU E 312 -21.15 9.77 -0.11
N GLN E 313 -20.36 10.74 0.34
CA GLN E 313 -18.93 10.70 0.12
C GLN E 313 -18.30 9.51 0.85
N ASP E 314 -18.71 9.27 2.09
CA ASP E 314 -18.13 8.18 2.86
C ASP E 314 -18.41 6.83 2.20
N VAL E 315 -19.64 6.61 1.76
CA VAL E 315 -19.98 5.33 1.14
C VAL E 315 -19.30 5.20 -0.22
N PHE E 316 -19.21 6.31 -0.97
CA PHE E 316 -18.46 6.27 -2.23
C PHE E 316 -17.01 5.87 -1.99
N ASN E 317 -16.39 6.45 -0.96
CA ASN E 317 -15.03 6.04 -0.60
C ASN E 317 -14.98 4.57 -0.20
N SER E 318 -16.03 4.09 0.48
CA SER E 318 -16.10 2.68 0.84
C SER E 318 -16.08 1.80 -0.40
N LEU E 319 -16.74 2.24 -1.47
CA LEU E 319 -16.63 1.53 -2.74
C LEU E 319 -15.20 1.57 -3.23
N ILE E 320 -14.73 2.76 -3.59
CA ILE E 320 -13.34 3.01 -3.98
C ILE E 320 -13.14 4.52 -4.03
N PRO E 321 -12.07 5.06 -3.45
CA PRO E 321 -11.87 6.51 -3.51
C PRO E 321 -11.71 7.00 -4.94
N GLY E 322 -12.26 8.19 -5.20
CA GLY E 322 -12.17 8.75 -6.53
C GLY E 322 -13.05 8.10 -7.57
N PHE E 323 -14.17 7.50 -7.15
CA PHE E 323 -15.09 6.90 -8.11
C PHE E 323 -15.70 7.96 -9.02
N ILE E 324 -16.22 9.03 -8.44
CA ILE E 324 -16.79 10.11 -9.24
C ILE E 324 -15.72 10.76 -10.11
N ALA E 325 -14.48 10.80 -9.65
CA ALA E 325 -13.41 11.36 -10.48
C ALA E 325 -13.17 10.52 -11.71
N LEU E 326 -13.13 9.19 -11.54
CA LEU E 326 -12.95 8.30 -12.68
C LEU E 326 -14.11 8.43 -13.66
N LEU E 327 -15.34 8.46 -13.14
CA LEU E 327 -16.50 8.60 -14.02
C LEU E 327 -16.46 9.91 -14.79
N LEU E 328 -16.15 11.01 -14.10
CA LEU E 328 -16.08 12.30 -14.76
C LEU E 328 -14.99 12.34 -15.81
N THR E 329 -13.82 11.77 -15.51
CA THR E 329 -12.74 11.75 -16.49
C THR E 329 -13.14 10.97 -17.72
N PHE E 330 -13.77 9.82 -17.54
CA PHE E 330 -14.19 9.02 -18.69
C PHE E 330 -15.24 9.75 -19.51
N LEU E 331 -16.20 10.40 -18.85
CA LEU E 331 -17.23 11.13 -19.57
C LEU E 331 -16.61 12.28 -20.37
N VAL E 332 -15.70 13.02 -19.76
CA VAL E 332 -15.07 14.14 -20.44
C VAL E 332 -14.27 13.64 -21.64
N LEU E 333 -13.56 12.53 -21.46
CA LEU E 333 -12.80 11.97 -22.58
C LEU E 333 -13.72 11.58 -23.73
N TRP E 334 -14.85 10.95 -23.41
CA TRP E 334 -15.78 10.53 -24.46
C TRP E 334 -16.35 11.73 -25.20
N ILE E 335 -16.77 12.76 -24.47
CA ILE E 335 -17.34 13.92 -25.14
C ILE E 335 -16.27 14.69 -25.91
N LEU E 336 -15.02 14.64 -25.46
CA LEU E 336 -13.95 15.25 -26.25
C LEU E 336 -13.73 14.49 -27.54
N ARG E 337 -13.78 13.17 -27.47
CA ARG E 337 -13.59 12.36 -28.68
C ARG E 337 -14.76 12.53 -29.65
N LYS E 338 -15.97 12.76 -29.14
CA LYS E 338 -17.16 12.84 -29.98
C LYS E 338 -17.45 14.24 -30.52
N TRP E 339 -17.30 15.28 -29.70
CA TRP E 339 -17.69 16.62 -30.10
C TRP E 339 -16.87 17.08 -31.31
N LYS E 340 -15.56 16.91 -31.26
CA LYS E 340 -14.66 17.25 -32.36
C LYS E 340 -14.86 18.70 -32.83
N ASN E 341 -14.71 19.62 -31.88
CA ASN E 341 -14.88 21.03 -32.13
C ASN E 341 -13.56 21.76 -31.86
N LYS E 342 -13.61 23.09 -31.91
CA LYS E 342 -12.43 23.93 -31.68
C LYS E 342 -12.43 24.55 -30.28
N ASN E 343 -13.55 25.15 -29.87
CA ASN E 343 -13.66 25.78 -28.56
C ASN E 343 -14.48 24.95 -27.58
N ALA E 344 -14.57 23.64 -27.81
CA ALA E 344 -15.27 22.77 -26.88
C ALA E 344 -14.77 22.84 -25.45
N PRO E 345 -13.45 22.90 -25.16
CA PRO E 345 -13.02 22.88 -23.76
C PRO E 345 -13.63 23.96 -22.89
N LEU E 346 -13.76 25.17 -23.41
CA LEU E 346 -14.39 26.24 -22.63
C LEU E 346 -15.83 25.90 -22.32
N PHE E 347 -16.56 25.35 -23.30
CA PHE E 347 -17.94 24.97 -23.08
C PHE E 347 -18.05 23.89 -22.01
N ILE E 348 -17.18 22.89 -22.07
CA ILE E 348 -17.20 21.85 -21.04
C ILE E 348 -16.92 22.45 -19.67
N ILE E 349 -15.99 23.42 -19.61
CA ILE E 349 -15.64 24.03 -18.34
C ILE E 349 -16.82 24.79 -17.75
N ILE E 350 -17.51 25.58 -18.57
CA ILE E 350 -18.64 26.34 -18.03
C ILE E 350 -19.77 25.40 -17.66
N GLY E 351 -19.98 24.35 -18.46
CA GLY E 351 -20.99 23.36 -18.11
C GLY E 351 -20.68 22.67 -16.79
N MET E 352 -19.41 22.41 -16.52
CA MET E 352 -19.03 21.84 -15.24
C MET E 352 -19.23 22.82 -14.10
N PHE E 353 -19.03 24.12 -14.36
CA PHE E 353 -19.39 25.12 -13.36
C PHE E 353 -20.89 25.07 -13.04
N VAL E 354 -21.73 24.97 -14.08
CA VAL E 354 -23.17 24.86 -13.84
C VAL E 354 -23.50 23.59 -13.08
N LEU E 355 -22.82 22.49 -13.42
CA LEU E 355 -23.03 21.25 -12.67
C LEU E 355 -22.68 21.43 -11.21
N GLY E 356 -21.58 22.12 -10.91
CA GLY E 356 -21.21 22.36 -9.53
C GLY E 356 -22.24 23.20 -8.79
N ILE E 357 -22.73 24.27 -9.43
CA ILE E 357 -23.67 25.14 -8.73
C ILE E 357 -25.00 24.44 -8.53
N VAL E 358 -25.43 23.62 -9.50
CA VAL E 358 -26.69 22.90 -9.30
C VAL E 358 -26.54 21.81 -8.26
N LEU E 359 -25.37 21.16 -8.19
CA LEU E 359 -25.16 20.17 -7.14
C LEU E 359 -25.14 20.81 -5.76
N HIS E 360 -24.55 22.00 -5.64
CA HIS E 360 -24.54 22.67 -4.35
C HIS E 360 -25.91 23.19 -3.97
N VAL E 361 -26.66 23.73 -4.92
CA VAL E 361 -27.97 24.29 -4.58
C VAL E 361 -28.94 23.19 -4.17
N ALA E 362 -28.76 21.98 -4.70
CA ALA E 362 -29.60 20.86 -4.32
C ALA E 362 -29.27 20.30 -2.95
N GLY E 363 -28.13 20.68 -2.37
CA GLY E 363 -27.71 20.19 -1.08
C GLY E 363 -26.86 18.95 -1.10
N LEU E 364 -26.67 18.31 -2.26
CA LEU E 364 -25.84 17.12 -2.31
C LEU E 364 -24.39 17.43 -1.97
N ALA E 365 -23.87 18.55 -2.46
CA ALA E 365 -22.50 18.93 -2.18
C ALA E 365 -22.37 20.42 -1.92
N MET F 1 27.56 -8.59 41.43
CA MET F 1 28.22 -9.32 40.36
C MET F 1 28.62 -10.71 40.84
N SER F 2 27.65 -11.62 40.82
CA SER F 2 27.86 -12.96 41.36
C SER F 2 28.88 -13.73 40.54
N ILE F 3 29.64 -14.60 41.22
CA ILE F 3 30.70 -15.36 40.57
C ILE F 3 30.14 -16.18 39.40
N ILE F 4 28.90 -16.65 39.54
CA ILE F 4 28.22 -17.30 38.42
C ILE F 4 28.11 -16.34 37.25
N SER F 5 27.85 -15.05 37.51
CA SER F 5 27.78 -14.09 36.42
C SER F 5 29.13 -13.94 35.72
N ILE F 6 30.24 -13.88 36.50
CA ILE F 6 31.56 -13.77 35.88
C ILE F 6 31.85 -14.97 35.00
N ILE F 7 31.59 -16.18 35.51
CA ILE F 7 31.89 -17.35 34.69
C ILE F 7 30.99 -17.39 33.46
N LEU F 8 29.73 -16.95 33.59
CA LEU F 8 28.83 -16.93 32.45
C LEU F 8 29.34 -15.98 31.38
N VAL F 9 29.69 -14.75 31.75
CA VAL F 9 30.15 -13.80 30.74
C VAL F 9 31.47 -14.25 30.15
N LEU F 10 32.33 -14.86 30.96
CA LEU F 10 33.60 -15.35 30.43
C LEU F 10 33.40 -16.40 29.35
N ILE F 11 32.61 -17.43 29.64
CA ILE F 11 32.38 -18.46 28.63
C ILE F 11 31.62 -17.90 27.44
N PHE F 12 30.71 -16.95 27.68
CA PHE F 12 29.89 -16.39 26.60
C PHE F 12 30.74 -15.57 25.65
N ALA F 13 31.62 -14.72 26.19
CA ALA F 13 32.52 -13.94 25.36
C ALA F 13 33.54 -14.85 24.67
N PHE F 14 33.95 -15.94 25.33
CA PHE F 14 34.84 -16.88 24.67
C PHE F 14 34.16 -17.49 23.45
N LEU F 15 32.90 -17.88 23.58
CA LEU F 15 32.16 -18.40 22.44
C LEU F 15 32.02 -17.34 21.34
N ALA F 16 31.73 -16.09 21.73
CA ALA F 16 31.58 -15.03 20.74
C ALA F 16 32.88 -14.81 19.97
N GLY F 17 34.01 -14.79 20.66
CA GLY F 17 35.29 -14.65 19.99
C GLY F 17 35.61 -15.85 19.12
N LEU F 18 35.20 -17.04 19.54
CA LEU F 18 35.30 -18.20 18.66
C LEU F 18 34.56 -17.93 17.35
N GLU F 19 33.32 -17.46 17.45
CA GLU F 19 32.49 -17.28 16.26
C GLU F 19 33.03 -16.23 15.30
N GLY F 20 34.01 -15.42 15.73
CA GLY F 20 34.63 -14.49 14.79
C GLY F 20 35.39 -15.16 13.66
N ILE F 21 35.64 -16.46 13.75
CA ILE F 21 36.39 -17.15 12.71
C ILE F 21 35.54 -18.25 12.08
N LEU F 22 34.99 -19.16 12.89
CA LEU F 22 34.15 -20.22 12.33
C LEU F 22 32.87 -19.65 11.75
N ASP F 23 32.09 -18.95 12.57
CA ASP F 23 30.94 -18.17 12.13
C ASP F 23 29.90 -19.03 11.42
N GLN F 24 29.33 -19.97 12.20
CA GLN F 24 28.15 -20.71 11.78
C GLN F 24 26.91 -20.32 12.57
N TRP F 25 26.94 -20.47 13.89
CA TRP F 25 25.77 -20.11 14.69
C TRP F 25 25.67 -18.60 14.91
N GLN F 26 26.71 -17.85 14.54
CA GLN F 26 26.73 -16.39 14.67
C GLN F 26 26.49 -15.94 16.11
N PHE F 27 27.12 -16.60 17.07
CA PHE F 27 27.08 -16.09 18.44
C PHE F 27 27.73 -14.72 18.56
N HIS F 28 28.62 -14.36 17.64
CA HIS F 28 29.36 -13.10 17.76
C HIS F 28 28.58 -11.89 17.28
N GLN F 29 27.49 -12.09 16.54
CA GLN F 29 26.72 -10.96 16.03
C GLN F 29 26.13 -10.17 17.20
N PRO F 30 26.15 -8.84 17.13
CA PRO F 30 25.70 -8.05 18.29
C PRO F 30 24.27 -8.34 18.71
N ILE F 31 23.37 -8.60 17.76
CA ILE F 31 21.96 -8.81 18.09
C ILE F 31 21.78 -9.98 19.04
N ILE F 32 22.64 -10.99 18.94
CA ILE F 32 22.60 -12.14 19.82
C ILE F 32 23.66 -12.05 20.91
N ALA F 33 24.87 -11.62 20.56
CA ALA F 33 25.95 -11.58 21.53
C ALA F 33 25.62 -10.63 22.68
N CYS F 34 25.25 -9.38 22.34
CA CYS F 34 24.96 -8.41 23.38
C CYS F 34 23.70 -8.79 24.15
N SER F 35 22.68 -9.30 23.44
CA SER F 35 21.45 -9.70 24.10
C SER F 35 21.69 -10.81 25.11
N LEU F 36 22.47 -11.81 24.72
CA LEU F 36 22.77 -12.93 25.60
C LEU F 36 23.71 -12.53 26.74
N ILE F 37 24.64 -11.61 26.49
CA ILE F 37 25.46 -11.10 27.58
C ILE F 37 24.60 -10.38 28.60
N GLY F 38 23.67 -9.54 28.13
CA GLY F 38 22.74 -8.89 29.04
C GLY F 38 21.83 -9.87 29.77
N ILE F 39 21.46 -10.96 29.10
CA ILE F 39 20.72 -12.03 29.77
C ILE F 39 21.53 -12.57 30.95
N ALA F 40 22.82 -12.82 30.71
CA ALA F 40 23.66 -13.35 31.77
C ALA F 40 23.82 -12.34 32.90
N THR F 41 24.09 -11.09 32.57
CA THR F 41 24.39 -10.07 33.58
C THR F 41 23.18 -9.18 33.83
N GLY F 42 22.25 -9.70 34.63
CA GLY F 42 21.13 -8.91 35.12
C GLY F 42 20.22 -8.33 34.07
N HIS F 43 20.26 -7.01 33.91
CA HIS F 43 19.34 -6.32 33.01
C HIS F 43 19.57 -6.76 31.57
N MET F 44 18.46 -6.91 30.84
CA MET F 44 18.50 -7.49 29.50
C MET F 44 17.81 -6.61 28.46
N ALA F 45 16.78 -5.86 28.88
CA ALA F 45 16.04 -5.04 27.93
C ALA F 45 16.95 -4.02 27.26
N ALA F 46 17.77 -3.33 28.04
CA ALA F 46 18.76 -2.44 27.44
C ALA F 46 19.78 -3.25 26.64
N GLY F 47 20.09 -4.47 27.07
CA GLY F 47 21.01 -5.29 26.33
C GLY F 47 20.50 -5.66 24.95
N ILE F 48 19.25 -6.10 24.87
CA ILE F 48 18.67 -6.44 23.57
C ILE F 48 18.50 -5.18 22.72
N ILE F 49 18.16 -4.06 23.35
CA ILE F 49 18.05 -2.81 22.60
C ILE F 49 19.39 -2.46 21.96
N LEU F 50 20.49 -2.53 22.73
CA LEU F 50 21.79 -2.19 22.18
C LEU F 50 22.22 -3.19 21.12
N GLY F 51 21.91 -4.47 21.33
CA GLY F 51 22.22 -5.47 20.31
C GLY F 51 21.52 -5.18 19.00
N GLY F 52 20.23 -4.86 19.06
CA GLY F 52 19.51 -4.49 17.86
C GLY F 52 20.09 -3.24 17.20
N SER F 53 20.46 -2.25 18.02
CA SER F 53 21.05 -1.03 17.46
C SER F 53 22.36 -1.32 16.75
N LEU F 54 23.21 -2.15 17.34
CA LEU F 54 24.51 -2.45 16.76
C LEU F 54 24.44 -3.44 15.60
N GLN F 55 23.35 -4.20 15.49
CA GLN F 55 23.24 -5.17 14.41
C GLN F 55 23.27 -4.49 13.05
N MET F 56 22.57 -3.36 12.91
CA MET F 56 22.55 -2.65 11.65
C MET F 56 23.92 -2.08 11.31
N ILE F 57 24.66 -1.63 12.32
CA ILE F 57 26.04 -1.21 12.08
C ILE F 57 26.88 -2.39 11.64
N ALA F 58 26.61 -3.58 12.18
CA ALA F 58 27.33 -4.78 11.79
C ALA F 58 27.04 -5.22 10.36
N LEU F 59 26.04 -4.61 9.72
CA LEU F 59 25.74 -4.93 8.32
C LEU F 59 26.95 -4.66 7.43
N GLY F 60 27.16 -5.53 6.45
CA GLY F 60 28.28 -5.37 5.55
C GLY F 60 29.62 -5.52 6.21
N TRP F 61 29.72 -6.37 7.23
CA TRP F 61 30.98 -6.60 7.92
C TRP F 61 31.38 -8.06 7.81
N ALA F 62 31.32 -8.61 6.60
CA ALA F 62 31.71 -9.97 6.33
C ALA F 62 33.06 -9.99 5.61
N ASN F 63 34.01 -10.72 6.18
CA ASN F 63 35.34 -10.83 5.58
C ASN F 63 35.26 -11.61 4.28
N VAL F 64 35.84 -11.06 3.22
CA VAL F 64 35.78 -11.66 1.88
C VAL F 64 37.14 -11.55 1.23
N GLY F 65 37.56 -12.63 0.57
CA GLY F 65 38.81 -12.63 -0.17
C GLY F 65 40.04 -12.32 0.66
N ALA F 66 40.13 -12.95 1.84
CA ALA F 66 41.26 -12.80 2.75
C ALA F 66 41.38 -11.38 3.29
N ALA F 67 40.38 -10.53 3.01
CA ALA F 67 40.31 -9.20 3.58
C ALA F 67 39.47 -9.29 4.85
N VAL F 68 40.12 -9.12 5.99
CA VAL F 68 39.47 -9.37 7.28
C VAL F 68 38.42 -8.31 7.56
N ALA F 69 37.29 -8.74 8.09
CA ALA F 69 36.18 -7.86 8.40
C ALA F 69 36.50 -7.00 9.63
N PRO F 70 35.75 -5.92 9.84
CA PRO F 70 35.94 -5.11 11.06
C PRO F 70 35.77 -5.88 12.36
N ASP F 71 35.40 -7.16 12.28
CA ASP F 71 35.37 -8.06 13.44
C ASP F 71 34.42 -7.53 14.52
N ALA F 72 33.14 -7.54 14.18
CA ALA F 72 32.11 -7.07 15.10
C ALA F 72 32.06 -7.86 16.40
N ALA F 73 32.79 -8.97 16.51
CA ALA F 73 32.73 -9.79 17.71
C ALA F 73 33.26 -9.04 18.93
N LEU F 74 34.52 -8.58 18.86
CA LEU F 74 35.10 -7.87 19.99
C LEU F 74 34.35 -6.57 20.24
N ALA F 75 33.94 -5.87 19.18
CA ALA F 75 33.15 -4.66 19.36
C ALA F 75 31.90 -4.94 20.19
N SER F 76 31.11 -5.93 19.77
CA SER F 76 29.87 -6.23 20.46
C SER F 76 30.13 -6.64 21.91
N VAL F 77 31.07 -7.57 22.12
CA VAL F 77 31.27 -8.12 23.46
C VAL F 77 31.80 -7.04 24.40
N ALA F 78 32.83 -6.31 23.99
CA ALA F 78 33.42 -5.31 24.86
C ALA F 78 32.46 -4.14 25.10
N SER F 79 31.69 -3.75 24.07
CA SER F 79 30.70 -2.71 24.28
C SER F 79 29.63 -3.14 25.26
N ALA F 80 29.16 -4.39 25.16
CA ALA F 80 28.14 -4.88 26.09
C ALA F 80 28.68 -4.94 27.50
N ILE F 81 29.92 -5.41 27.68
CA ILE F 81 30.49 -5.48 29.02
C ILE F 81 30.68 -4.08 29.60
N LEU F 82 31.14 -3.14 28.78
CA LEU F 82 31.33 -1.77 29.26
C LEU F 82 29.98 -1.16 29.62
N MET F 83 28.93 -1.46 28.85
CA MET F 83 27.60 -0.98 29.16
C MET F 83 27.12 -1.55 30.50
N VAL F 84 27.27 -2.85 30.69
CA VAL F 84 26.78 -3.46 31.93
C VAL F 84 27.59 -2.99 33.11
N GLN F 85 28.85 -2.60 32.89
CA GLN F 85 29.65 -2.02 33.97
C GLN F 85 29.17 -0.64 34.36
N GLY F 86 28.43 0.05 33.49
CA GLY F 86 27.94 1.38 33.77
C GLY F 86 26.45 1.37 34.02
N GLY F 87 26.07 1.76 35.24
CA GLY F 87 24.66 1.82 35.59
C GLY F 87 23.96 3.01 34.97
N ASN F 88 23.84 2.98 33.65
CA ASN F 88 23.25 4.11 32.91
C ASN F 88 22.71 3.57 31.60
N PHE F 89 21.39 3.46 31.49
CA PHE F 89 20.75 2.82 30.34
C PHE F 89 19.58 3.66 29.85
N ASP F 90 19.79 4.96 29.68
CA ASP F 90 18.74 5.86 29.25
C ASP F 90 18.51 5.84 27.73
N LEU F 91 19.10 4.86 27.03
CA LEU F 91 18.93 4.66 25.60
C LEU F 91 19.60 5.76 24.78
N THR F 92 20.10 6.79 25.46
CA THR F 92 20.85 7.85 24.79
C THR F 92 22.35 7.59 24.79
N HIS F 93 22.91 7.24 25.95
CA HIS F 93 24.33 6.93 26.01
C HIS F 93 24.65 5.63 25.28
N ILE F 94 23.68 4.73 25.17
CA ILE F 94 23.87 3.50 24.42
C ILE F 94 24.17 3.83 22.96
N THR F 95 23.40 4.72 22.36
CA THR F 95 23.74 5.21 21.03
C THR F 95 24.73 6.36 21.07
N GLY F 96 25.03 6.90 22.25
CA GLY F 96 25.91 8.04 22.37
C GLY F 96 27.36 7.69 22.63
N VAL F 97 27.61 6.90 23.68
CA VAL F 97 28.97 6.63 24.12
C VAL F 97 29.37 5.18 23.99
N ILE F 98 28.50 4.33 23.43
CA ILE F 98 28.81 2.92 23.27
C ILE F 98 29.07 2.56 21.82
N VAL F 99 28.23 3.05 20.89
CA VAL F 99 28.43 2.74 19.48
C VAL F 99 29.78 3.25 18.96
N PRO F 100 30.19 4.50 19.21
CA PRO F 100 31.55 4.90 18.81
C PRO F 100 32.63 4.05 19.47
N ALA F 101 32.44 3.70 20.74
CA ALA F 101 33.34 2.76 21.39
C ALA F 101 33.32 1.43 20.68
N ALA F 102 32.13 0.99 20.24
CA ALA F 102 32.03 -0.25 19.49
C ALA F 102 32.85 -0.19 18.21
N ILE F 103 32.81 0.94 17.51
CA ILE F 103 33.60 1.08 16.28
C ILE F 103 35.10 1.04 16.59
N LEU F 104 35.52 1.76 17.64
CA LEU F 104 36.93 1.77 17.99
C LEU F 104 37.43 0.38 18.34
N LEU F 105 36.68 -0.34 19.18
CA LEU F 105 37.05 -1.70 19.51
C LEU F 105 36.90 -2.64 18.32
N ALA F 106 36.08 -2.29 17.33
CA ALA F 106 36.05 -3.08 16.10
C ALA F 106 37.37 -2.95 15.34
N THR F 107 37.90 -1.73 15.24
CA THR F 107 39.23 -1.57 14.66
C THR F 107 40.28 -2.32 15.47
N ALA F 108 40.17 -2.25 16.81
CA ALA F 108 41.11 -2.97 17.65
C ALA F 108 41.05 -4.48 17.40
N GLY F 109 39.84 -5.02 17.29
CA GLY F 109 39.69 -6.45 17.01
C GLY F 109 40.21 -6.82 15.63
N LEU F 110 40.02 -5.94 14.65
CA LEU F 110 40.60 -6.17 13.33
C LEU F 110 42.12 -6.28 13.42
N VAL F 111 42.75 -5.31 14.08
CA VAL F 111 44.21 -5.34 14.18
C VAL F 111 44.68 -6.53 15.01
N LEU F 112 43.87 -7.00 15.96
CA LEU F 112 44.23 -8.19 16.73
C LEU F 112 44.17 -9.44 15.86
N THR F 113 43.07 -9.62 15.12
CA THR F 113 42.89 -10.85 14.36
C THR F 113 43.84 -10.91 13.17
N THR F 114 44.24 -9.76 12.63
CA THR F 114 45.28 -9.79 11.59
C THR F 114 46.54 -10.47 12.12
N LEU F 115 47.01 -10.03 13.29
CA LEU F 115 48.22 -10.63 13.87
C LEU F 115 48.00 -12.08 14.24
N VAL F 116 46.83 -12.41 14.80
CA VAL F 116 46.55 -13.78 15.21
C VAL F 116 46.58 -14.72 14.00
N ARG F 117 45.91 -14.33 12.92
CA ARG F 117 45.90 -15.16 11.73
C ARG F 117 47.27 -15.21 11.07
N PHE F 118 48.04 -14.12 11.14
CA PHE F 118 49.39 -14.15 10.59
C PHE F 118 50.27 -15.13 11.35
N LEU F 119 50.16 -15.16 12.67
CA LEU F 119 50.94 -16.12 13.46
C LEU F 119 50.40 -17.54 13.37
N SER F 120 49.14 -17.70 12.97
CA SER F 120 48.58 -19.05 12.79
C SER F 120 49.28 -19.85 11.71
N VAL F 121 50.05 -19.19 10.82
CA VAL F 121 50.85 -19.93 9.86
C VAL F 121 51.86 -20.81 10.57
N GLY F 122 52.39 -20.34 11.70
CA GLY F 122 53.32 -21.16 12.47
C GLY F 122 52.66 -22.41 13.04
N ILE F 123 51.46 -22.26 13.60
CA ILE F 123 50.79 -23.44 14.14
C ILE F 123 50.37 -24.38 13.03
N VAL F 124 50.08 -23.86 11.84
CA VAL F 124 49.78 -24.74 10.71
C VAL F 124 51.05 -25.45 10.25
N HIS F 125 52.19 -24.78 10.30
CA HIS F 125 53.46 -25.45 10.03
C HIS F 125 53.69 -26.59 11.01
N LEU F 126 53.41 -26.34 12.29
CA LEU F 126 53.49 -27.41 13.29
C LEU F 126 52.48 -28.52 12.98
N ALA F 127 51.31 -28.14 12.47
CA ALA F 127 50.29 -29.13 12.14
C ALA F 127 50.76 -30.06 11.04
N ASP F 128 51.38 -29.52 10.00
CA ASP F 128 51.90 -30.39 8.95
C ASP F 128 53.12 -31.17 9.42
N ALA F 129 53.91 -30.58 10.34
CA ALA F 129 55.01 -31.32 10.94
C ALA F 129 54.50 -32.55 11.69
N ALA F 130 53.42 -32.39 12.45
CA ALA F 130 52.82 -33.51 13.15
C ALA F 130 52.08 -34.45 12.19
N ALA F 131 51.64 -33.95 11.04
CA ALA F 131 51.04 -34.77 10.00
C ALA F 131 52.06 -35.61 9.26
N GLU F 132 53.33 -35.20 9.26
CA GLU F 132 54.38 -35.94 8.58
C GLU F 132 54.60 -37.34 9.17
N LYS F 133 54.09 -37.62 10.36
CA LYS F 133 54.20 -38.95 10.93
C LYS F 133 52.97 -39.81 10.70
N GLY F 134 51.85 -39.21 10.26
CA GLY F 134 50.68 -39.99 9.90
C GLY F 134 49.74 -40.33 11.04
N SER F 135 49.21 -39.31 11.71
CA SER F 135 48.22 -39.52 12.77
C SER F 135 47.23 -38.38 12.76
N TYR F 136 45.93 -38.72 12.75
CA TYR F 136 44.90 -37.69 12.79
C TYR F 136 44.76 -37.05 14.17
N SER F 137 45.16 -37.74 15.24
CA SER F 137 45.03 -37.19 16.57
C SER F 137 45.86 -35.92 16.72
N GLY F 138 47.09 -35.92 16.19
CA GLY F 138 47.94 -34.75 16.32
C GLY F 138 47.38 -33.53 15.62
N VAL F 139 46.92 -33.71 14.37
CA VAL F 139 46.40 -32.58 13.62
C VAL F 139 45.09 -32.10 14.22
N ALA F 140 44.26 -33.03 14.74
CA ALA F 140 43.05 -32.60 15.44
C ALA F 140 43.39 -31.77 16.68
N GLY F 141 44.38 -32.20 17.45
CA GLY F 141 44.79 -31.44 18.62
C GLY F 141 45.33 -30.07 18.25
N TRP F 142 46.09 -29.98 17.17
CA TRP F 142 46.62 -28.68 16.74
C TRP F 142 45.51 -27.77 16.23
N HIS F 143 44.51 -28.34 15.56
CA HIS F 143 43.33 -27.56 15.17
C HIS F 143 42.62 -27.00 16.40
N MET F 144 42.43 -27.85 17.42
CA MET F 144 41.79 -27.40 18.64
C MET F 144 42.61 -26.32 19.33
N PHE F 145 43.95 -26.46 19.33
CA PHE F 145 44.80 -25.44 19.93
C PHE F 145 44.72 -24.13 19.17
N ALA F 146 44.67 -24.18 17.83
CA ALA F 146 44.53 -22.95 17.05
C ALA F 146 43.22 -22.25 17.36
N LEU F 147 42.12 -23.02 17.45
CA LEU F 147 40.86 -22.41 17.81
C LEU F 147 40.88 -21.87 19.25
N LEU F 148 41.59 -22.55 20.15
CA LEU F 148 41.71 -22.07 21.52
C LEU F 148 42.44 -20.73 21.57
N LEU F 149 43.52 -20.60 20.78
CA LEU F 149 44.23 -19.32 20.70
C LEU F 149 43.32 -18.23 20.14
N GLN F 150 42.57 -18.56 19.09
CA GLN F 150 41.66 -17.57 18.50
C GLN F 150 40.62 -17.11 19.51
N GLY F 151 40.06 -18.04 20.28
CA GLY F 151 39.10 -17.67 21.30
C GLY F 151 39.72 -16.86 22.43
N LEU F 152 40.91 -17.26 22.88
CA LEU F 152 41.59 -16.52 23.95
C LEU F 152 41.91 -15.09 23.52
N ARG F 153 42.18 -14.87 22.23
CA ARG F 153 42.37 -13.51 21.72
C ARG F 153 41.29 -12.56 22.24
N ILE F 154 40.05 -13.03 22.36
CA ILE F 154 38.95 -12.19 22.82
C ILE F 154 38.72 -12.45 24.30
N ALA F 155 39.06 -13.64 24.76
CA ALA F 155 38.74 -14.03 26.13
C ALA F 155 39.53 -13.19 27.13
N ILE F 156 40.83 -13.03 26.90
CA ILE F 156 41.66 -12.26 27.84
C ILE F 156 41.22 -10.80 27.94
N PRO F 157 41.06 -10.05 26.83
CA PRO F 157 40.62 -8.65 26.99
C PRO F 157 39.26 -8.53 27.64
N ALA F 158 38.35 -9.47 27.40
CA ALA F 158 37.05 -9.45 28.07
C ALA F 158 37.22 -9.57 29.57
N ALA F 159 38.21 -10.34 30.02
CA ALA F 159 38.47 -10.45 31.45
C ALA F 159 39.13 -9.19 32.01
N ILE F 160 40.07 -8.61 31.25
CA ILE F 160 40.77 -7.43 31.75
C ILE F 160 39.83 -6.23 31.82
N ILE F 161 38.83 -6.15 30.94
CA ILE F 161 37.88 -5.05 31.02
C ILE F 161 36.81 -5.28 32.09
N LEU F 162 36.78 -6.48 32.69
CA LEU F 162 35.85 -6.78 33.77
C LEU F 162 36.50 -6.68 35.15
N ALA F 163 37.77 -7.06 35.27
CA ALA F 163 38.45 -7.01 36.55
C ALA F 163 38.72 -5.58 37.01
N ILE F 164 38.58 -4.59 36.13
CA ILE F 164 38.85 -3.20 36.53
C ILE F 164 37.81 -2.76 37.54
N PRO F 165 38.14 -1.88 38.49
CA PRO F 165 37.14 -1.43 39.46
C PRO F 165 36.01 -0.67 38.78
N ALA F 166 34.80 -0.86 39.31
CA ALA F 166 33.62 -0.23 38.72
C ALA F 166 33.59 1.27 38.96
N GLU F 167 34.18 1.72 40.08
CA GLU F 167 34.19 3.14 40.39
C GLU F 167 34.95 3.93 39.33
N THR F 168 36.12 3.41 38.92
CA THR F 168 36.91 4.10 37.91
C THR F 168 36.16 4.20 36.58
N VAL F 169 35.51 3.10 36.17
CA VAL F 169 34.84 3.11 34.87
C VAL F 169 33.59 4.00 34.92
N THR F 170 32.89 4.03 36.07
CA THR F 170 31.71 4.87 36.15
C THR F 170 32.08 6.34 36.31
N ALA F 171 33.28 6.63 36.82
CA ALA F 171 33.76 8.01 36.81
C ALA F 171 34.20 8.43 35.41
N ALA F 172 34.85 7.52 34.69
CA ALA F 172 35.32 7.85 33.34
C ALA F 172 34.16 8.05 32.37
N LEU F 173 33.21 7.12 32.35
CA LEU F 173 32.11 7.21 31.40
C LEU F 173 31.20 8.40 31.69
N ASN F 174 31.21 8.93 32.91
CA ASN F 174 30.44 10.11 33.23
C ASN F 174 31.24 11.40 33.07
N ALA F 175 32.52 11.30 32.72
CA ALA F 175 33.37 12.48 32.58
C ALA F 175 33.33 13.09 31.19
N ILE F 176 32.64 12.46 30.24
CA ILE F 176 32.55 12.98 28.89
C ILE F 176 31.65 14.22 28.87
N PRO F 177 31.88 15.16 27.96
CA PRO F 177 30.93 16.27 27.81
C PRO F 177 29.58 15.77 27.32
N ASP F 178 28.53 16.46 27.76
CA ASP F 178 27.18 16.09 27.33
C ASP F 178 26.95 16.41 25.86
N TRP F 179 27.44 17.56 25.40
CA TRP F 179 27.24 17.94 24.01
C TRP F 179 27.93 16.97 23.06
N VAL F 180 29.15 16.54 23.40
CA VAL F 180 29.82 15.55 22.56
C VAL F 180 29.06 14.23 22.61
N SER F 181 28.48 13.88 23.75
CA SER F 181 27.71 12.64 23.83
C SER F 181 26.52 12.69 22.88
N LYS F 182 25.76 13.77 22.91
CA LYS F 182 24.59 13.88 22.03
C LYS F 182 25.02 13.96 20.57
N GLY F 183 26.12 14.64 20.28
CA GLY F 183 26.62 14.68 18.91
C GLY F 183 27.02 13.32 18.40
N LEU F 184 27.74 12.55 19.22
CA LEU F 184 28.08 11.19 18.82
C LEU F 184 26.84 10.33 18.64
N ALA F 185 25.82 10.55 19.47
CA ALA F 185 24.57 9.80 19.33
C ALA F 185 23.91 10.10 17.98
N VAL F 186 23.73 11.38 17.67
CA VAL F 186 23.05 11.74 16.43
C VAL F 186 23.86 11.31 15.21
N GLY F 187 25.19 11.38 15.32
CA GLY F 187 26.03 10.83 14.26
C GLY F 187 25.91 9.33 14.11
N GLY F 188 25.86 8.59 15.21
CA GLY F 188 25.72 7.14 15.13
C GLY F 188 24.35 6.72 14.66
N GLY F 189 23.37 7.62 14.74
CA GLY F 189 22.09 7.35 14.12
C GLY F 189 22.11 7.37 12.62
N MET F 190 23.27 7.68 12.02
CA MET F 190 23.42 7.79 10.58
C MET F 190 24.53 6.91 10.02
N VAL F 191 25.43 6.42 10.88
CA VAL F 191 26.58 5.64 10.43
C VAL F 191 26.18 4.39 9.66
N VAL F 192 24.98 3.86 9.94
CA VAL F 192 24.55 2.62 9.30
C VAL F 192 24.59 2.71 7.79
N VAL F 193 24.44 3.92 7.23
CA VAL F 193 24.48 4.09 5.77
C VAL F 193 25.78 3.54 5.21
N VAL F 194 26.90 3.87 5.86
CA VAL F 194 28.19 3.38 5.38
C VAL F 194 28.17 1.87 5.29
N GLY F 195 27.55 1.21 6.26
CA GLY F 195 27.50 -0.24 6.26
C GLY F 195 26.89 -0.80 4.98
N TYR F 196 25.86 -0.14 4.46
CA TYR F 196 25.26 -0.62 3.22
C TYR F 196 26.03 -0.17 1.99
N ALA F 197 26.83 0.88 2.09
CA ALA F 197 27.40 1.49 0.89
C ALA F 197 28.19 0.49 0.06
N MET F 198 29.17 -0.18 0.69
CA MET F 198 29.95 -1.16 -0.05
C MET F 198 29.05 -2.21 -0.67
N VAL F 199 28.01 -2.63 0.05
CA VAL F 199 27.08 -3.61 -0.50
C VAL F 199 26.49 -3.08 -1.80
N ILE F 200 25.99 -1.85 -1.78
CA ILE F 200 25.48 -1.24 -3.00
C ILE F 200 26.60 -1.11 -4.02
N ASN F 201 27.81 -0.80 -3.55
CA ASN F 201 28.96 -0.75 -4.45
C ASN F 201 29.27 -2.13 -5.01
N LEU F 202 29.06 -3.18 -4.22
CA LEU F 202 29.36 -4.53 -4.69
C LEU F 202 28.40 -4.94 -5.79
N MET F 203 27.11 -4.69 -5.60
CA MET F 203 26.08 -5.04 -6.58
C MET F 203 25.43 -3.76 -7.09
N ALA F 204 25.69 -3.44 -8.36
CA ALA F 204 25.10 -2.26 -8.98
C ALA F 204 25.21 -2.40 -10.48
N THR F 205 24.08 -2.27 -11.17
CA THR F 205 24.04 -2.35 -12.62
C THR F 205 22.87 -1.51 -13.11
N LYS F 206 22.96 -1.05 -14.36
CA LYS F 206 21.86 -0.29 -14.93
C LYS F 206 20.56 -1.09 -14.91
N GLU F 207 20.66 -2.41 -15.00
CA GLU F 207 19.46 -3.25 -14.95
C GLU F 207 18.86 -3.30 -13.55
N LEU F 208 19.67 -3.09 -12.52
CA LEU F 208 19.24 -3.30 -11.14
C LEU F 208 19.04 -2.03 -10.34
N TRP F 209 19.53 -0.90 -10.81
CA TRP F 209 19.34 0.35 -10.09
C TRP F 209 17.87 0.72 -9.86
N PRO F 210 16.94 0.52 -10.80
CA PRO F 210 15.54 0.90 -10.52
C PRO F 210 14.94 0.24 -9.30
N PHE F 211 15.35 -0.99 -8.98
CA PHE F 211 14.78 -1.68 -7.82
C PHE F 211 15.12 -0.96 -6.52
N PHE F 212 16.32 -0.41 -6.44
CA PHE F 212 16.70 0.31 -5.23
C PHE F 212 15.74 1.47 -4.98
N PHE F 213 15.44 2.24 -6.02
CA PHE F 213 14.50 3.36 -5.86
C PHE F 213 13.08 2.87 -5.63
N LEU F 214 12.70 1.74 -6.25
CA LEU F 214 11.36 1.20 -6.01
C LEU F 214 11.19 0.85 -4.54
N GLY F 215 12.15 0.14 -3.97
CA GLY F 215 12.11 -0.15 -2.55
C GLY F 215 12.19 1.09 -1.69
N PHE F 216 12.99 2.07 -2.11
CA PHE F 216 13.10 3.29 -1.34
C PHE F 216 11.78 4.04 -1.26
N VAL F 217 11.03 4.08 -2.37
CA VAL F 217 9.78 4.83 -2.36
C VAL F 217 8.65 4.01 -1.74
N LEU F 218 8.69 2.67 -1.87
CA LEU F 218 7.64 1.84 -1.28
C LEU F 218 7.84 1.65 0.22
N ALA F 219 9.05 1.82 0.72
CA ALA F 219 9.32 1.58 2.13
C ALA F 219 8.49 2.45 3.09
N PRO F 220 8.23 3.76 2.82
CA PRO F 220 7.46 4.56 3.79
C PRO F 220 6.13 3.96 4.24
N LEU F 221 5.66 2.91 3.57
CA LEU F 221 4.43 2.26 3.97
C LEU F 221 4.64 1.50 5.28
N SER F 222 4.31 2.12 6.41
CA SER F 222 4.55 1.50 7.70
C SER F 222 3.71 0.26 7.92
N SER F 223 2.64 0.07 7.14
CA SER F 223 1.79 -1.09 7.33
C SER F 223 2.43 -2.38 6.84
N ILE F 224 3.56 -2.30 6.14
CA ILE F 224 4.29 -3.47 5.68
C ILE F 224 5.52 -3.62 6.56
N THR F 225 5.64 -4.77 7.22
CA THR F 225 6.79 -5.01 8.08
C THR F 225 7.99 -5.46 7.25
N LEU F 226 9.13 -5.60 7.93
CA LEU F 226 10.36 -5.95 7.23
C LEU F 226 10.24 -7.33 6.57
N ILE F 227 9.59 -8.27 7.23
CA ILE F 227 9.41 -9.59 6.63
C ILE F 227 8.49 -9.51 5.42
N GLY F 228 7.43 -8.70 5.52
CA GLY F 228 6.58 -8.48 4.36
C GLY F 228 7.36 -7.89 3.20
N MET F 229 8.25 -6.95 3.49
CA MET F 229 9.08 -6.37 2.42
C MET F 229 10.07 -7.40 1.87
N GLY F 230 10.55 -8.31 2.70
CA GLY F 230 11.39 -9.38 2.19
C GLY F 230 10.64 -10.25 1.20
N ILE F 231 9.42 -10.65 1.55
CA ILE F 231 8.61 -11.45 0.63
C ILE F 231 8.31 -10.65 -0.63
N LEU F 232 8.04 -9.35 -0.49
CA LEU F 232 7.78 -8.49 -1.65
C LEU F 232 8.98 -8.44 -2.58
N GLY F 233 10.19 -8.29 -2.03
CA GLY F 233 11.37 -8.33 -2.86
C GLY F 233 11.55 -9.67 -3.54
N VAL F 234 11.27 -10.77 -2.83
CA VAL F 234 11.42 -12.09 -3.42
C VAL F 234 10.47 -12.26 -4.59
N VAL F 235 9.20 -11.85 -4.43
CA VAL F 235 8.24 -12.04 -5.51
C VAL F 235 8.58 -11.14 -6.69
N ILE F 236 9.02 -9.90 -6.41
CA ILE F 236 9.39 -9.01 -7.51
C ILE F 236 10.54 -9.60 -8.31
N ALA F 237 11.57 -10.08 -7.62
CA ALA F 237 12.70 -10.70 -8.31
C ALA F 237 12.25 -11.92 -9.10
N LEU F 238 11.38 -12.74 -8.52
CA LEU F 238 10.90 -13.93 -9.22
C LEU F 238 10.16 -13.55 -10.49
N ILE F 239 9.25 -12.57 -10.40
CA ILE F 239 8.45 -12.17 -11.56
C ILE F 239 9.34 -11.65 -12.66
N TYR F 240 10.29 -10.78 -12.32
CA TYR F 240 11.22 -10.27 -13.32
C TYR F 240 12.01 -11.42 -13.94
N LEU F 241 12.38 -12.42 -13.12
CA LEU F 241 13.14 -13.54 -13.66
C LEU F 241 12.33 -14.32 -14.68
N ASN F 242 11.08 -14.66 -14.37
CA ASN F 242 10.29 -15.40 -15.35
C ASN F 242 10.04 -14.57 -16.60
N LEU F 243 9.79 -13.27 -16.43
CA LEU F 243 9.53 -12.42 -17.59
C LEU F 243 10.75 -12.37 -18.50
N SER F 244 11.94 -12.20 -17.94
CA SER F 244 13.14 -12.17 -18.77
C SER F 244 13.40 -13.52 -19.42
N ASN F 245 13.19 -14.61 -18.68
CA ASN F 245 13.44 -15.93 -19.27
C ASN F 245 12.49 -16.22 -20.42
N THR F 246 11.21 -15.88 -20.26
CA THR F 246 10.24 -16.11 -21.33
C THR F 246 10.39 -15.09 -22.46
N ALA F 247 11.02 -13.94 -22.20
CA ALA F 247 11.34 -13.03 -23.29
C ALA F 247 12.51 -13.54 -24.10
N GLY F 248 13.52 -14.09 -23.43
CA GLY F 248 14.61 -14.72 -24.15
C GLY F 248 14.15 -15.91 -24.96
N ASN F 249 13.33 -16.77 -24.35
CA ASN F 249 12.74 -17.89 -25.09
C ASN F 249 11.76 -17.39 -26.14
N GLY F 250 10.96 -16.38 -25.82
CA GLY F 250 9.98 -15.85 -26.75
C GLY F 250 10.60 -15.09 -27.91
N LYS G 6 31.82 -54.58 -2.35
CA LYS G 6 32.40 -53.27 -2.09
C LYS G 6 32.25 -52.89 -0.61
N LYS G 7 33.30 -53.13 0.17
CA LYS G 7 33.31 -52.78 1.58
C LYS G 7 33.63 -51.29 1.73
N PHE G 8 33.88 -50.87 2.97
CA PHE G 8 34.28 -49.51 3.29
C PHE G 8 33.22 -48.49 2.83
N SER G 9 32.00 -48.68 3.34
CA SER G 9 30.88 -47.79 3.07
C SER G 9 30.47 -47.12 4.37
N LEU G 10 30.42 -45.80 4.37
CA LEU G 10 30.09 -45.05 5.57
C LEU G 10 28.58 -45.06 5.83
N SER G 11 28.22 -44.91 7.10
CA SER G 11 26.84 -44.96 7.54
C SER G 11 26.28 -43.55 7.73
N LYS G 12 24.97 -43.47 7.98
CA LYS G 12 24.30 -42.18 8.11
C LYS G 12 24.85 -41.37 9.28
N ASN G 13 25.09 -42.04 10.42
CA ASN G 13 25.66 -41.35 11.57
C ASN G 13 27.07 -40.83 11.25
N THR G 14 27.84 -41.58 10.46
CA THR G 14 29.13 -41.09 10.02
C THR G 14 28.98 -39.83 9.17
N ARG G 15 27.97 -39.81 8.29
CA ARG G 15 27.73 -38.62 7.48
C ARG G 15 27.37 -37.42 8.36
N LEU G 16 26.53 -37.64 9.36
CA LEU G 16 26.15 -36.55 10.26
C LEU G 16 27.35 -36.03 11.03
N SER G 17 28.21 -36.95 11.50
CA SER G 17 29.42 -36.53 12.20
C SER G 17 30.36 -35.76 11.27
N VAL G 18 30.47 -36.20 10.01
CA VAL G 18 31.30 -35.50 9.05
C VAL G 18 30.77 -34.09 8.82
N MET G 19 29.45 -33.95 8.71
CA MET G 19 28.87 -32.61 8.55
C MET G 19 29.12 -31.75 9.78
N PHE G 20 28.98 -32.33 10.97
CA PHE G 20 29.18 -31.56 12.20
C PHE G 20 30.63 -31.09 12.33
N ARG G 21 31.58 -31.90 11.89
CA ARG G 21 32.97 -31.46 11.95
C ARG G 21 33.35 -30.55 10.79
N SER G 22 32.70 -30.69 9.64
CA SER G 22 32.89 -29.72 8.55
C SER G 22 32.31 -28.38 8.93
N MET G 23 31.35 -28.37 9.85
CA MET G 23 30.89 -27.13 10.47
C MET G 23 32.05 -26.37 11.09
N PHE G 24 33.07 -27.09 11.55
CA PHE G 24 34.26 -26.53 12.16
C PHE G 24 35.35 -26.23 11.15
N LEU G 25 34.99 -26.00 9.88
CA LEU G 25 35.98 -25.89 8.82
C LEU G 25 36.95 -24.74 9.06
N GLN G 26 36.44 -23.59 9.48
CA GLN G 26 37.33 -22.48 9.79
C GLN G 26 37.96 -22.70 11.15
N GLY G 27 39.00 -21.90 11.42
CA GLY G 27 39.77 -22.02 12.65
C GLY G 27 41.25 -21.94 12.39
N SER G 28 41.72 -22.61 11.34
CA SER G 28 43.12 -22.51 10.92
C SER G 28 43.25 -21.50 9.78
N TRP G 29 42.95 -20.24 10.09
CA TRP G 29 43.02 -19.19 9.09
C TRP G 29 44.46 -18.82 8.79
N ASN G 30 44.89 -19.02 7.54
CA ASN G 30 46.27 -18.80 7.15
C ASN G 30 46.33 -17.96 5.89
N TYR G 31 47.27 -17.02 5.87
CA TYR G 31 47.49 -16.18 4.71
C TYR G 31 48.29 -16.86 3.62
N GLU G 32 48.92 -17.99 3.91
CA GLU G 32 49.68 -18.75 2.94
C GLU G 32 48.97 -20.00 2.45
N ARG G 33 48.05 -20.55 3.24
CA ARG G 33 47.24 -21.69 2.81
C ARG G 33 45.87 -21.54 3.45
N MET G 34 44.91 -21.06 2.67
CA MET G 34 43.58 -20.75 3.16
C MET G 34 42.91 -22.04 3.68
N GLN G 35 42.58 -22.07 4.97
CA GLN G 35 41.84 -23.16 5.60
C GLN G 35 42.35 -24.54 5.15
N ASN G 36 43.65 -24.76 5.38
CA ASN G 36 44.28 -25.98 4.89
C ASN G 36 43.76 -27.21 5.63
N LEU G 37 43.91 -27.23 6.95
CA LEU G 37 43.54 -28.43 7.71
C LEU G 37 42.07 -28.45 8.13
N GLY G 38 41.30 -27.41 7.84
CA GLY G 38 39.87 -27.48 8.08
C GLY G 38 39.22 -28.57 7.26
N PHE G 39 39.60 -28.69 5.99
CA PHE G 39 39.09 -29.75 5.14
C PHE G 39 39.55 -31.12 5.66
N LEU G 40 40.79 -31.20 6.12
CA LEU G 40 41.28 -32.45 6.71
C LEU G 40 40.42 -32.86 7.91
N TYR G 41 40.13 -31.90 8.80
CA TYR G 41 39.27 -32.20 9.94
C TYR G 41 37.88 -32.61 9.48
N SER G 42 37.38 -32.00 8.42
CA SER G 42 36.08 -32.38 7.89
C SER G 42 36.08 -33.83 7.40
N ILE G 43 37.19 -34.29 6.83
CA ILE G 43 37.25 -35.63 6.24
C ILE G 43 37.93 -36.64 7.18
N ILE G 44 38.22 -36.23 8.41
CA ILE G 44 38.95 -37.12 9.34
C ILE G 44 38.28 -38.49 9.51
N PRO G 45 37.01 -38.60 9.89
CA PRO G 45 36.51 -39.91 10.35
C PRO G 45 36.40 -40.94 9.24
N ALA G 46 36.21 -40.51 7.99
CA ALA G 46 36.22 -41.47 6.89
C ALA G 46 37.56 -42.19 6.82
N LEU G 47 38.66 -41.45 6.93
CA LEU G 47 39.98 -42.07 6.96
C LEU G 47 40.28 -42.74 8.28
N LYS G 48 39.66 -42.30 9.37
CA LYS G 48 39.79 -43.00 10.64
C LYS G 48 39.24 -44.42 10.54
N GLN G 49 38.07 -44.57 9.91
CA GLN G 49 37.47 -45.87 9.70
C GLN G 49 37.96 -46.56 8.43
N PHE G 50 38.79 -45.88 7.63
CA PHE G 50 39.35 -46.50 6.44
C PHE G 50 40.64 -47.25 6.76
N TYR G 51 41.62 -46.55 7.32
CA TYR G 51 42.89 -47.18 7.66
C TYR G 51 43.46 -46.55 8.93
N LYS G 52 44.15 -47.37 9.72
CA LYS G 52 44.72 -46.92 10.98
C LYS G 52 45.84 -45.90 10.72
N PRO G 53 45.91 -44.83 11.51
CA PRO G 53 47.00 -43.87 11.34
C PRO G 53 48.37 -44.52 11.52
N GLY G 54 49.34 -44.01 10.77
CA GLY G 54 50.70 -44.50 10.80
C GLY G 54 51.09 -45.34 9.61
N SER G 55 50.14 -45.80 8.81
CA SER G 55 50.44 -46.59 7.63
C SER G 55 50.70 -45.69 6.42
N GLU G 56 51.26 -46.29 5.38
CA GLU G 56 51.56 -45.52 4.17
C GLU G 56 50.28 -45.01 3.51
N GLU G 57 49.25 -45.86 3.44
CA GLU G 57 47.99 -45.43 2.83
C GLU G 57 47.37 -44.27 3.60
N ALA G 58 47.28 -44.41 4.92
CA ALA G 58 46.73 -43.33 5.74
C ALA G 58 47.59 -42.08 5.64
N LYS G 59 48.90 -42.24 5.65
CA LYS G 59 49.80 -41.10 5.54
C LYS G 59 49.57 -40.33 4.24
N GLU G 60 49.48 -41.06 3.12
CA GLU G 60 49.25 -40.40 1.84
C GLU G 60 47.86 -39.75 1.79
N ALA G 61 46.84 -40.45 2.27
CA ALA G 61 45.49 -39.91 2.25
C ALA G 61 45.39 -38.62 3.05
N LEU G 62 46.05 -38.59 4.22
CA LEU G 62 46.09 -37.36 5.00
C LEU G 62 46.91 -36.30 4.31
N LYS G 63 48.12 -36.65 3.85
CA LYS G 63 49.03 -35.70 3.22
C LYS G 63 48.44 -35.05 1.99
N ARG G 64 47.44 -35.67 1.38
CA ARG G 64 46.86 -35.12 0.16
C ARG G 64 46.09 -33.81 0.38
N HIS G 65 46.13 -33.14 1.54
CA HIS G 65 45.33 -31.95 1.78
C HIS G 65 46.18 -30.84 2.41
N MET G 66 47.33 -30.57 1.81
CA MET G 66 48.16 -29.41 2.14
C MET G 66 48.21 -28.42 0.99
N GLU G 67 47.07 -28.13 0.40
CA GLU G 67 46.95 -27.19 -0.72
C GLU G 67 46.07 -26.02 -0.31
N PHE G 68 46.17 -24.94 -1.10
CA PHE G 68 45.32 -23.78 -0.91
C PHE G 68 43.85 -24.17 -1.07
N PHE G 69 43.01 -23.72 -0.14
CA PHE G 69 41.60 -24.10 -0.15
C PHE G 69 40.78 -22.94 0.41
N ASN G 70 40.34 -22.05 -0.49
CA ASN G 70 39.56 -20.89 -0.12
C ASN G 70 38.17 -20.99 -0.74
N THR G 71 37.15 -20.91 0.09
CA THR G 71 35.76 -20.95 -0.38
C THR G 71 34.87 -20.38 0.72
N HIS G 72 33.64 -20.09 0.34
CA HIS G 72 32.67 -19.61 1.32
C HIS G 72 32.40 -20.71 2.34
N PRO G 73 32.49 -20.42 3.64
CA PRO G 73 32.35 -21.49 4.65
C PRO G 73 31.02 -22.20 4.61
N TYR G 74 29.93 -21.50 4.28
CA TYR G 74 28.62 -22.12 4.27
C TYR G 74 28.51 -23.14 3.14
N VAL G 75 28.89 -22.75 1.93
CA VAL G 75 28.85 -23.68 0.78
C VAL G 75 30.20 -24.38 0.78
N ALA G 76 30.32 -25.38 1.64
CA ALA G 76 31.45 -26.30 1.63
C ALA G 76 31.04 -27.75 1.76
N ALA G 77 29.79 -28.04 2.14
CA ALA G 77 29.30 -29.41 2.14
C ALA G 77 29.37 -30.10 0.78
N PRO G 78 29.07 -29.46 -0.36
CA PRO G 78 29.22 -30.17 -1.63
C PRO G 78 30.63 -30.69 -1.86
N ILE G 79 31.64 -29.87 -1.55
CA ILE G 79 33.02 -30.30 -1.73
C ILE G 79 33.35 -31.46 -0.80
N VAL G 80 32.88 -31.39 0.45
CA VAL G 80 33.11 -32.47 1.40
C VAL G 80 32.48 -33.76 0.89
N GLY G 81 31.25 -33.68 0.40
CA GLY G 81 30.58 -34.87 -0.07
C GLY G 81 31.26 -35.49 -1.28
N VAL G 82 31.63 -34.66 -2.25
CA VAL G 82 32.27 -35.19 -3.46
C VAL G 82 33.64 -35.75 -3.12
N THR G 83 34.35 -35.13 -2.17
CA THR G 83 35.67 -35.65 -1.80
C THR G 83 35.57 -36.96 -1.03
N LEU G 84 34.57 -37.07 -0.15
CA LEU G 84 34.33 -38.34 0.53
C LEU G 84 33.97 -39.43 -0.48
N ALA G 85 33.12 -39.09 -1.46
CA ALA G 85 32.78 -40.06 -2.50
C ALA G 85 34.02 -40.48 -3.28
N LEU G 86 34.87 -39.52 -3.64
CA LEU G 86 36.10 -39.86 -4.36
C LEU G 86 36.98 -40.79 -3.55
N GLU G 87 37.22 -40.45 -2.28
CA GLU G 87 38.08 -41.29 -1.45
C GLU G 87 37.48 -42.67 -1.19
N GLU G 88 36.15 -42.79 -1.25
CA GLU G 88 35.53 -44.10 -1.10
C GLU G 88 35.93 -45.03 -2.24
N GLU G 89 35.81 -44.56 -3.49
CA GLU G 89 36.27 -45.35 -4.62
C GLU G 89 37.79 -45.55 -4.62
N ILE G 90 38.56 -44.53 -4.24
CA ILE G 90 40.01 -44.74 -4.17
C ILE G 90 40.35 -45.83 -3.16
N ALA G 91 39.60 -45.92 -2.07
CA ALA G 91 39.82 -46.95 -1.06
C ALA G 91 39.17 -48.29 -1.41
N ASN G 92 38.46 -48.37 -2.54
CA ASN G 92 37.77 -49.58 -2.94
C ASN G 92 38.38 -50.21 -4.20
N GLY G 93 39.69 -50.07 -4.36
CA GLY G 93 40.38 -50.69 -5.47
C GLY G 93 40.00 -50.17 -6.84
N VAL G 94 39.87 -48.86 -6.99
CA VAL G 94 39.58 -48.24 -8.27
C VAL G 94 40.79 -47.40 -8.68
N GLU G 95 41.00 -47.30 -9.99
CA GLU G 95 42.18 -46.65 -10.55
C GLU G 95 42.00 -45.15 -10.72
N ILE G 96 41.14 -44.52 -9.92
CA ILE G 96 40.94 -43.08 -10.02
C ILE G 96 42.25 -42.35 -9.74
N ASP G 97 42.55 -41.36 -10.57
CA ASP G 97 43.81 -40.63 -10.46
C ASP G 97 43.87 -39.87 -9.13
N GLU G 98 45.07 -39.79 -8.57
CA GLU G 98 45.27 -39.11 -7.29
C GLU G 98 44.94 -37.63 -7.39
N ALA G 99 45.40 -36.97 -8.45
CA ALA G 99 45.26 -35.52 -8.57
C ALA G 99 43.89 -35.10 -9.09
N ALA G 100 43.02 -36.04 -9.42
CA ALA G 100 41.68 -35.69 -9.88
C ALA G 100 40.89 -34.96 -8.79
N ILE G 101 41.02 -35.41 -7.55
CA ILE G 101 40.33 -34.77 -6.45
C ILE G 101 40.84 -33.33 -6.26
N GLN G 102 42.16 -33.14 -6.34
CA GLN G 102 42.71 -31.80 -6.22
C GLN G 102 42.25 -30.90 -7.36
N GLY G 103 42.21 -31.44 -8.57
CA GLY G 103 41.77 -30.65 -9.71
C GLY G 103 40.31 -30.25 -9.61
N VAL G 104 39.44 -31.18 -9.21
CA VAL G 104 38.03 -30.85 -9.09
C VAL G 104 37.82 -29.86 -7.95
N LYS G 105 38.57 -29.98 -6.85
CA LYS G 105 38.48 -29.00 -5.78
C LYS G 105 38.91 -27.61 -6.28
N VAL G 106 40.01 -27.56 -7.02
CA VAL G 106 40.51 -26.27 -7.51
C VAL G 106 39.50 -25.63 -8.45
N GLY G 107 38.91 -26.42 -9.35
CA GLY G 107 37.85 -25.91 -10.18
C GLY G 107 36.62 -25.47 -9.42
N MET G 108 36.29 -26.15 -8.32
CA MET G 108 35.07 -25.84 -7.58
C MET G 108 35.20 -24.58 -6.72
N MET G 109 36.41 -24.28 -6.20
CA MET G 109 36.52 -23.14 -5.29
C MET G 109 36.06 -21.84 -5.96
N GLY G 110 36.49 -21.59 -7.18
CA GLY G 110 36.30 -20.30 -7.81
C GLY G 110 34.85 -19.90 -7.98
N PRO G 111 34.14 -20.57 -8.90
CA PRO G 111 32.74 -20.18 -9.17
C PRO G 111 31.82 -20.35 -7.97
N LEU G 112 31.99 -21.42 -7.19
CA LEU G 112 31.10 -21.64 -6.06
C LEU G 112 31.24 -20.52 -5.03
N ALA G 113 32.48 -20.14 -4.71
CA ALA G 113 32.68 -19.00 -3.82
C ALA G 113 32.18 -17.71 -4.44
N GLY G 114 32.39 -17.52 -5.74
CA GLY G 114 31.94 -16.31 -6.39
C GLY G 114 30.43 -16.14 -6.31
N ILE G 115 29.69 -17.24 -6.37
CA ILE G 115 28.24 -17.16 -6.29
C ILE G 115 27.73 -17.17 -4.85
N GLY G 116 28.44 -17.83 -3.93
CA GLY G 116 28.02 -17.85 -2.55
C GLY G 116 28.40 -16.62 -1.75
N ASP G 117 29.36 -15.84 -2.24
CA ASP G 117 29.76 -14.62 -1.54
C ASP G 117 28.64 -13.59 -1.47
N PRO G 118 27.94 -13.24 -2.56
CA PRO G 118 26.86 -12.24 -2.43
C PRO G 118 25.58 -12.84 -1.85
N VAL G 119 25.35 -14.12 -2.13
CA VAL G 119 24.09 -14.75 -1.72
C VAL G 119 24.00 -14.85 -0.21
N PHE G 120 25.09 -15.24 0.46
CA PHE G 120 25.04 -15.51 1.89
C PHE G 120 25.43 -14.29 2.72
N TRP G 121 26.63 -13.76 2.51
CA TRP G 121 27.09 -12.64 3.32
C TRP G 121 26.32 -11.35 3.00
N PHE G 122 25.92 -11.17 1.74
CA PHE G 122 25.39 -9.89 1.30
C PHE G 122 23.92 -9.91 0.93
N THR G 123 23.27 -11.08 0.92
CA THR G 123 21.85 -11.13 0.58
C THR G 123 20.98 -11.64 1.71
N VAL G 124 21.26 -12.81 2.26
CA VAL G 124 20.39 -13.36 3.29
C VAL G 124 20.75 -12.83 4.68
N ARG G 125 22.04 -12.66 4.96
CA ARG G 125 22.44 -12.09 6.24
C ARG G 125 21.86 -10.70 6.47
N PRO G 126 21.86 -9.77 5.51
CA PRO G 126 21.13 -8.51 5.72
C PRO G 126 19.66 -8.73 6.04
N ILE G 127 18.99 -9.67 5.38
CA ILE G 127 17.57 -9.91 5.66
C ILE G 127 17.38 -10.31 7.11
N VAL G 128 18.13 -11.33 7.54
CA VAL G 128 17.92 -11.86 8.88
C VAL G 128 18.32 -10.84 9.94
N GLY G 129 19.45 -10.16 9.74
CA GLY G 129 19.85 -9.15 10.70
C GLY G 129 18.87 -8.01 10.79
N ALA G 130 18.34 -7.55 9.65
CA ALA G 130 17.38 -6.46 9.66
C ALA G 130 16.10 -6.88 10.36
N ILE G 131 15.61 -8.09 10.10
CA ILE G 131 14.40 -8.56 10.78
C ILE G 131 14.63 -8.65 12.28
N ALA G 132 15.79 -9.18 12.69
CA ALA G 132 16.08 -9.30 14.11
C ALA G 132 16.17 -7.94 14.77
N ALA G 133 16.81 -6.97 14.11
CA ALA G 133 16.91 -5.64 14.69
C ALA G 133 15.54 -4.96 14.78
N SER G 134 14.70 -5.16 13.76
CA SER G 134 13.36 -4.61 13.80
C SER G 134 12.56 -5.20 14.96
N LEU G 135 12.67 -6.51 15.18
CA LEU G 135 11.98 -7.12 16.31
C LEU G 135 12.56 -6.64 17.64
N ALA G 136 13.86 -6.41 17.72
CA ALA G 136 14.50 -5.98 18.96
C ALA G 136 14.21 -4.52 19.29
N THR G 137 13.91 -3.70 18.29
CA THR G 137 13.63 -2.28 18.57
C THR G 137 12.49 -2.10 19.56
N GLY G 138 11.58 -3.06 19.64
CA GLY G 138 10.48 -3.00 20.58
C GLY G 138 10.81 -3.46 21.98
N GLY G 139 12.07 -3.78 22.26
CA GLY G 139 12.44 -4.28 23.57
C GLY G 139 11.83 -5.62 23.88
N SER G 140 11.83 -6.54 22.92
CA SER G 140 11.23 -7.86 23.07
C SER G 140 12.30 -8.94 23.01
N ILE G 141 12.12 -9.99 23.80
CA ILE G 141 13.07 -11.09 23.85
C ILE G 141 13.00 -11.97 22.61
N ILE G 142 11.98 -11.75 21.76
CA ILE G 142 11.78 -12.62 20.60
C ILE G 142 12.90 -12.46 19.58
N ALA G 143 13.52 -11.29 19.51
CA ALA G 143 14.45 -11.00 18.42
C ALA G 143 15.69 -11.88 18.40
N PRO G 144 16.47 -12.00 19.50
CA PRO G 144 17.71 -12.79 19.38
C PRO G 144 17.45 -14.28 19.22
N ILE G 145 16.47 -14.82 19.94
CA ILE G 145 16.14 -16.23 19.77
C ILE G 145 15.62 -16.47 18.36
N PHE G 146 14.83 -15.54 17.82
CA PHE G 146 14.37 -15.67 16.44
C PHE G 146 15.54 -15.70 15.47
N PHE G 147 16.47 -14.75 15.62
CA PHE G 147 17.65 -14.73 14.74
C PHE G 147 18.40 -16.04 14.80
N PHE G 148 18.67 -16.51 16.02
CA PHE G 148 19.37 -17.78 16.20
C PHE G 148 18.65 -18.91 15.48
N VAL G 149 17.35 -19.05 15.72
CA VAL G 149 16.64 -20.21 15.18
C VAL G 149 16.58 -20.15 13.65
N VAL G 150 16.30 -18.97 13.08
CA VAL G 150 16.16 -18.94 11.62
C VAL G 150 17.51 -19.17 10.96
N TRP G 151 18.55 -18.51 11.44
CA TRP G 151 19.85 -18.67 10.81
C TRP G 151 20.35 -20.11 10.94
N ASN G 152 20.21 -20.69 12.13
CA ASN G 152 20.68 -22.07 12.32
C ASN G 152 19.86 -23.05 11.50
N ALA G 153 18.54 -22.83 11.41
CA ALA G 153 17.71 -23.73 10.59
C ALA G 153 18.12 -23.66 9.13
N ILE G 154 18.30 -22.45 8.60
CA ILE G 154 18.68 -22.31 7.20
C ILE G 154 20.03 -22.96 6.95
N ARG G 155 21.01 -22.66 7.81
CA ARG G 155 22.36 -23.21 7.62
C ARG G 155 22.37 -24.73 7.73
N ILE G 156 21.68 -25.27 8.74
CA ILE G 156 21.68 -26.72 8.93
C ILE G 156 20.99 -27.42 7.76
N ALA G 157 19.82 -26.91 7.36
CA ALA G 157 19.11 -27.53 6.24
C ALA G 157 19.97 -27.52 4.99
N PHE G 158 20.55 -26.35 4.65
CA PHE G 158 21.40 -26.29 3.48
C PHE G 158 22.55 -27.26 3.59
N LEU G 159 23.29 -27.21 4.71
CA LEU G 159 24.49 -28.04 4.86
C LEU G 159 24.16 -29.51 4.70
N TRP G 160 23.18 -30.00 5.45
CA TRP G 160 22.87 -31.42 5.43
C TRP G 160 22.35 -31.85 4.06
N TYR G 161 21.42 -31.09 3.47
CA TYR G 161 20.83 -31.52 2.22
C TYR G 161 21.84 -31.49 1.09
N THR G 162 22.69 -30.46 1.01
CA THR G 162 23.65 -30.46 -0.09
C THR G 162 24.80 -31.43 0.17
N GLN G 163 25.12 -31.73 1.42
CA GLN G 163 26.09 -32.79 1.70
C GLN G 163 25.57 -34.14 1.21
N GLU G 164 24.29 -34.42 1.49
CA GLU G 164 23.70 -35.65 0.99
C GLU G 164 23.67 -35.67 -0.54
N PHE G 165 23.30 -34.54 -1.15
CA PHE G 165 23.29 -34.47 -2.61
C PHE G 165 24.68 -34.69 -3.19
N GLY G 166 25.70 -34.08 -2.59
CA GLY G 166 27.05 -34.26 -3.08
C GLY G 166 27.53 -35.69 -2.98
N TYR G 167 27.29 -36.32 -1.83
CA TYR G 167 27.71 -37.71 -1.67
C TYR G 167 26.96 -38.63 -2.63
N LYS G 168 25.65 -38.40 -2.81
CA LYS G 168 24.87 -39.26 -3.68
C LYS G 168 25.14 -39.01 -5.16
N GLN G 169 25.66 -37.84 -5.52
CA GLN G 169 25.89 -37.51 -6.92
C GLN G 169 27.32 -37.76 -7.37
N GLY G 170 28.31 -37.25 -6.65
CA GLY G 170 29.69 -37.38 -7.08
C GLY G 170 30.15 -36.17 -7.88
N THR G 171 31.00 -36.41 -8.88
CA THR G 171 31.54 -35.31 -9.68
C THR G 171 30.52 -34.73 -10.65
N ALA G 172 29.33 -35.31 -10.75
CA ALA G 172 28.33 -34.84 -11.69
C ALA G 172 27.72 -33.50 -11.31
N ILE G 173 28.02 -32.97 -10.12
CA ILE G 173 27.52 -31.66 -9.75
C ILE G 173 28.10 -30.57 -10.65
N THR G 174 29.25 -30.83 -11.27
CA THR G 174 29.78 -29.87 -12.23
C THR G 174 28.83 -29.71 -13.42
N SER G 175 28.30 -30.82 -13.93
CA SER G 175 27.29 -30.74 -14.98
C SER G 175 25.97 -30.24 -14.43
N ASP G 176 25.67 -30.55 -13.16
CA ASP G 176 24.44 -30.06 -12.55
C ASP G 176 24.41 -28.53 -12.54
N LEU G 177 25.52 -27.91 -12.15
CA LEU G 177 25.62 -26.46 -12.17
C LEU G 177 25.96 -25.95 -13.56
N GLY G 178 27.10 -26.38 -14.10
CA GLY G 178 27.50 -25.97 -15.43
C GLY G 178 27.64 -24.46 -15.51
N GLY G 179 27.07 -23.88 -16.56
CA GLY G 179 27.11 -22.44 -16.75
C GLY G 179 25.75 -21.90 -17.12
N GLY G 180 25.47 -20.71 -16.59
CA GLY G 180 24.20 -20.06 -16.86
C GLY G 180 23.20 -20.20 -15.73
N MET G 181 23.15 -21.39 -15.12
CA MET G 181 22.19 -21.63 -14.04
C MET G 181 22.45 -20.70 -12.87
N LEU G 182 23.70 -20.67 -12.38
CA LEU G 182 24.06 -19.83 -11.25
C LEU G 182 23.86 -18.35 -11.54
N GLN G 183 23.87 -17.95 -12.81
CA GLN G 183 23.64 -16.54 -13.14
C GLN G 183 22.25 -16.11 -12.70
N GLN G 184 21.26 -17.00 -12.83
CA GLN G 184 19.90 -16.66 -12.43
C GLN G 184 19.83 -16.41 -10.93
N ILE G 185 20.44 -17.28 -10.12
CA ILE G 185 20.43 -17.06 -8.67
C ILE G 185 21.18 -15.78 -8.33
N THR G 186 22.31 -15.52 -9.00
CA THR G 186 23.05 -14.30 -8.72
C THR G 186 22.21 -13.06 -9.01
N LYS G 187 21.53 -13.05 -10.16
CA LYS G 187 20.70 -11.91 -10.53
C LYS G 187 19.54 -11.73 -9.56
N GLY G 188 18.84 -12.82 -9.23
CA GLY G 188 17.73 -12.71 -8.31
C GLY G 188 18.15 -12.25 -6.93
N ALA G 189 19.24 -12.81 -6.41
CA ALA G 189 19.74 -12.40 -5.10
C ALA G 189 20.16 -10.94 -5.12
N SER G 190 20.80 -10.50 -6.20
CA SER G 190 21.20 -9.10 -6.29
C SER G 190 19.99 -8.17 -6.33
N ILE G 191 18.96 -8.56 -7.07
CA ILE G 191 17.73 -7.75 -7.12
C ILE G 191 17.11 -7.65 -5.73
N LEU G 192 16.99 -8.78 -5.05
CA LEU G 192 16.41 -8.78 -3.71
C LEU G 192 17.23 -7.93 -2.75
N GLY G 193 18.57 -8.05 -2.85
CA GLY G 193 19.43 -7.26 -1.98
C GLY G 193 19.29 -5.78 -2.22
N MET G 194 19.23 -5.37 -3.49
CA MET G 194 19.06 -3.95 -3.78
C MET G 194 17.72 -3.44 -3.24
N PHE G 195 16.65 -4.21 -3.43
CA PHE G 195 15.35 -3.78 -2.95
C PHE G 195 15.36 -3.62 -1.43
N ILE G 196 15.86 -4.63 -0.72
CA ILE G 196 15.84 -4.56 0.74
C ILE G 196 16.78 -3.47 1.24
N LEU G 197 17.88 -3.23 0.52
CA LEU G 197 18.78 -2.15 0.91
C LEU G 197 18.12 -0.80 0.76
N GLY G 198 17.35 -0.60 -0.32
CA GLY G 198 16.57 0.62 -0.43
C GLY G 198 15.61 0.78 0.73
N VAL G 199 14.91 -0.30 1.08
CA VAL G 199 13.97 -0.24 2.20
C VAL G 199 14.71 0.14 3.48
N LEU G 200 15.83 -0.51 3.75
CA LEU G 200 16.58 -0.25 4.98
C LEU G 200 17.11 1.16 5.03
N ILE G 201 17.63 1.66 3.91
CA ILE G 201 18.14 3.03 3.87
C ILE G 201 17.02 4.02 4.15
N GLN G 202 15.83 3.76 3.60
CA GLN G 202 14.71 4.64 3.89
C GLN G 202 14.33 4.59 5.37
N ARG G 203 14.32 3.39 5.96
CA ARG G 203 13.71 3.22 7.27
C ARG G 203 14.64 3.58 8.42
N TRP G 204 15.86 3.03 8.41
CA TRP G 204 16.70 2.99 9.61
C TRP G 204 17.84 4.00 9.58
N VAL G 205 17.61 5.18 9.01
CA VAL G 205 18.60 6.27 9.02
C VAL G 205 17.85 7.53 9.43
N ASN G 206 17.86 7.85 10.72
CA ASN G 206 17.08 8.94 11.28
C ASN G 206 18.01 10.09 11.65
N ILE G 207 17.86 11.22 10.95
CA ILE G 207 18.67 12.40 11.19
C ILE G 207 17.73 13.55 11.49
N SER G 208 16.64 13.25 12.20
CA SER G 208 15.57 14.20 12.48
C SER G 208 16.13 15.58 12.82
N PHE G 209 15.73 16.58 12.03
CA PHE G 209 16.34 17.91 12.04
C PHE G 209 15.57 18.90 12.90
N THR G 210 14.97 18.44 13.99
CA THR G 210 14.22 19.35 14.85
C THR G 210 15.12 20.43 15.44
N GLY G 211 15.97 20.03 16.40
CA GLY G 211 16.96 20.92 16.97
C GLY G 211 16.39 22.18 17.59
N PRO G 212 17.26 23.03 18.13
CA PRO G 212 16.85 24.39 18.52
C PRO G 212 16.79 25.31 17.31
N ASN G 213 17.72 25.11 16.39
CA ASN G 213 17.73 25.81 15.11
C ASN G 213 17.01 24.95 14.08
N ALA G 214 17.16 25.29 12.80
CA ALA G 214 16.55 24.55 11.70
C ALA G 214 15.04 24.50 11.81
N MET G 215 14.44 25.54 12.40
CA MET G 215 13.01 25.67 12.52
C MET G 215 12.56 26.90 11.74
N LEU G 216 11.67 26.70 10.78
CA LEU G 216 11.13 27.81 10.01
C LEU G 216 10.23 28.67 10.91
N PRO G 217 10.06 29.95 10.57
CA PRO G 217 9.17 30.79 11.37
C PRO G 217 7.76 30.21 11.44
N SER G 218 7.15 30.33 12.62
CA SER G 218 5.85 29.72 12.86
C SER G 218 4.75 30.65 12.38
N LYS G 219 3.89 30.14 11.49
CA LYS G 219 2.76 30.92 11.03
C LYS G 219 1.70 31.00 12.13
N PRO G 220 0.92 32.09 12.16
CA PRO G 220 -0.15 32.21 13.16
C PRO G 220 -1.35 31.32 12.90
N LEU G 221 -1.30 30.46 11.87
CA LEU G 221 -2.37 29.51 11.55
C LEU G 221 -3.61 30.29 11.19
N ALA G 222 -4.75 30.07 11.83
CA ALA G 222 -6.00 30.69 11.43
C ALA G 222 -6.84 30.94 12.68
N ASP G 223 -8.15 31.12 12.48
CA ASP G 223 -9.06 31.49 13.55
C ASP G 223 -10.07 30.39 13.78
N GLY G 224 -9.61 29.15 13.81
CA GLY G 224 -10.50 28.01 13.93
C GLY G 224 -9.97 26.77 13.23
N ALA G 225 -8.86 26.91 12.52
CA ALA G 225 -8.18 25.77 11.93
C ALA G 225 -7.33 25.00 12.92
N TYR G 226 -7.36 25.38 14.20
CA TYR G 226 -6.67 24.67 15.25
C TYR G 226 -7.65 24.35 16.37
N VAL G 227 -7.35 23.31 17.14
CA VAL G 227 -8.29 22.82 18.14
C VAL G 227 -8.45 23.86 19.24
N GLY G 228 -9.67 24.32 19.45
CA GLY G 228 -9.95 25.32 20.45
C GLY G 228 -11.42 25.66 20.45
N GLU G 229 -11.78 26.60 21.33
CA GLU G 229 -13.17 26.99 21.49
C GLU G 229 -13.33 28.50 21.41
N TRP G 230 -14.53 29.00 21.70
CA TRP G 230 -14.83 30.42 21.69
C TRP G 230 -15.19 30.86 23.11
N ILE G 231 -14.62 31.97 23.54
CA ILE G 231 -14.83 32.49 24.89
C ILE G 231 -15.39 33.90 24.77
N ASP G 232 -16.48 34.17 25.50
CA ASP G 232 -17.12 35.48 25.51
C ASP G 232 -16.93 36.08 26.91
N LYS G 233 -15.82 36.77 27.09
CA LYS G 233 -15.50 37.48 28.32
C LYS G 233 -15.55 36.56 29.55
N ALA G 234 -16.62 36.67 30.33
CA ALA G 234 -16.72 35.96 31.61
C ALA G 234 -17.25 34.55 31.37
N GLY G 235 -16.32 33.66 31.02
CA GLY G 235 -16.66 32.25 30.89
C GLY G 235 -17.55 31.97 29.69
N LYS G 236 -18.17 30.78 29.74
CA LYS G 236 -19.11 30.30 28.72
C LYS G 236 -18.41 30.00 27.39
N VAL G 237 -19.00 29.11 26.60
CA VAL G 237 -18.47 28.72 25.30
C VAL G 237 -19.60 28.84 24.29
N VAL G 238 -19.31 29.50 23.16
CA VAL G 238 -20.33 29.72 22.14
C VAL G 238 -19.87 29.12 20.82
N VAL G 239 -20.72 29.18 19.81
CA VAL G 239 -20.45 28.63 18.48
C VAL G 239 -20.90 29.65 17.44
N GLN G 240 -20.07 29.83 16.41
CA GLN G 240 -20.40 30.78 15.35
C GLN G 240 -21.67 30.35 14.62
N GLY G 241 -22.46 31.33 14.21
CA GLY G 241 -23.72 31.05 13.52
C GLY G 241 -23.79 31.59 12.12
N ALA G 242 -25.00 31.89 11.66
CA ALA G 242 -25.19 32.40 10.30
C ALA G 242 -24.70 33.83 10.19
N GLN G 243 -24.50 34.26 8.94
CA GLN G 243 -24.03 35.60 8.65
C GLN G 243 -25.21 36.56 8.53
N THR G 244 -25.16 37.65 9.28
CA THR G 244 -26.20 38.68 9.23
C THR G 244 -25.86 39.79 8.25
N GLY G 245 -24.72 39.71 7.57
CA GLY G 245 -24.32 40.75 6.63
C GLY G 245 -23.03 41.43 7.04
N THR G 246 -22.03 41.36 6.17
CA THR G 246 -20.75 42.00 6.45
C THR G 246 -20.91 43.52 6.49
N THR G 247 -20.29 44.14 7.49
CA THR G 247 -20.35 45.59 7.62
C THR G 247 -19.50 46.26 6.54
N GLY G 248 -19.79 47.55 6.32
CA GLY G 248 -19.04 48.31 5.33
C GLY G 248 -17.58 48.51 5.70
N ASP G 249 -17.25 48.44 6.99
CA ASP G 249 -15.85 48.57 7.40
C ASP G 249 -15.01 47.43 6.86
N GLY G 250 -15.55 46.21 6.89
CA GLY G 250 -14.82 45.05 6.39
C GLY G 250 -14.96 43.84 7.28
N VAL G 251 -15.66 43.99 8.40
CA VAL G 251 -15.89 42.89 9.34
C VAL G 251 -17.33 42.44 9.21
N ALA G 252 -17.57 41.17 9.53
CA ALA G 252 -18.88 40.55 9.40
C ALA G 252 -19.42 40.20 10.78
N LYS G 253 -20.70 40.50 11.00
CA LYS G 253 -21.35 40.18 12.26
C LYS G 253 -21.77 38.71 12.27
N PHE G 254 -21.38 38.00 13.32
CA PHE G 254 -21.61 36.56 13.42
C PHE G 254 -22.49 36.25 14.63
N ASP G 255 -23.40 35.30 14.44
CA ASP G 255 -24.26 34.86 15.54
C ASP G 255 -23.46 33.99 16.51
N TRP G 256 -23.76 34.16 17.80
CA TRP G 256 -23.14 33.38 18.86
C TRP G 256 -24.20 32.51 19.51
N LEU G 257 -23.98 31.20 19.49
CA LEU G 257 -24.90 30.23 20.07
C LEU G 257 -24.18 29.43 21.14
N ASP G 258 -24.75 29.41 22.34
CA ASP G 258 -24.21 28.62 23.44
C ASP G 258 -24.57 27.14 23.22
N GLN G 259 -24.21 26.30 24.18
CA GLN G 259 -24.57 24.89 24.06
C GLN G 259 -26.01 24.67 24.52
N ALA G 260 -26.93 25.49 24.03
CA ALA G 260 -28.35 25.31 24.26
C ALA G 260 -29.20 25.58 23.03
N GLY G 261 -28.64 26.10 21.95
CA GLY G 261 -29.41 26.54 20.81
C GLY G 261 -29.80 28.00 20.83
N ASN G 262 -29.68 28.66 21.98
CA ASN G 262 -30.02 30.08 22.07
C ASN G 262 -28.94 30.94 21.44
N GLY G 263 -29.35 32.11 20.97
CA GLY G 263 -28.45 33.06 20.31
C GLY G 263 -28.36 34.31 21.19
N VAL G 264 -27.14 34.65 21.63
CA VAL G 264 -26.90 35.81 22.45
C VAL G 264 -25.74 36.59 21.88
N GLY G 265 -25.71 37.89 22.18
CA GLY G 265 -24.61 38.74 21.78
C GLY G 265 -24.63 39.13 20.32
N ASN G 266 -24.36 38.17 19.44
CA ASN G 266 -24.29 38.40 17.99
C ASN G 266 -23.30 39.51 17.66
N GLY G 267 -22.04 39.28 18.03
CA GLY G 267 -20.99 40.23 17.82
C GLY G 267 -20.10 39.87 16.64
N VAL G 268 -18.96 40.56 16.58
CA VAL G 268 -17.96 40.35 15.54
C VAL G 268 -16.86 39.46 16.08
N ALA G 269 -16.56 38.38 15.37
CA ALA G 269 -15.55 37.44 15.82
C ALA G 269 -14.18 38.11 15.85
N GLY G 270 -13.44 37.90 16.94
CA GLY G 270 -12.08 38.39 17.04
C GLY G 270 -11.86 39.52 18.03
N GLN G 271 -11.34 39.17 19.21
CA GLN G 271 -10.87 40.14 20.19
C GLN G 271 -11.95 41.12 20.63
N GLY G 272 -12.15 42.19 19.85
CA GLY G 272 -13.01 43.28 20.27
C GLY G 272 -14.48 42.92 20.36
N GLY G 273 -14.89 41.82 19.73
CA GLY G 273 -16.28 41.42 19.73
C GLY G 273 -16.68 40.65 20.98
N PHE G 274 -17.81 39.96 20.88
CA PHE G 274 -18.32 39.20 22.01
C PHE G 274 -17.35 38.09 22.40
N ALA G 275 -17.12 37.14 21.49
CA ALA G 275 -16.30 35.97 21.79
C ALA G 275 -15.12 35.89 20.83
N HIS G 276 -14.05 35.26 21.29
CA HIS G 276 -12.83 35.08 20.53
C HIS G 276 -12.37 33.64 20.63
N TYR G 277 -11.67 33.17 19.60
CA TYR G 277 -11.21 31.79 19.55
C TYR G 277 -9.91 31.64 20.33
N VAL G 278 -9.89 30.69 21.26
CA VAL G 278 -8.73 30.43 22.10
C VAL G 278 -8.48 28.93 22.17
N THR G 279 -7.27 28.58 22.56
CA THR G 279 -6.89 27.19 22.72
C THR G 279 -7.30 26.69 24.11
N VAL G 280 -7.19 25.37 24.30
CA VAL G 280 -7.63 24.74 25.54
C VAL G 280 -6.65 24.96 26.68
N ASP G 281 -5.56 25.68 26.45
CA ASP G 281 -4.56 25.84 27.51
C ASP G 281 -5.13 26.62 28.70
N GLN G 282 -5.87 27.69 28.42
CA GLN G 282 -6.42 28.54 29.46
C GLN G 282 -7.88 28.22 29.78
N LEU G 283 -8.43 27.18 29.18
CA LEU G 283 -9.80 26.78 29.48
C LEU G 283 -9.91 26.29 30.92
N ASN G 284 -10.98 26.70 31.60
CA ASN G 284 -11.23 26.31 32.97
C ASN G 284 -12.61 25.66 33.05
N THR G 285 -12.72 24.62 33.87
CA THR G 285 -13.97 23.88 34.06
C THR G 285 -14.49 23.38 32.72
N VAL G 286 -13.73 22.46 32.13
CA VAL G 286 -14.05 21.92 30.81
C VAL G 286 -15.27 21.03 30.80
N ASP G 287 -15.78 20.66 31.98
CA ASP G 287 -16.84 19.67 32.06
C ASP G 287 -18.07 20.11 31.28
N GLY G 288 -18.61 19.17 30.48
CA GLY G 288 -19.80 19.40 29.69
C GLY G 288 -19.57 18.99 28.26
N SER G 289 -20.42 19.50 27.37
CA SER G 289 -20.32 19.21 25.95
C SER G 289 -19.08 19.80 25.31
N THR G 290 -18.37 20.69 26.02
CA THR G 290 -17.12 21.23 25.47
C THR G 290 -16.09 20.13 25.26
N LEU G 291 -16.02 19.18 26.20
CA LEU G 291 -15.13 18.04 26.01
C LEU G 291 -15.53 17.23 24.79
N HIS G 292 -16.83 17.05 24.58
CA HIS G 292 -17.32 16.35 23.40
C HIS G 292 -16.91 17.07 22.12
N ASN G 293 -17.04 18.41 22.12
CA ASN G 293 -16.64 19.18 20.95
C ASN G 293 -15.15 19.08 20.70
N ILE G 294 -14.34 19.12 21.75
CA ILE G 294 -12.90 18.98 21.60
C ILE G 294 -12.56 17.60 21.04
N LEU G 295 -13.22 16.57 21.55
CA LEU G 295 -12.98 15.22 21.03
C LEU G 295 -13.36 15.11 19.57
N GLY G 296 -14.49 15.72 19.18
CA GLY G 296 -14.86 15.71 17.78
C GLY G 296 -13.85 16.43 16.90
N GLN G 297 -13.38 17.59 17.36
CA GLN G 297 -12.40 18.36 16.58
C GLN G 297 -11.10 17.58 16.41
N VAL G 298 -10.61 16.96 17.49
CA VAL G 298 -9.35 16.22 17.38
C VAL G 298 -9.54 14.96 16.55
N SER G 299 -10.73 14.36 16.59
CA SER G 299 -11.02 13.23 15.72
C SER G 299 -11.18 13.67 14.27
N SER G 300 -11.42 14.96 14.03
CA SER G 300 -11.48 15.50 12.68
C SER G 300 -10.11 15.78 12.10
N GLY G 301 -9.03 15.52 12.85
CA GLY G 301 -7.69 15.79 12.38
C GLY G 301 -7.23 17.21 12.59
N LEU G 302 -8.01 18.04 13.26
CA LEU G 302 -7.63 19.42 13.49
C LEU G 302 -6.43 19.51 14.41
N GLY G 303 -5.50 20.41 14.08
CA GLY G 303 -4.30 20.54 14.88
C GLY G 303 -4.57 21.14 16.24
N LEU G 304 -3.69 20.84 17.19
CA LEU G 304 -3.82 21.30 18.57
C LEU G 304 -3.06 22.59 18.83
N SER G 305 -1.86 22.73 18.30
CA SER G 305 -1.06 23.93 18.54
C SER G 305 -1.69 25.11 17.83
N PRO G 306 -1.88 26.24 18.51
CA PRO G 306 -2.41 27.44 17.82
C PRO G 306 -1.50 27.98 16.75
N GLU G 307 -0.21 27.64 16.77
CA GLU G 307 0.74 28.10 15.78
C GLU G 307 1.40 26.89 15.12
N GLN G 308 1.45 26.90 13.79
CA GLN G 308 2.02 25.80 13.02
C GLN G 308 3.52 26.05 12.88
N THR G 309 4.32 25.22 13.56
CA THR G 309 5.77 25.31 13.52
C THR G 309 6.29 24.24 12.59
N GLN G 310 7.08 24.64 11.59
CA GLN G 310 7.61 23.74 10.58
C GLN G 310 9.13 23.73 10.66
N SER G 311 9.71 22.54 10.71
CA SER G 311 11.15 22.37 10.76
C SER G 311 11.69 21.95 9.40
N LEU G 312 13.01 21.86 9.29
CA LEU G 312 13.62 21.40 8.06
C LEU G 312 13.25 19.96 7.76
N GLN G 313 13.21 19.11 8.79
CA GLN G 313 12.78 17.73 8.60
C GLN G 313 11.36 17.67 8.06
N ASP G 314 10.50 18.61 8.48
CA ASP G 314 9.16 18.67 7.92
C ASP G 314 9.20 18.96 6.43
N VAL G 315 10.08 19.89 6.00
CA VAL G 315 10.18 20.21 4.59
C VAL G 315 10.65 19.00 3.80
N PHE G 316 11.68 18.31 4.30
CA PHE G 316 12.18 17.14 3.60
C PHE G 316 11.12 16.04 3.54
N ASN G 317 10.39 15.84 4.63
CA ASN G 317 9.30 14.86 4.62
C ASN G 317 8.24 15.23 3.61
N SER G 318 7.89 16.51 3.52
CA SER G 318 6.92 16.96 2.54
C SER G 318 7.41 16.66 1.14
N LEU G 319 8.70 16.87 0.87
CA LEU G 319 9.26 16.42 -0.40
C LEU G 319 9.17 14.91 -0.50
N ILE G 320 9.94 14.21 0.32
CA ILE G 320 9.91 12.75 0.36
C ILE G 320 10.66 12.29 1.61
N PRO G 321 10.11 11.35 2.38
CA PRO G 321 10.85 10.83 3.54
C PRO G 321 12.15 10.17 3.11
N GLY G 322 13.19 10.36 3.91
CA GLY G 322 14.48 9.77 3.61
C GLY G 322 15.24 10.42 2.49
N PHE G 323 14.88 11.64 2.11
CA PHE G 323 15.57 12.32 1.02
C PHE G 323 17.04 12.55 1.35
N ILE G 324 17.32 13.11 2.52
CA ILE G 324 18.70 13.32 2.93
C ILE G 324 19.43 12.00 3.11
N ALA G 325 18.71 10.92 3.46
CA ALA G 325 19.34 9.61 3.48
C ALA G 325 19.81 9.21 2.10
N LEU G 326 18.99 9.47 1.08
CA LEU G 326 19.40 9.17 -0.29
C LEU G 326 20.60 10.01 -0.69
N LEU G 327 20.60 11.30 -0.35
CA LEU G 327 21.75 12.14 -0.67
C LEU G 327 23.01 11.62 0.00
N LEU G 328 22.90 11.26 1.28
CA LEU G 328 24.06 10.78 2.02
C LEU G 328 24.59 9.48 1.43
N THR G 329 23.70 8.55 1.12
CA THR G 329 24.18 7.27 0.59
C THR G 329 24.78 7.43 -0.79
N PHE G 330 24.25 8.31 -1.62
CA PHE G 330 24.86 8.52 -2.93
C PHE G 330 26.20 9.22 -2.82
N LEU G 331 26.32 10.20 -1.93
CA LEU G 331 27.60 10.86 -1.72
C LEU G 331 28.64 9.87 -1.22
N VAL G 332 28.26 9.00 -0.28
CA VAL G 332 29.19 8.01 0.24
C VAL G 332 29.57 7.01 -0.83
N LEU G 333 28.59 6.60 -1.66
CA LEU G 333 28.89 5.67 -2.74
C LEU G 333 29.90 6.27 -3.71
N TRP G 334 29.72 7.54 -4.08
CA TRP G 334 30.72 8.21 -4.90
C TRP G 334 32.07 8.27 -4.19
N ILE G 335 32.07 8.52 -2.89
CA ILE G 335 33.33 8.66 -2.15
C ILE G 335 34.13 7.37 -2.22
N LEU G 336 33.53 6.23 -1.90
CA LEU G 336 34.31 5.01 -2.05
C LEU G 336 34.47 4.56 -3.50
N ARG G 337 33.71 5.13 -4.43
CA ARG G 337 33.97 4.85 -5.83
C ARG G 337 35.20 5.58 -6.35
N LYS G 338 35.55 6.73 -5.77
CA LYS G 338 36.67 7.52 -6.25
C LYS G 338 37.89 7.52 -5.35
N TRP G 339 37.72 7.46 -4.02
CA TRP G 339 38.87 7.54 -3.11
C TRP G 339 39.82 6.37 -3.31
N LYS G 340 39.28 5.15 -3.38
CA LYS G 340 40.05 3.94 -3.63
C LYS G 340 41.16 3.76 -2.58
N ASN G 341 40.74 3.57 -1.33
CA ASN G 341 41.64 3.28 -0.23
C ASN G 341 41.11 2.08 0.55
N LYS G 342 42.03 1.21 0.96
CA LYS G 342 41.62 0.01 1.71
C LYS G 342 41.07 0.38 3.08
N ASN G 343 41.50 1.51 3.63
CA ASN G 343 41.07 1.97 4.95
C ASN G 343 39.93 2.97 4.85
N ALA G 344 39.57 3.40 3.64
CA ALA G 344 38.65 4.53 3.45
C ALA G 344 37.36 4.46 4.24
N PRO G 345 36.64 3.33 4.34
CA PRO G 345 35.39 3.33 5.12
C PRO G 345 35.58 3.78 6.55
N LEU G 346 36.68 3.40 7.20
CA LEU G 346 36.93 3.85 8.56
C LEU G 346 37.02 5.38 8.61
N PHE G 347 37.85 5.96 7.75
CA PHE G 347 38.00 7.41 7.72
C PHE G 347 36.68 8.11 7.46
N ILE G 348 35.87 7.55 6.55
CA ILE G 348 34.53 8.09 6.34
C ILE G 348 33.74 8.09 7.64
N ILE G 349 33.83 6.99 8.39
CA ILE G 349 33.07 6.87 9.61
C ILE G 349 33.49 7.93 10.63
N ILE G 350 34.79 8.11 10.84
CA ILE G 350 35.22 9.10 11.83
C ILE G 350 34.89 10.52 11.36
N GLY G 351 35.11 10.81 10.08
CA GLY G 351 34.82 12.15 9.58
C GLY G 351 33.34 12.49 9.71
N MET G 352 32.47 11.53 9.43
CA MET G 352 31.05 11.80 9.53
C MET G 352 30.57 11.76 10.98
N PHE G 353 31.30 11.08 11.87
CA PHE G 353 31.06 11.28 13.30
C PHE G 353 31.34 12.71 13.71
N VAL G 354 32.45 13.27 13.22
CA VAL G 354 32.78 14.67 13.49
C VAL G 354 31.67 15.57 12.93
N LEU G 355 31.21 15.27 11.72
CA LEU G 355 30.13 16.04 11.12
C LEU G 355 28.86 15.95 11.96
N GLY G 356 28.58 14.75 12.50
CA GLY G 356 27.42 14.59 13.37
C GLY G 356 27.52 15.41 14.63
N ILE G 357 28.71 15.49 15.23
CA ILE G 357 28.93 16.41 16.33
C ILE G 357 28.65 17.84 15.87
N VAL G 358 29.07 18.16 14.65
CA VAL G 358 28.99 19.53 14.15
C VAL G 358 27.53 19.98 14.06
N LEU G 359 26.66 19.14 13.49
CA LEU G 359 25.26 19.57 13.38
C LEU G 359 24.64 19.75 14.75
N HIS G 360 24.97 18.88 15.70
CA HIS G 360 24.37 19.01 17.03
C HIS G 360 24.81 20.29 17.71
N VAL G 361 26.10 20.63 17.61
CA VAL G 361 26.52 21.87 18.28
C VAL G 361 25.94 23.08 17.56
N ALA G 362 25.89 23.04 16.23
CA ALA G 362 25.38 24.18 15.46
C ALA G 362 23.88 24.36 15.60
N GLY G 363 23.15 23.37 16.09
CA GLY G 363 21.73 23.49 16.32
C GLY G 363 20.84 22.90 15.25
N LEU G 364 21.41 22.45 14.12
CA LEU G 364 20.58 21.82 13.09
C LEU G 364 19.98 20.52 13.59
N ALA G 365 20.83 19.57 13.97
CA ALA G 365 20.36 18.28 14.44
C ALA G 365 19.81 18.38 15.86
#